data_7BSN
#
_entry.id   7BSN
#
_cell.length_a   169.748
_cell.length_b   169.748
_cell.length_c   195.738
_cell.angle_alpha   90.000
_cell.angle_beta   90.000
_cell.angle_gamma   90.000
#
_symmetry.space_group_name_H-M   'P 41 21 2'
#
loop_
_entity.id
_entity.type
_entity.pdbx_description
1 polymer lectin
2 branched alpha-D-mannopyranose-(1-3)-alpha-D-mannopyranose
3 non-polymer alpha-D-mannopyranose
#
_entity_poly.entity_id   1
_entity_poly.type   'polypeptide(L)'
_entity_poly.pdbx_seq_one_letter_code
;MAQNDNYIYSTEVGGVGGTPFTFMQESGTITSIKFNWSDQYKLLHHIEVKFINNANIYATGDPKGNHEVILEIDDDETII
GSVIGYKKGNDGRCTGVKLTTSKGKSIMAGYFEESLITTYTGKLAGIKGGAGSDIDRLGLIFLKK
;
_entity_poly.pdbx_strand_id   A,B,C,D,E,F,G,H,I,J,K,L,M,N
#
# COMPACT_ATOMS: atom_id res chain seq x y z
N ASP A 5 -7.14 -49.42 -15.39
CA ASP A 5 -6.99 -49.73 -13.94
C ASP A 5 -8.21 -49.18 -13.18
N ASN A 6 -8.13 -49.28 -11.86
CA ASN A 6 -9.11 -48.64 -10.96
C ASN A 6 -8.39 -47.44 -10.33
N TYR A 7 -7.32 -46.95 -10.97
CA TYR A 7 -6.56 -45.84 -10.37
C TYR A 7 -6.20 -44.77 -11.40
N ILE A 8 -6.22 -43.52 -10.93
CA ILE A 8 -5.74 -42.31 -11.69
C ILE A 8 -4.31 -41.98 -11.25
N TYR A 9 -3.36 -41.96 -12.18
CA TYR A 9 -1.93 -41.61 -11.96
C TYR A 9 -1.67 -40.12 -12.29
N SER A 10 -1.48 -39.25 -11.29
CA SER A 10 -1.10 -37.84 -11.54
C SER A 10 0.35 -37.80 -12.07
N THR A 11 0.72 -36.83 -12.91
CA THR A 11 2.09 -36.71 -13.47
C THR A 11 3.11 -36.72 -12.33
N GLU A 12 4.14 -37.58 -12.42
CA GLU A 12 5.38 -37.48 -11.62
C GLU A 12 6.11 -36.18 -12.02
N VAL A 13 6.43 -35.30 -11.07
CA VAL A 13 7.14 -34.00 -11.34
C VAL A 13 8.50 -34.00 -10.61
N GLY A 14 9.51 -33.35 -11.20
CA GLY A 14 10.89 -33.36 -10.71
C GLY A 14 11.87 -34.00 -11.70
N GLY A 15 13.01 -34.51 -11.25
CA GLY A 15 14.08 -35.05 -12.12
C GLY A 15 13.95 -36.55 -12.29
N VAL A 16 14.92 -37.17 -12.95
CA VAL A 16 14.94 -38.62 -13.30
C VAL A 16 15.79 -39.40 -12.28
N GLY A 17 16.52 -38.68 -11.43
CA GLY A 17 17.42 -39.28 -10.41
C GLY A 17 16.71 -40.19 -9.40
N GLY A 18 17.54 -40.83 -8.56
CA GLY A 18 17.19 -41.59 -7.36
C GLY A 18 16.59 -42.97 -7.64
N THR A 19 16.30 -43.69 -6.57
CA THR A 19 15.74 -45.05 -6.62
C THR A 19 14.23 -44.92 -6.80
N PRO A 20 13.65 -45.55 -7.85
CA PRO A 20 12.20 -45.65 -7.98
C PRO A 20 11.57 -46.28 -6.73
N PHE A 21 10.38 -45.77 -6.39
CA PHE A 21 9.48 -46.26 -5.32
C PHE A 21 8.05 -46.23 -5.88
N THR A 22 7.25 -47.23 -5.51
CA THR A 22 5.77 -47.24 -5.69
C THR A 22 5.18 -47.72 -4.37
N PHE A 23 4.29 -46.94 -3.76
CA PHE A 23 3.55 -47.30 -2.53
C PHE A 23 2.05 -47.31 -2.84
N MET A 24 1.50 -48.52 -2.95
CA MET A 24 0.08 -48.81 -3.20
C MET A 24 -0.24 -50.10 -2.46
N GLN A 25 -1.45 -50.26 -1.94
CA GLN A 25 -1.77 -51.54 -1.26
C GLN A 25 -3.14 -51.98 -1.74
N GLU A 26 -3.24 -53.21 -2.25
CA GLU A 26 -4.49 -53.79 -2.80
C GLU A 26 -5.67 -53.48 -1.88
N SER A 27 -6.71 -52.89 -2.44
CA SER A 27 -7.91 -52.48 -1.66
C SER A 27 -7.44 -51.71 -0.43
N GLY A 28 -6.72 -50.61 -0.64
CA GLY A 28 -6.22 -49.83 0.50
C GLY A 28 -6.05 -48.38 0.13
N THR A 29 -6.11 -47.49 1.09
CA THR A 29 -5.94 -46.03 0.80
C THR A 29 -5.02 -45.44 1.86
N ILE A 30 -4.40 -44.28 1.60
CA ILE A 30 -3.46 -43.61 2.56
C ILE A 30 -4.27 -43.02 3.72
N THR A 31 -3.91 -43.40 4.95
CA THR A 31 -4.50 -42.91 6.23
C THR A 31 -3.51 -41.90 6.83
N SER A 32 -2.26 -41.91 6.41
CA SER A 32 -1.28 -40.97 6.98
C SER A 32 -0.13 -40.76 6.01
N ILE A 33 0.35 -39.52 5.89
CA ILE A 33 1.51 -39.15 5.03
C ILE A 33 2.32 -38.09 5.78
N LYS A 34 3.64 -38.24 5.70
CA LYS A 34 4.64 -37.39 6.39
C LYS A 34 5.65 -36.87 5.38
N PHE A 35 5.90 -35.57 5.37
CA PHE A 35 6.89 -34.89 4.48
C PHE A 35 7.97 -34.30 5.36
N ASN A 36 9.23 -34.50 4.96
CA ASN A 36 10.45 -33.95 5.59
C ASN A 36 11.21 -33.07 4.58
N TRP A 37 11.62 -31.85 4.99
CA TRP A 37 12.27 -30.83 4.13
C TRP A 37 13.23 -29.95 4.92
N SER A 38 14.12 -29.26 4.22
CA SER A 38 15.23 -28.46 4.78
C SER A 38 15.11 -27.01 4.30
N ASP A 39 15.41 -26.06 5.19
CA ASP A 39 15.52 -24.62 4.82
C ASP A 39 16.85 -24.44 4.05
N GLN A 40 17.87 -25.22 4.40
CA GLN A 40 19.19 -25.18 3.74
C GLN A 40 19.06 -25.42 2.21
N TYR A 41 18.41 -26.50 1.78
CA TYR A 41 18.30 -26.88 0.33
C TYR A 41 16.94 -26.48 -0.28
N LYS A 42 15.93 -26.12 0.51
CA LYS A 42 14.56 -25.76 -0.01
C LYS A 42 13.95 -26.92 -0.82
N LEU A 43 14.17 -28.15 -0.39
CA LEU A 43 13.73 -29.40 -1.07
C LEU A 43 13.04 -30.29 -0.03
N LEU A 44 12.14 -31.15 -0.48
CA LEU A 44 11.70 -32.35 0.25
C LEU A 44 12.87 -33.33 0.28
N HIS A 45 13.13 -33.97 1.42
CA HIS A 45 14.19 -35.00 1.51
C HIS A 45 13.60 -36.38 1.75
N HIS A 46 12.41 -36.52 2.36
CA HIS A 46 11.91 -37.81 2.90
C HIS A 46 10.38 -37.85 2.95
N ILE A 47 9.76 -38.95 2.58
CA ILE A 47 8.28 -39.15 2.63
C ILE A 47 7.98 -40.51 3.27
N GLU A 48 6.93 -40.55 4.09
CA GLU A 48 6.47 -41.73 4.86
C GLU A 48 4.98 -41.85 4.69
N VAL A 49 4.49 -43.02 4.39
CA VAL A 49 3.05 -43.25 4.10
C VAL A 49 2.59 -44.46 4.93
N LYS A 50 1.39 -44.37 5.50
CA LYS A 50 0.67 -45.51 6.12
C LYS A 50 -0.68 -45.70 5.40
N PHE A 51 -1.06 -46.96 5.22
CA PHE A 51 -2.36 -47.39 4.67
C PHE A 51 -3.28 -47.91 5.80
N ILE A 52 -4.58 -47.77 5.56
CA ILE A 52 -5.73 -48.36 6.30
C ILE A 52 -5.40 -49.83 6.60
N ASN A 53 -5.65 -50.28 7.85
CA ASN A 53 -5.57 -51.71 8.31
C ASN A 53 -4.17 -52.30 8.01
N ASN A 54 -3.10 -51.53 8.22
CA ASN A 54 -1.70 -51.95 7.93
C ASN A 54 -0.73 -51.01 8.68
N ALA A 55 -0.05 -51.53 9.70
CA ALA A 55 0.75 -50.78 10.69
C ALA A 55 2.16 -50.52 10.14
N ASN A 56 2.51 -51.11 9.00
CA ASN A 56 3.82 -50.87 8.35
C ASN A 56 3.90 -49.44 7.82
N ILE A 57 5.07 -48.82 8.02
CA ILE A 57 5.48 -47.46 7.60
C ILE A 57 6.35 -47.60 6.36
N TYR A 58 5.84 -47.17 5.19
CA TYR A 58 6.58 -47.18 3.90
C TYR A 58 7.25 -45.82 3.67
N ALA A 59 8.59 -45.81 3.62
CA ALA A 59 9.42 -44.59 3.61
C ALA A 59 10.37 -44.65 2.41
N THR A 60 10.80 -43.48 1.95
CA THR A 60 11.78 -43.28 0.87
C THR A 60 12.47 -41.93 1.07
N GLY A 61 13.74 -41.85 0.69
CA GLY A 61 14.60 -40.66 0.82
C GLY A 61 15.28 -40.62 2.18
N ASP A 62 16.14 -39.63 2.42
CA ASP A 62 16.99 -39.52 3.63
C ASP A 62 16.36 -38.48 4.56
N PRO A 63 16.02 -38.83 5.83
CA PRO A 63 15.33 -37.91 6.71
C PRO A 63 16.19 -36.83 7.37
N LYS A 64 16.76 -35.92 6.58
CA LYS A 64 17.86 -35.03 7.05
C LYS A 64 17.37 -33.59 7.26
N GLY A 65 16.14 -33.26 6.88
CA GLY A 65 15.67 -31.86 6.98
C GLY A 65 15.34 -31.42 8.41
N ASN A 66 15.18 -30.12 8.61
CA ASN A 66 14.87 -29.51 9.91
C ASN A 66 13.35 -29.29 10.12
N HIS A 67 12.48 -29.69 9.17
CA HIS A 67 10.99 -29.52 9.29
C HIS A 67 10.27 -30.83 8.96
N GLU A 68 9.18 -31.18 9.65
CA GLU A 68 8.29 -32.28 9.15
C GLU A 68 6.83 -31.90 9.34
N VAL A 69 5.94 -32.34 8.44
CA VAL A 69 4.47 -32.25 8.64
C VAL A 69 3.86 -33.60 8.35
N ILE A 70 2.82 -33.95 9.13
CA ILE A 70 2.03 -35.20 9.04
C ILE A 70 0.60 -34.80 8.74
N LEU A 71 -0.03 -35.48 7.79
CA LEU A 71 -1.48 -35.35 7.54
C LEU A 71 -2.09 -36.72 7.81
N GLU A 72 -3.06 -36.79 8.72
CA GLU A 72 -3.92 -38.00 8.91
C GLU A 72 -5.24 -37.76 8.18
N ILE A 73 -5.72 -38.82 7.54
CA ILE A 73 -6.86 -38.79 6.58
C ILE A 73 -7.92 -39.77 7.07
N ASP A 74 -9.08 -39.25 7.48
CA ASP A 74 -10.24 -40.06 7.92
C ASP A 74 -10.57 -40.98 6.74
N ASP A 75 -11.23 -42.12 6.99
CA ASP A 75 -11.51 -43.15 5.95
C ASP A 75 -12.36 -42.58 4.81
N ASP A 76 -13.22 -41.58 5.10
CA ASP A 76 -14.24 -41.02 4.16
C ASP A 76 -13.70 -39.73 3.51
N GLU A 77 -12.54 -39.22 3.93
CA GLU A 77 -12.03 -37.87 3.60
C GLU A 77 -11.23 -37.88 2.29
N THR A 78 -11.51 -36.99 1.35
CA THR A 78 -10.81 -36.95 0.02
C THR A 78 -9.91 -35.70 -0.07
N ILE A 79 -9.04 -35.66 -1.08
CA ILE A 79 -8.17 -34.50 -1.45
C ILE A 79 -8.96 -33.66 -2.48
N ILE A 80 -9.37 -32.43 -2.15
CA ILE A 80 -10.11 -31.53 -3.09
C ILE A 80 -9.16 -30.50 -3.72
N GLY A 81 -7.90 -30.46 -3.30
CA GLY A 81 -6.94 -29.39 -3.65
C GLY A 81 -5.56 -29.91 -3.41
N SER A 82 -4.73 -29.88 -4.43
CA SER A 82 -3.39 -30.48 -4.33
C SER A 82 -2.43 -29.73 -5.26
N VAL A 83 -1.33 -29.23 -4.70
CA VAL A 83 -0.23 -28.56 -5.46
C VAL A 83 1.09 -29.20 -5.07
N ILE A 84 1.91 -29.55 -6.05
CA ILE A 84 3.30 -30.01 -5.82
C ILE A 84 4.25 -28.99 -6.45
N GLY A 85 5.18 -28.47 -5.67
CA GLY A 85 6.23 -27.57 -6.20
C GLY A 85 7.43 -28.42 -6.57
N TYR A 86 8.13 -28.04 -7.63
CA TYR A 86 9.30 -28.82 -8.09
C TYR A 86 10.21 -27.90 -8.86
N LYS A 87 11.46 -28.34 -9.04
CA LYS A 87 12.40 -27.83 -10.07
C LYS A 87 12.33 -28.72 -11.29
N LYS A 88 12.06 -28.14 -12.47
CA LYS A 88 11.86 -28.90 -13.74
C LYS A 88 13.22 -29.27 -14.31
N GLY A 89 13.27 -30.30 -15.17
CA GLY A 89 14.47 -30.76 -15.90
C GLY A 89 14.91 -32.11 -15.41
N ASN A 90 15.87 -32.74 -16.11
CA ASN A 90 16.40 -34.09 -15.77
C ASN A 90 16.99 -34.03 -14.36
N ASP A 91 17.60 -32.92 -14.02
CA ASP A 91 18.36 -32.69 -12.75
C ASP A 91 17.38 -32.25 -11.63
N GLY A 92 16.08 -32.33 -11.87
CA GLY A 92 15.07 -31.72 -11.00
C GLY A 92 14.92 -32.41 -9.66
N ARG A 93 14.06 -31.83 -8.84
CA ARG A 93 13.74 -32.22 -7.44
C ARG A 93 12.29 -31.78 -7.14
N CYS A 94 11.64 -32.46 -6.21
CA CYS A 94 10.35 -32.05 -5.62
C CYS A 94 10.66 -31.14 -4.41
N THR A 95 10.05 -29.97 -4.32
CA THR A 95 10.41 -28.92 -3.32
C THR A 95 9.29 -28.74 -2.28
N GLY A 96 8.06 -29.20 -2.56
CA GLY A 96 6.89 -28.83 -1.73
C GLY A 96 5.60 -29.55 -2.08
N VAL A 97 4.71 -29.67 -1.09
CA VAL A 97 3.33 -30.23 -1.26
C VAL A 97 2.37 -29.40 -0.39
N LYS A 98 1.30 -28.86 -0.96
CA LYS A 98 0.10 -28.29 -0.26
C LYS A 98 -1.06 -29.23 -0.58
N LEU A 99 -1.71 -29.82 0.43
CA LEU A 99 -2.94 -30.63 0.26
C LEU A 99 -4.05 -29.95 1.04
N THR A 100 -5.26 -29.88 0.49
CA THR A 100 -6.52 -29.51 1.19
C THR A 100 -7.51 -30.68 1.04
N THR A 101 -8.28 -30.97 2.09
CA THR A 101 -9.17 -32.16 2.15
C THR A 101 -10.64 -31.70 2.12
N SER A 102 -11.52 -32.65 1.80
CA SER A 102 -13.00 -32.53 1.84
C SER A 102 -13.50 -32.13 3.22
N LYS A 103 -12.65 -32.09 4.27
CA LYS A 103 -13.06 -31.67 5.64
C LYS A 103 -12.30 -30.42 6.10
N GLY A 104 -11.71 -29.63 5.20
CA GLY A 104 -11.06 -28.34 5.50
C GLY A 104 -9.69 -28.48 6.17
N LYS A 105 -9.13 -29.69 6.27
CA LYS A 105 -7.75 -29.91 6.76
C LYS A 105 -6.79 -29.50 5.64
N SER A 106 -5.61 -29.00 5.98
CA SER A 106 -4.60 -28.60 4.96
C SER A 106 -3.18 -28.62 5.53
N ILE A 107 -2.22 -28.97 4.69
CA ILE A 107 -0.78 -28.97 5.07
C ILE A 107 -0.02 -28.17 4.02
N MET A 108 1.12 -27.66 4.42
CA MET A 108 2.05 -26.94 3.52
C MET A 108 3.45 -27.41 3.93
N ALA A 109 4.10 -28.16 3.06
CA ALA A 109 5.45 -28.71 3.26
C ALA A 109 6.36 -28.07 2.23
N GLY A 110 7.45 -27.44 2.64
CA GLY A 110 8.54 -27.05 1.73
C GLY A 110 8.25 -25.79 0.94
N TYR A 111 8.74 -25.72 -0.31
CA TYR A 111 8.91 -24.46 -1.06
C TYR A 111 8.21 -24.60 -2.42
N PHE A 112 7.79 -23.47 -2.97
CA PHE A 112 6.99 -23.29 -4.20
C PHE A 112 7.59 -22.12 -5.00
N GLU A 113 8.92 -22.11 -5.18
CA GLU A 113 9.61 -20.95 -5.83
C GLU A 113 9.68 -21.14 -7.34
N GLU A 114 9.73 -22.36 -7.89
CA GLU A 114 9.98 -22.50 -9.35
C GLU A 114 8.70 -22.94 -10.06
N SER A 115 8.45 -24.25 -10.19
CA SER A 115 7.33 -24.83 -10.96
C SER A 115 6.29 -25.45 -10.00
N LEU A 116 5.02 -25.50 -10.42
CA LEU A 116 3.86 -26.01 -9.64
C LEU A 116 3.08 -26.96 -10.53
N ILE A 117 2.46 -27.99 -9.96
CA ILE A 117 1.35 -28.71 -10.64
C ILE A 117 0.11 -28.67 -9.74
N THR A 118 -1.02 -28.38 -10.33
CA THR A 118 -2.36 -28.51 -9.70
C THR A 118 -2.83 -29.86 -10.20
N THR A 119 -2.73 -30.89 -9.38
CA THR A 119 -3.04 -32.26 -9.82
C THR A 119 -4.53 -32.61 -9.80
N TYR A 120 -4.80 -33.85 -10.14
CA TYR A 120 -6.15 -34.46 -10.11
C TYR A 120 -6.56 -34.63 -8.66
N THR A 121 -7.86 -34.63 -8.40
CA THR A 121 -8.30 -34.79 -7.02
C THR A 121 -9.00 -36.14 -6.82
N GLY A 122 -9.40 -36.42 -5.58
CA GLY A 122 -10.13 -37.65 -5.20
C GLY A 122 -9.58 -38.30 -3.93
N LYS A 123 -9.81 -39.60 -3.79
CA LYS A 123 -9.40 -40.40 -2.62
C LYS A 123 -7.94 -40.80 -2.83
N LEU A 124 -7.02 -40.28 -2.00
CA LEU A 124 -5.56 -40.53 -2.17
C LEU A 124 -5.30 -42.00 -1.84
N ALA A 125 -4.72 -42.75 -2.78
CA ALA A 125 -4.53 -44.23 -2.75
C ALA A 125 -3.05 -44.60 -2.67
N GLY A 126 -2.15 -43.82 -3.26
CA GLY A 126 -0.70 -44.11 -3.25
C GLY A 126 0.14 -42.96 -3.78
N ILE A 127 1.46 -43.16 -3.81
CA ILE A 127 2.45 -42.23 -4.38
C ILE A 127 3.54 -43.06 -5.11
N LYS A 128 4.14 -42.50 -6.14
CA LYS A 128 5.33 -43.07 -6.82
C LYS A 128 6.29 -41.95 -7.20
N GLY A 129 7.55 -42.28 -7.44
CA GLY A 129 8.52 -41.38 -8.07
C GLY A 129 9.93 -41.94 -7.90
N GLY A 130 10.89 -41.08 -7.51
CA GLY A 130 12.29 -41.46 -7.24
C GLY A 130 12.90 -40.58 -6.16
N ALA A 131 13.80 -41.16 -5.36
CA ALA A 131 14.45 -40.54 -4.17
C ALA A 131 15.80 -41.22 -3.86
N GLY A 132 16.73 -40.44 -3.30
CA GLY A 132 17.99 -40.86 -2.66
C GLY A 132 18.24 -39.97 -1.45
N SER A 133 19.08 -38.96 -1.57
CA SER A 133 19.27 -37.90 -0.53
C SER A 133 18.02 -37.02 -0.48
N ASP A 134 17.33 -36.93 -1.63
CA ASP A 134 16.26 -35.95 -1.93
C ASP A 134 15.07 -36.72 -2.51
N ILE A 135 13.88 -36.13 -2.49
CA ILE A 135 12.76 -36.59 -3.36
C ILE A 135 13.04 -36.03 -4.76
N ASP A 136 13.39 -36.90 -5.71
CA ASP A 136 13.66 -36.41 -7.08
C ASP A 136 12.37 -36.20 -7.86
N ARG A 137 11.42 -37.11 -7.74
CA ARG A 137 10.18 -36.97 -8.51
C ARG A 137 9.03 -37.56 -7.70
N LEU A 138 7.87 -36.92 -7.79
CA LEU A 138 6.70 -37.34 -6.99
C LEU A 138 5.41 -37.17 -7.80
N GLY A 139 4.60 -38.22 -7.80
CA GLY A 139 3.27 -38.27 -8.43
C GLY A 139 2.27 -38.96 -7.50
N LEU A 140 1.06 -38.41 -7.42
CA LEU A 140 0.00 -38.95 -6.55
C LEU A 140 -0.83 -39.99 -7.32
N ILE A 141 -1.50 -40.88 -6.61
CA ILE A 141 -2.37 -41.94 -7.19
C ILE A 141 -3.72 -41.91 -6.49
N PHE A 142 -4.82 -41.78 -7.23
CA PHE A 142 -6.21 -41.68 -6.70
C PHE A 142 -7.05 -42.87 -7.19
N LEU A 143 -8.11 -43.23 -6.45
CA LEU A 143 -9.24 -44.13 -6.87
C LEU A 143 -10.11 -43.46 -7.94
N LYS A 144 -10.81 -44.24 -8.81
CA LYS A 144 -11.64 -43.70 -9.92
C LYS A 144 -13.03 -43.18 -9.46
N ASN B 6 -19.20 -28.40 -33.77
CA ASN B 6 -19.28 -28.80 -32.32
C ASN B 6 -18.19 -28.11 -31.46
N TYR B 7 -17.45 -27.12 -31.97
CA TYR B 7 -16.36 -26.44 -31.24
C TYR B 7 -16.59 -24.92 -31.24
N ILE B 8 -16.12 -24.25 -30.18
CA ILE B 8 -16.14 -22.77 -30.01
C ILE B 8 -14.67 -22.33 -30.07
N TYR B 9 -14.34 -21.42 -30.98
CA TYR B 9 -12.97 -20.87 -31.14
C TYR B 9 -12.88 -19.53 -30.41
N SER B 10 -12.23 -19.49 -29.24
CA SER B 10 -11.93 -18.23 -28.54
C SER B 10 -10.94 -17.42 -29.40
N THR B 11 -11.02 -16.10 -29.37
CA THR B 11 -10.10 -15.18 -30.04
C THR B 11 -8.65 -15.55 -29.71
N GLU B 12 -7.84 -15.68 -30.76
CA GLU B 12 -6.36 -15.75 -30.75
C GLU B 12 -5.83 -14.34 -30.44
N VAL B 13 -5.11 -14.18 -29.32
CA VAL B 13 -4.56 -12.87 -28.88
C VAL B 13 -3.03 -12.90 -28.94
N GLY B 14 -2.44 -11.76 -29.22
CA GLY B 14 -0.98 -11.59 -29.43
C GLY B 14 -0.68 -11.13 -30.84
N GLY B 15 0.51 -11.44 -31.33
CA GLY B 15 1.05 -11.00 -32.64
C GLY B 15 0.81 -12.01 -33.73
N VAL B 16 1.35 -11.72 -34.94
CA VAL B 16 1.15 -12.50 -36.19
C VAL B 16 2.34 -13.42 -36.44
N GLY B 17 3.38 -13.30 -35.61
CA GLY B 17 4.58 -14.14 -35.73
C GLY B 17 4.39 -15.57 -35.22
N GLY B 18 5.48 -16.36 -35.32
CA GLY B 18 5.58 -17.76 -34.91
C GLY B 18 5.22 -18.79 -35.98
N THR B 19 5.56 -20.04 -35.70
CA THR B 19 5.09 -21.24 -36.42
C THR B 19 3.68 -21.58 -35.98
N PRO B 20 2.71 -21.74 -36.91
CA PRO B 20 1.36 -22.12 -36.55
C PRO B 20 1.27 -23.46 -35.80
N PHE B 21 0.32 -23.53 -34.89
CA PHE B 21 -0.06 -24.78 -34.22
C PHE B 21 -1.59 -24.84 -34.12
N THR B 22 -2.13 -26.05 -34.29
CA THR B 22 -3.54 -26.42 -33.95
C THR B 22 -3.57 -27.83 -33.39
N PHE B 23 -3.91 -27.96 -32.11
CA PHE B 23 -3.95 -29.22 -31.32
C PHE B 23 -5.40 -29.47 -30.89
N MET B 24 -6.00 -30.54 -31.46
CA MET B 24 -7.40 -30.92 -31.14
C MET B 24 -7.64 -32.36 -31.60
N GLN B 25 -7.93 -33.26 -30.68
CA GLN B 25 -8.32 -34.64 -31.06
C GLN B 25 -9.84 -34.72 -31.11
N GLU B 26 -10.43 -35.13 -32.23
CA GLU B 26 -11.90 -35.30 -32.30
C GLU B 26 -12.31 -36.38 -31.32
N SER B 27 -13.39 -36.15 -30.58
CA SER B 27 -13.95 -37.05 -29.54
C SER B 27 -13.05 -37.12 -28.30
N GLY B 28 -12.21 -36.11 -28.09
CA GLY B 28 -11.30 -36.03 -26.95
C GLY B 28 -11.28 -34.64 -26.36
N THR B 29 -10.73 -34.49 -25.17
CA THR B 29 -10.62 -33.20 -24.47
C THR B 29 -9.25 -33.17 -23.82
N ILE B 30 -8.76 -31.97 -23.52
CA ILE B 30 -7.46 -31.77 -22.84
C ILE B 30 -7.59 -32.32 -21.40
N THR B 31 -6.69 -33.22 -21.06
CA THR B 31 -6.54 -33.78 -19.69
C THR B 31 -5.36 -33.15 -18.94
N SER B 32 -4.46 -32.45 -19.62
CA SER B 32 -3.31 -31.78 -18.93
C SER B 32 -2.78 -30.64 -19.80
N ILE B 33 -2.50 -29.48 -19.20
CA ILE B 33 -1.89 -28.34 -19.92
C ILE B 33 -0.75 -27.75 -19.06
N LYS B 34 0.38 -27.48 -19.70
CA LYS B 34 1.59 -26.92 -19.07
C LYS B 34 1.92 -25.59 -19.75
N PHE B 35 2.19 -24.55 -18.97
CA PHE B 35 2.68 -23.24 -19.46
C PHE B 35 4.07 -22.92 -18.91
N ASN B 36 4.97 -22.49 -19.78
CA ASN B 36 6.39 -22.17 -19.48
C ASN B 36 6.57 -20.67 -19.75
N TRP B 37 7.05 -19.93 -18.75
CA TRP B 37 7.32 -18.47 -18.85
C TRP B 37 8.65 -18.06 -18.18
N SER B 38 9.11 -16.85 -18.49
CA SER B 38 10.40 -16.29 -17.99
C SER B 38 10.13 -15.02 -17.17
N ASP B 39 10.87 -14.82 -16.08
CA ASP B 39 10.95 -13.48 -15.42
C ASP B 39 11.78 -12.51 -16.28
N GLN B 40 12.66 -13.01 -17.14
CA GLN B 40 13.57 -12.15 -17.93
C GLN B 40 12.80 -11.35 -18.99
N TYR B 41 11.91 -11.98 -19.74
CA TYR B 41 11.12 -11.32 -20.83
C TYR B 41 9.66 -11.06 -20.38
N LYS B 42 9.16 -11.70 -19.31
CA LYS B 42 7.75 -11.53 -18.86
C LYS B 42 6.78 -12.00 -19.97
N LEU B 43 7.12 -13.13 -20.61
CA LEU B 43 6.39 -13.77 -21.73
C LEU B 43 6.20 -15.26 -21.41
N LEU B 44 5.12 -15.84 -21.92
CA LEU B 44 5.01 -17.29 -22.16
C LEU B 44 5.95 -17.64 -23.31
N HIS B 45 6.62 -18.81 -23.25
CA HIS B 45 7.61 -19.29 -24.25
C HIS B 45 7.18 -20.64 -24.87
N HIS B 46 6.49 -21.52 -24.13
CA HIS B 46 6.29 -22.95 -24.51
C HIS B 46 4.99 -23.44 -23.87
N ILE B 47 4.26 -24.26 -24.60
CA ILE B 47 2.99 -24.86 -24.12
C ILE B 47 2.99 -26.34 -24.43
N GLU B 48 2.56 -27.18 -23.49
CA GLU B 48 2.37 -28.64 -23.73
C GLU B 48 0.96 -29.06 -23.39
N VAL B 49 0.39 -29.99 -24.13
CA VAL B 49 -1.04 -30.39 -24.00
C VAL B 49 -1.10 -31.91 -24.12
N LYS B 50 -1.97 -32.56 -23.34
CA LYS B 50 -2.21 -34.03 -23.38
C LYS B 50 -3.71 -34.24 -23.51
N PHE B 51 -4.14 -35.25 -24.26
CA PHE B 51 -5.58 -35.52 -24.48
C PHE B 51 -5.99 -36.79 -23.72
N ILE B 52 -7.29 -37.05 -23.59
CA ILE B 52 -7.73 -38.27 -22.86
C ILE B 52 -7.36 -39.52 -23.63
N ASN B 53 -6.94 -40.57 -22.92
CA ASN B 53 -6.59 -41.91 -23.44
C ASN B 53 -5.47 -41.82 -24.47
N ASN B 54 -4.56 -40.87 -24.28
CA ASN B 54 -3.48 -40.59 -25.27
C ASN B 54 -2.28 -40.05 -24.49
N ALA B 55 -1.21 -40.82 -24.40
CA ALA B 55 0.01 -40.44 -23.65
C ALA B 55 0.89 -39.47 -24.46
N ASN B 56 0.63 -39.23 -25.75
CA ASN B 56 1.46 -38.29 -26.54
C ASN B 56 1.27 -36.85 -26.03
N ILE B 57 2.41 -36.16 -25.88
CA ILE B 57 2.54 -34.70 -25.58
C ILE B 57 2.64 -33.88 -26.86
N TYR B 58 1.70 -32.94 -27.09
CA TYR B 58 1.65 -31.95 -28.20
C TYR B 58 2.27 -30.62 -27.75
N ALA B 59 3.40 -30.20 -28.31
CA ALA B 59 4.17 -29.06 -27.76
C ALA B 59 4.33 -27.95 -28.81
N THR B 60 4.41 -26.70 -28.37
CA THR B 60 4.87 -25.57 -29.20
C THR B 60 5.69 -24.58 -28.38
N GLY B 61 6.52 -23.78 -29.04
CA GLY B 61 7.39 -22.82 -28.36
C GLY B 61 8.73 -23.41 -27.93
N ASP B 62 9.62 -22.57 -27.40
CA ASP B 62 10.97 -22.92 -26.92
C ASP B 62 10.89 -22.95 -25.39
N PRO B 63 11.11 -24.11 -24.73
CA PRO B 63 10.96 -24.20 -23.28
C PRO B 63 12.16 -23.57 -22.56
N LYS B 64 12.37 -22.25 -22.68
CA LYS B 64 13.60 -21.60 -22.18
C LYS B 64 13.30 -20.81 -20.91
N GLY B 65 12.05 -20.78 -20.46
CA GLY B 65 11.65 -20.05 -19.23
C GLY B 65 12.11 -20.74 -17.94
N ASN B 66 12.20 -19.97 -16.84
CA ASN B 66 12.63 -20.45 -15.51
C ASN B 66 11.44 -20.97 -14.68
N HIS B 67 10.18 -20.85 -15.12
CA HIS B 67 8.99 -21.37 -14.42
C HIS B 67 8.14 -22.22 -15.37
N GLU B 68 7.44 -23.25 -14.88
CA GLU B 68 6.30 -23.91 -15.58
C GLU B 68 5.18 -24.24 -14.58
N VAL B 69 3.92 -24.19 -15.02
CA VAL B 69 2.74 -24.72 -14.26
C VAL B 69 2.04 -25.74 -15.13
N ILE B 70 1.61 -26.84 -14.52
CA ILE B 70 0.75 -27.88 -15.12
C ILE B 70 -0.62 -27.82 -14.44
N LEU B 71 -1.71 -27.80 -15.21
CA LEU B 71 -3.07 -28.06 -14.69
C LEU B 71 -3.58 -29.40 -15.19
N GLU B 72 -3.90 -30.35 -14.32
CA GLU B 72 -4.57 -31.65 -14.68
C GLU B 72 -6.09 -31.45 -14.61
N ILE B 73 -6.83 -31.96 -15.59
CA ILE B 73 -8.30 -31.77 -15.70
C ILE B 73 -9.01 -33.14 -15.68
N ASP B 74 -9.86 -33.33 -14.67
CA ASP B 74 -10.73 -34.52 -14.49
C ASP B 74 -11.67 -34.53 -15.70
N ASP B 75 -12.22 -35.70 -16.02
CA ASP B 75 -12.94 -35.93 -17.30
C ASP B 75 -14.25 -35.14 -17.26
N ASP B 76 -14.78 -34.87 -16.07
CA ASP B 76 -16.08 -34.15 -15.89
C ASP B 76 -15.88 -32.65 -15.52
N GLU B 77 -14.65 -32.16 -15.57
CA GLU B 77 -14.24 -30.80 -15.13
C GLU B 77 -14.21 -29.81 -16.28
N THR B 78 -14.83 -28.64 -16.11
CA THR B 78 -14.85 -27.58 -17.14
C THR B 78 -14.01 -26.38 -16.66
N ILE B 79 -13.73 -25.45 -17.57
CA ILE B 79 -13.10 -24.14 -17.24
C ILE B 79 -14.24 -23.13 -17.06
N ILE B 80 -14.37 -22.53 -15.88
CA ILE B 80 -15.48 -21.57 -15.54
C ILE B 80 -14.95 -20.13 -15.51
N GLY B 81 -13.64 -19.94 -15.54
CA GLY B 81 -12.94 -18.64 -15.64
C GLY B 81 -11.64 -18.81 -16.39
N SER B 82 -11.34 -17.94 -17.35
CA SER B 82 -10.13 -18.03 -18.18
C SER B 82 -9.68 -16.66 -18.69
N VAL B 83 -8.55 -16.15 -18.17
CA VAL B 83 -7.94 -14.84 -18.57
C VAL B 83 -6.60 -15.10 -19.27
N ILE B 84 -6.39 -14.52 -20.45
CA ILE B 84 -5.06 -14.55 -21.12
C ILE B 84 -4.57 -13.11 -21.16
N GLY B 85 -3.38 -12.86 -20.58
CA GLY B 85 -2.67 -11.58 -20.72
C GLY B 85 -1.78 -11.55 -21.96
N TYR B 86 -1.77 -10.44 -22.70
CA TYR B 86 -0.99 -10.30 -23.95
C TYR B 86 -0.57 -8.86 -24.20
N LYS B 87 0.40 -8.69 -25.07
CA LYS B 87 0.76 -7.41 -25.74
C LYS B 87 0.07 -7.40 -27.10
N LYS B 88 -0.74 -6.38 -27.39
CA LYS B 88 -1.53 -6.26 -28.63
C LYS B 88 -0.65 -5.82 -29.78
N GLY B 89 -1.17 -5.92 -31.01
CA GLY B 89 -0.56 -5.43 -32.26
C GLY B 89 0.14 -6.56 -32.99
N ASN B 90 0.51 -6.32 -34.26
CA ASN B 90 1.18 -7.32 -35.13
C ASN B 90 2.42 -7.89 -34.42
N ASP B 91 3.05 -7.08 -33.58
CA ASP B 91 4.25 -7.51 -32.80
C ASP B 91 3.80 -7.87 -31.38
N GLY B 92 2.68 -8.60 -31.27
CA GLY B 92 2.10 -9.00 -29.97
C GLY B 92 2.58 -10.36 -29.53
N ARG B 93 2.70 -10.53 -28.20
CA ARG B 93 3.13 -11.78 -27.54
C ARG B 93 2.13 -12.09 -26.42
N CYS B 94 2.05 -13.37 -26.06
CA CYS B 94 1.25 -13.84 -24.89
C CYS B 94 2.15 -13.62 -23.68
N THR B 95 1.57 -13.16 -22.56
CA THR B 95 2.38 -12.81 -21.38
C THR B 95 1.92 -13.61 -20.17
N GLY B 96 0.65 -14.08 -20.15
CA GLY B 96 0.12 -14.80 -18.96
C GLY B 96 -1.20 -15.48 -19.20
N VAL B 97 -1.54 -16.39 -18.28
CA VAL B 97 -2.79 -17.22 -18.29
C VAL B 97 -3.20 -17.48 -16.84
N LYS B 98 -4.46 -17.25 -16.51
CA LYS B 98 -5.11 -17.67 -15.24
C LYS B 98 -6.29 -18.56 -15.65
N LEU B 99 -6.31 -19.82 -15.21
CA LEU B 99 -7.44 -20.76 -15.44
C LEU B 99 -8.04 -21.16 -14.10
N THR B 100 -9.38 -21.12 -13.96
CA THR B 100 -10.12 -21.68 -12.80
C THR B 100 -11.10 -22.74 -13.33
N THR B 101 -11.29 -23.82 -12.59
CA THR B 101 -12.11 -24.98 -13.02
C THR B 101 -13.40 -25.07 -12.22
N SER B 102 -14.34 -25.89 -12.70
CA SER B 102 -15.61 -26.25 -12.04
C SER B 102 -15.37 -26.91 -10.69
N LYS B 103 -14.14 -27.24 -10.31
CA LYS B 103 -13.85 -27.91 -9.01
C LYS B 103 -13.04 -26.99 -8.09
N GLY B 104 -12.90 -25.69 -8.43
CA GLY B 104 -12.08 -24.71 -7.67
C GLY B 104 -10.54 -24.86 -7.83
N LYS B 105 -10.07 -25.67 -8.78
CA LYS B 105 -8.63 -25.75 -9.13
C LYS B 105 -8.29 -24.53 -9.97
N SER B 106 -7.08 -24.00 -9.79
CA SER B 106 -6.67 -22.81 -10.54
C SER B 106 -5.17 -22.79 -10.77
N ILE B 107 -4.73 -22.13 -11.83
CA ILE B 107 -3.29 -21.93 -12.18
C ILE B 107 -3.15 -20.50 -12.64
N MET B 108 -1.97 -19.95 -12.41
CA MET B 108 -1.59 -18.60 -12.84
C MET B 108 -0.17 -18.67 -13.40
N ALA B 109 0.04 -18.31 -14.66
CA ALA B 109 1.36 -18.28 -15.32
C ALA B 109 1.64 -16.87 -15.80
N GLY B 110 2.88 -16.39 -15.61
CA GLY B 110 3.39 -15.18 -16.28
C GLY B 110 2.76 -13.90 -15.75
N TYR B 111 2.53 -12.92 -16.63
CA TYR B 111 2.32 -11.51 -16.27
C TYR B 111 1.12 -10.96 -17.04
N PHE B 112 0.53 -9.90 -16.46
CA PHE B 112 -0.76 -9.28 -16.87
C PHE B 112 -0.56 -7.76 -16.88
N GLU B 113 0.45 -7.28 -17.61
CA GLU B 113 0.83 -5.84 -17.54
C GLU B 113 0.21 -4.99 -18.66
N GLU B 114 -0.29 -5.55 -19.76
CA GLU B 114 -0.85 -4.71 -20.85
C GLU B 114 -2.34 -5.01 -21.12
N SER B 115 -2.65 -6.00 -21.95
CA SER B 115 -4.02 -6.30 -22.41
C SER B 115 -4.47 -7.67 -21.85
N LEU B 116 -5.78 -7.89 -21.74
CA LEU B 116 -6.43 -9.07 -21.14
C LEU B 116 -7.56 -9.52 -22.06
N ILE B 117 -7.84 -10.82 -22.09
CA ILE B 117 -9.12 -11.33 -22.65
C ILE B 117 -9.70 -12.28 -21.61
N THR B 118 -10.99 -12.15 -21.32
CA THR B 118 -11.78 -13.11 -20.52
C THR B 118 -12.52 -13.92 -21.58
N THR B 119 -12.15 -15.16 -21.75
CA THR B 119 -12.68 -15.98 -22.83
C THR B 119 -14.01 -16.65 -22.49
N TYR B 120 -14.45 -17.47 -23.43
CA TYR B 120 -15.63 -18.34 -23.34
C TYR B 120 -15.36 -19.44 -22.32
N THR B 121 -16.39 -20.01 -21.75
CA THR B 121 -16.15 -21.07 -20.75
C THR B 121 -16.61 -22.41 -21.30
N GLY B 122 -16.28 -23.48 -20.61
CA GLY B 122 -16.71 -24.80 -21.06
C GLY B 122 -15.62 -25.82 -20.93
N LYS B 123 -15.82 -26.94 -21.59
CA LYS B 123 -14.89 -28.09 -21.58
C LYS B 123 -13.79 -27.78 -22.59
N LEU B 124 -12.55 -27.62 -22.11
CA LEU B 124 -11.36 -27.22 -22.94
C LEU B 124 -10.96 -28.40 -23.83
N ALA B 125 -11.03 -28.18 -25.15
CA ALA B 125 -10.88 -29.21 -26.22
C ALA B 125 -9.58 -29.04 -26.98
N GLY B 126 -9.00 -27.84 -27.05
CA GLY B 126 -7.85 -27.63 -27.95
C GLY B 126 -7.23 -26.25 -27.79
N ILE B 127 -6.06 -26.01 -28.44
CA ILE B 127 -5.42 -24.68 -28.53
C ILE B 127 -4.92 -24.49 -29.97
N LYS B 128 -4.95 -23.25 -30.45
CA LYS B 128 -4.43 -22.83 -31.77
C LYS B 128 -3.61 -21.55 -31.52
N GLY B 129 -2.63 -21.29 -32.38
CA GLY B 129 -1.92 -20.00 -32.37
C GLY B 129 -0.63 -20.05 -33.17
N GLY B 130 0.38 -19.29 -32.73
CA GLY B 130 1.71 -19.23 -33.38
C GLY B 130 2.78 -19.19 -32.32
N ALA B 131 3.87 -19.91 -32.47
CA ALA B 131 4.93 -19.88 -31.47
C ALA B 131 6.30 -20.08 -32.11
N GLY B 132 7.31 -19.39 -31.58
CA GLY B 132 8.73 -19.63 -31.86
C GLY B 132 9.55 -19.67 -30.58
N SER B 133 10.31 -18.60 -30.34
CA SER B 133 11.10 -18.36 -29.09
C SER B 133 10.11 -18.02 -27.96
N ASP B 134 8.95 -17.50 -28.34
CA ASP B 134 7.87 -17.04 -27.44
C ASP B 134 6.52 -17.58 -27.93
N ILE B 135 5.49 -17.52 -27.09
CA ILE B 135 4.09 -17.69 -27.57
C ILE B 135 3.65 -16.36 -28.18
N ASP B 136 3.62 -16.26 -29.50
CA ASP B 136 3.19 -15.02 -30.21
C ASP B 136 1.69 -14.81 -29.98
N ARG B 137 0.89 -15.86 -30.04
CA ARG B 137 -0.59 -15.77 -30.12
C ARG B 137 -1.17 -17.12 -29.68
N LEU B 138 -2.32 -17.08 -28.98
CA LEU B 138 -2.98 -18.25 -28.32
C LEU B 138 -4.50 -18.06 -28.33
N GLY B 139 -5.23 -19.07 -28.78
CA GLY B 139 -6.70 -19.14 -28.77
C GLY B 139 -7.12 -20.47 -28.12
N LEU B 140 -8.02 -20.43 -27.17
CA LEU B 140 -8.58 -21.66 -26.57
C LEU B 140 -9.71 -22.15 -27.47
N ILE B 141 -10.03 -23.43 -27.35
CA ILE B 141 -11.08 -24.13 -28.13
C ILE B 141 -11.85 -25.01 -27.14
N PHE B 142 -13.16 -24.89 -27.13
CA PHE B 142 -14.09 -25.60 -26.22
C PHE B 142 -15.06 -26.47 -27.03
N LEU B 143 -15.71 -27.44 -26.37
CA LEU B 143 -16.92 -28.15 -26.88
C LEU B 143 -18.14 -27.20 -26.90
N LYS B 144 -18.96 -27.22 -27.99
CA LYS B 144 -20.25 -26.46 -28.16
C LYS B 144 -21.26 -27.00 -27.13
N ASP C 5 -47.84 -7.69 30.68
CA ASP C 5 -48.51 -6.86 29.64
C ASP C 5 -48.52 -7.65 28.30
N ASN C 6 -48.68 -6.96 27.16
CA ASN C 6 -48.31 -7.42 25.80
C ASN C 6 -47.02 -6.71 25.34
N TYR C 7 -46.22 -6.17 26.28
CA TYR C 7 -45.04 -5.32 25.97
C TYR C 7 -43.81 -5.85 26.72
N ILE C 8 -42.62 -5.77 26.11
CA ILE C 8 -41.28 -6.01 26.74
C ILE C 8 -40.65 -4.63 26.96
N TYR C 9 -40.30 -4.27 28.19
CA TYR C 9 -39.67 -2.99 28.56
C TYR C 9 -38.16 -3.17 28.71
N SER C 10 -37.36 -2.74 27.74
CA SER C 10 -35.89 -2.82 27.84
C SER C 10 -35.48 -1.83 28.94
N THR C 11 -34.36 -2.10 29.61
CA THR C 11 -33.78 -1.24 30.67
C THR C 11 -33.65 0.20 30.14
N GLU C 12 -34.16 1.16 30.91
CA GLU C 12 -33.88 2.62 30.76
C GLU C 12 -32.45 2.87 31.25
N VAL C 13 -31.58 3.45 30.42
CA VAL C 13 -30.15 3.66 30.73
C VAL C 13 -29.83 5.15 30.71
N GLY C 14 -29.14 5.56 31.76
CA GLY C 14 -28.58 6.91 31.95
C GLY C 14 -28.88 7.39 33.35
N GLY C 15 -29.01 8.72 33.49
CA GLY C 15 -29.30 9.39 34.77
C GLY C 15 -30.78 9.51 35.08
N VAL C 16 -31.08 10.08 36.25
CA VAL C 16 -32.46 10.18 36.85
C VAL C 16 -33.05 11.55 36.50
N GLY C 17 -32.31 12.40 35.76
CA GLY C 17 -32.68 13.77 35.41
C GLY C 17 -33.77 13.89 34.34
N GLY C 18 -34.24 15.13 34.19
CA GLY C 18 -35.16 15.60 33.15
C GLY C 18 -36.58 15.16 33.38
N THR C 19 -37.46 15.57 32.46
CA THR C 19 -38.92 15.34 32.50
C THR C 19 -39.21 13.95 31.95
N PRO C 20 -39.93 13.08 32.68
CA PRO C 20 -40.43 11.83 32.10
C PRO C 20 -41.20 11.98 30.77
N PHE C 21 -41.07 10.98 29.90
CA PHE C 21 -41.89 10.77 28.68
C PHE C 21 -42.17 9.27 28.53
N THR C 22 -43.40 8.94 28.11
CA THR C 22 -43.78 7.58 27.68
C THR C 22 -44.64 7.68 26.41
N PHE C 23 -44.12 7.18 25.30
CA PHE C 23 -44.75 7.22 23.95
C PHE C 23 -45.06 5.79 23.50
N MET C 24 -46.32 5.39 23.61
CA MET C 24 -46.82 4.09 23.09
C MET C 24 -48.26 4.28 22.64
N GLN C 25 -48.72 3.53 21.66
CA GLN C 25 -50.13 3.59 21.23
C GLN C 25 -50.70 2.19 21.30
N GLU C 26 -51.93 2.03 21.80
CA GLU C 26 -52.56 0.69 21.83
C GLU C 26 -52.79 0.27 20.38
N SER C 27 -52.39 -0.95 20.06
CA SER C 27 -52.52 -1.56 18.70
C SER C 27 -51.68 -0.82 17.66
N GLY C 28 -50.59 -0.16 18.05
CA GLY C 28 -49.75 0.59 17.09
C GLY C 28 -48.28 0.33 17.32
N THR C 29 -47.45 0.69 16.33
CA THR C 29 -46.00 0.49 16.44
C THR C 29 -45.29 1.70 15.83
N ILE C 30 -44.01 1.85 16.14
CA ILE C 30 -43.19 2.98 15.64
C ILE C 30 -42.97 2.77 14.13
N THR C 31 -43.41 3.73 13.33
CA THR C 31 -43.13 3.80 11.88
C THR C 31 -41.91 4.69 11.61
N SER C 32 -41.55 5.58 12.53
CA SER C 32 -40.38 6.47 12.31
C SER C 32 -39.80 6.92 13.66
N ILE C 33 -38.49 7.01 13.74
CA ILE C 33 -37.81 7.53 14.96
C ILE C 33 -36.62 8.40 14.50
N LYS C 34 -36.45 9.58 15.12
CA LYS C 34 -35.39 10.56 14.81
C LYS C 34 -34.60 10.85 16.09
N PHE C 35 -33.27 10.83 15.99
CA PHE C 35 -32.31 11.10 17.07
C PHE C 35 -31.50 12.33 16.71
N ASN C 36 -31.52 13.36 17.55
CA ASN C 36 -30.71 14.59 17.40
C ASN C 36 -29.57 14.52 18.41
N TRP C 37 -28.33 14.75 17.98
CA TRP C 37 -27.15 14.71 18.89
C TRP C 37 -26.18 15.83 18.53
N SER C 38 -25.19 16.09 19.39
CA SER C 38 -24.20 17.17 19.21
C SER C 38 -22.77 16.62 19.32
N ASP C 39 -21.87 17.14 18.49
CA ASP C 39 -20.42 16.83 18.56
C ASP C 39 -19.81 17.56 19.78
N GLN C 40 -20.38 18.70 20.19
CA GLN C 40 -19.89 19.55 21.32
C GLN C 40 -19.95 18.77 22.64
N TYR C 41 -21.09 18.16 22.96
CA TYR C 41 -21.34 17.48 24.25
C TYR C 41 -21.23 15.97 24.09
N LYS C 42 -21.14 15.43 22.88
CA LYS C 42 -21.08 13.97 22.63
C LYS C 42 -22.26 13.30 23.38
N LEU C 43 -23.50 13.81 23.17
CA LEU C 43 -24.78 13.43 23.84
C LEU C 43 -25.93 13.43 22.82
N LEU C 44 -26.92 12.56 23.01
CA LEU C 44 -28.29 12.74 22.43
C LEU C 44 -28.99 13.90 23.14
N HIS C 45 -29.75 14.72 22.42
CA HIS C 45 -30.47 15.90 22.98
C HIS C 45 -31.98 15.79 22.76
N HIS C 46 -32.43 15.10 21.73
CA HIS C 46 -33.82 15.20 21.22
C HIS C 46 -34.18 13.91 20.50
N ILE C 47 -35.41 13.45 20.64
CA ILE C 47 -35.97 12.21 20.01
C ILE C 47 -37.39 12.51 19.52
N GLU C 48 -37.70 12.17 18.28
CA GLU C 48 -39.08 12.26 17.75
C GLU C 48 -39.48 10.85 17.33
N VAL C 49 -40.77 10.56 17.38
CA VAL C 49 -41.34 9.21 17.12
C VAL C 49 -42.73 9.42 16.50
N LYS C 50 -43.04 8.70 15.42
CA LYS C 50 -44.35 8.71 14.72
C LYS C 50 -44.86 7.27 14.79
N PHE C 51 -46.18 7.07 14.92
CA PHE C 51 -46.81 5.73 15.02
C PHE C 51 -47.61 5.46 13.75
N ILE C 52 -47.76 4.18 13.43
CA ILE C 52 -48.67 3.62 12.38
C ILE C 52 -50.04 4.27 12.52
N ASN C 53 -50.66 4.74 11.42
CA ASN C 53 -52.07 5.26 11.40
C ASN C 53 -52.25 6.47 12.34
N ASN C 54 -51.30 7.42 12.37
CA ASN C 54 -51.31 8.59 13.29
C ASN C 54 -50.28 9.61 12.81
N ALA C 55 -50.73 10.80 12.42
CA ALA C 55 -49.88 11.81 11.75
C ALA C 55 -49.06 12.59 12.79
N ASN C 56 -49.37 12.40 14.08
CA ASN C 56 -48.73 13.16 15.17
C ASN C 56 -47.27 12.73 15.39
N ILE C 57 -46.42 13.73 15.59
CA ILE C 57 -44.99 13.61 15.96
C ILE C 57 -44.85 13.77 17.48
N TYR C 58 -44.45 12.70 18.21
CA TYR C 58 -44.19 12.72 19.67
C TYR C 58 -42.70 13.02 19.96
N ALA C 59 -42.38 14.23 20.40
CA ALA C 59 -40.99 14.71 20.58
C ALA C 59 -40.69 14.90 22.07
N THR C 60 -39.42 14.83 22.45
CA THR C 60 -38.93 15.11 23.83
C THR C 60 -37.48 15.61 23.75
N GLY C 61 -37.08 16.54 24.63
CA GLY C 61 -35.72 17.11 24.67
C GLY C 61 -35.62 18.39 23.86
N ASP C 62 -34.41 18.92 23.71
CA ASP C 62 -34.08 20.21 23.05
C ASP C 62 -33.35 19.90 21.75
N PRO C 63 -33.94 20.17 20.56
CA PRO C 63 -33.25 19.90 19.29
C PRO C 63 -32.07 20.84 19.02
N LYS C 64 -31.02 20.83 19.85
CA LYS C 64 -29.92 21.83 19.78
C LYS C 64 -28.66 21.23 19.11
N GLY C 65 -28.66 19.94 18.77
CA GLY C 65 -27.48 19.24 18.21
C GLY C 65 -27.26 19.58 16.74
N ASN C 66 -26.04 19.37 16.24
CA ASN C 66 -25.63 19.66 14.84
C ASN C 66 -25.91 18.46 13.88
N HIS C 67 -26.30 17.28 14.38
CA HIS C 67 -26.63 16.08 13.55
C HIS C 67 -28.04 15.57 13.90
N GLU C 68 -28.78 15.04 12.93
CA GLU C 68 -29.96 14.16 13.19
C GLU C 68 -29.90 12.95 12.24
N VAL C 69 -30.52 11.82 12.62
CA VAL C 69 -30.78 10.64 11.75
C VAL C 69 -32.20 10.19 11.95
N ILE C 70 -32.83 9.71 10.90
CA ILE C 70 -34.21 9.18 10.90
C ILE C 70 -34.10 7.73 10.42
N LEU C 71 -34.72 6.78 11.14
CA LEU C 71 -35.00 5.44 10.62
C LEU C 71 -36.50 5.34 10.35
N GLU C 72 -36.91 5.12 9.09
CA GLU C 72 -38.31 4.75 8.72
C GLU C 72 -38.42 3.23 8.79
N ILE C 73 -39.50 2.68 9.38
CA ILE C 73 -39.70 1.23 9.63
C ILE C 73 -40.95 0.72 8.92
N ASP C 74 -40.79 -0.22 7.97
CA ASP C 74 -41.89 -0.87 7.20
C ASP C 74 -42.79 -1.63 8.21
N ASP C 75 -44.07 -1.84 7.90
CA ASP C 75 -45.08 -2.42 8.82
C ASP C 75 -44.63 -3.81 9.33
N ASP C 76 -43.89 -4.59 8.54
CA ASP C 76 -43.51 -5.99 8.88
C ASP C 76 -42.05 -6.07 9.38
N GLU C 77 -41.34 -4.93 9.46
CA GLU C 77 -39.90 -4.82 9.76
C GLU C 77 -39.69 -4.77 11.28
N THR C 78 -38.83 -5.62 11.82
CA THR C 78 -38.52 -5.67 13.27
C THR C 78 -37.10 -5.14 13.50
N ILE C 79 -36.72 -4.97 14.76
CA ILE C 79 -35.34 -4.64 15.20
C ILE C 79 -34.68 -5.97 15.57
N ILE C 80 -33.53 -6.30 14.96
CA ILE C 80 -32.79 -7.56 15.23
C ILE C 80 -31.48 -7.25 15.97
N GLY C 81 -31.08 -5.98 16.04
CA GLY C 81 -29.89 -5.50 16.74
C GLY C 81 -30.14 -4.10 17.25
N SER C 82 -29.74 -3.81 18.47
CA SER C 82 -30.07 -2.54 19.16
C SER C 82 -29.05 -2.32 20.26
N VAL C 83 -28.25 -1.26 20.12
CA VAL C 83 -27.17 -0.86 21.07
C VAL C 83 -27.42 0.58 21.48
N ILE C 84 -27.52 0.86 22.78
CA ILE C 84 -27.62 2.24 23.35
C ILE C 84 -26.35 2.49 24.15
N GLY C 85 -25.60 3.51 23.76
CA GLY C 85 -24.49 4.06 24.57
C GLY C 85 -24.98 5.10 25.56
N TYR C 86 -24.36 5.13 26.75
CA TYR C 86 -24.73 6.07 27.83
C TYR C 86 -23.56 6.32 28.78
N LYS C 87 -23.67 7.39 29.59
CA LYS C 87 -22.89 7.58 30.85
C LYS C 87 -23.75 7.03 31.98
N LYS C 88 -23.27 6.04 32.73
CA LYS C 88 -23.94 5.47 33.95
C LYS C 88 -23.92 6.47 35.11
N GLY C 89 -24.66 6.20 36.20
CA GLY C 89 -24.75 7.04 37.41
C GLY C 89 -25.98 7.95 37.44
N ASN C 90 -26.23 8.58 38.59
CA ASN C 90 -27.40 9.47 38.86
C ASN C 90 -27.38 10.65 37.87
N ASP C 91 -26.20 11.17 37.56
CA ASP C 91 -25.99 12.37 36.70
C ASP C 91 -25.71 11.90 35.27
N GLY C 92 -26.16 10.70 34.94
CA GLY C 92 -25.93 10.10 33.62
C GLY C 92 -26.72 10.75 32.50
N ARG C 93 -26.43 10.27 31.30
CA ARG C 93 -26.93 10.78 30.01
C ARG C 93 -26.94 9.59 29.02
N CYS C 94 -27.72 9.74 27.95
CA CYS C 94 -27.75 8.79 26.84
C CYS C 94 -26.93 9.42 25.70
N THR C 95 -25.89 8.72 25.21
CA THR C 95 -24.87 9.29 24.30
C THR C 95 -25.10 8.85 22.85
N GLY C 96 -25.69 7.68 22.60
CA GLY C 96 -25.86 7.19 21.20
C GLY C 96 -26.81 6.03 21.08
N VAL C 97 -27.23 5.75 19.84
CA VAL C 97 -28.06 4.57 19.47
C VAL C 97 -27.60 4.04 18.10
N LYS C 98 -27.34 2.72 18.00
CA LYS C 98 -27.18 1.93 16.75
C LYS C 98 -28.37 0.95 16.71
N LEU C 99 -29.11 0.91 15.61
CA LEU C 99 -30.26 -0.01 15.36
C LEU C 99 -30.05 -0.67 14.01
N THR C 100 -30.39 -1.96 13.91
CA THR C 100 -30.31 -2.77 12.69
C THR C 100 -31.66 -3.49 12.55
N THR C 101 -32.19 -3.57 11.35
CA THR C 101 -33.56 -4.09 11.14
C THR C 101 -33.53 -5.46 10.48
N SER C 102 -34.69 -6.09 10.39
CA SER C 102 -34.91 -7.38 9.69
C SER C 102 -34.71 -7.23 8.18
N LYS C 103 -34.44 -6.02 7.66
CA LYS C 103 -34.31 -5.75 6.21
C LYS C 103 -32.92 -5.21 5.88
N GLY C 104 -31.99 -5.23 6.83
CA GLY C 104 -30.58 -4.82 6.61
C GLY C 104 -30.42 -3.32 6.76
N LYS C 105 -31.48 -2.59 7.10
CA LYS C 105 -31.36 -1.14 7.34
C LYS C 105 -30.66 -0.93 8.70
N SER C 106 -29.92 0.15 8.82
CA SER C 106 -29.26 0.51 10.09
C SER C 106 -29.12 2.03 10.22
N ILE C 107 -28.96 2.54 11.44
CA ILE C 107 -28.58 3.95 11.73
C ILE C 107 -27.62 3.94 12.91
N MET C 108 -26.71 4.90 12.95
CA MET C 108 -25.75 5.16 14.07
C MET C 108 -25.93 6.66 14.43
N ALA C 109 -26.32 6.95 15.67
CA ALA C 109 -26.41 8.31 16.23
C ALA C 109 -25.47 8.41 17.42
N GLY C 110 -24.66 9.46 17.44
CA GLY C 110 -23.91 9.91 18.63
C GLY C 110 -22.68 9.07 18.92
N TYR C 111 -22.40 8.85 20.20
CA TYR C 111 -21.09 8.39 20.71
C TYR C 111 -21.27 7.16 21.63
N PHE C 112 -20.23 6.31 21.68
CA PHE C 112 -20.19 5.01 22.40
C PHE C 112 -18.91 4.94 23.26
N GLU C 113 -18.56 6.03 23.92
CA GLU C 113 -17.25 6.24 24.60
C GLU C 113 -17.29 5.67 26.04
N GLU C 114 -18.44 5.50 26.71
CA GLU C 114 -18.50 4.98 28.12
C GLU C 114 -19.18 3.60 28.17
N SER C 115 -20.49 3.53 28.42
CA SER C 115 -21.22 2.26 28.69
C SER C 115 -22.12 1.92 27.50
N LEU C 116 -22.54 0.66 27.36
CA LEU C 116 -23.36 0.17 26.21
C LEU C 116 -24.35 -0.86 26.75
N ILE C 117 -25.56 -0.96 26.18
CA ILE C 117 -26.54 -2.05 26.45
C ILE C 117 -26.94 -2.65 25.12
N THR C 118 -26.86 -3.97 24.99
CA THR C 118 -27.45 -4.69 23.83
C THR C 118 -28.83 -5.12 24.28
N THR C 119 -29.87 -4.57 23.68
CA THR C 119 -31.25 -4.67 24.23
C THR C 119 -31.92 -5.93 23.71
N TYR C 120 -33.12 -6.17 24.21
CA TYR C 120 -34.09 -7.13 23.65
C TYR C 120 -34.32 -6.73 22.18
N THR C 121 -34.93 -7.62 21.42
CA THR C 121 -35.19 -7.43 19.97
C THR C 121 -36.67 -7.68 19.72
N GLY C 122 -37.17 -7.24 18.58
CA GLY C 122 -38.54 -7.50 18.12
C GLY C 122 -39.12 -6.25 17.47
N LYS C 123 -40.45 -6.19 17.44
CA LYS C 123 -41.20 -5.09 16.84
C LYS C 123 -41.15 -3.91 17.83
N LEU C 124 -40.58 -2.78 17.40
CA LEU C 124 -40.45 -1.54 18.22
C LEU C 124 -41.81 -0.87 18.34
N ALA C 125 -42.35 -0.78 19.56
CA ALA C 125 -43.70 -0.31 19.90
C ALA C 125 -43.64 1.04 20.63
N GLY C 126 -42.54 1.38 21.29
CA GLY C 126 -42.49 2.68 21.98
C GLY C 126 -41.17 2.96 22.67
N ILE C 127 -41.08 4.10 23.36
CA ILE C 127 -39.87 4.54 24.11
C ILE C 127 -40.32 5.25 25.38
N LYS C 128 -39.51 5.17 26.42
CA LYS C 128 -39.77 5.94 27.66
C LYS C 128 -38.43 6.35 28.23
N GLY C 129 -38.41 7.44 28.99
CA GLY C 129 -37.22 7.91 29.68
C GLY C 129 -37.43 9.26 30.29
N GLY C 130 -36.38 10.07 30.33
CA GLY C 130 -36.41 11.44 30.82
C GLY C 130 -35.51 12.28 29.97
N ALA C 131 -35.90 13.54 29.75
CA ALA C 131 -35.20 14.49 28.87
C ALA C 131 -35.41 15.91 29.37
N GLY C 132 -34.39 16.75 29.22
CA GLY C 132 -34.48 18.22 29.27
C GLY C 132 -33.68 18.86 28.16
N SER C 133 -32.51 19.41 28.50
CA SER C 133 -31.51 19.91 27.52
C SER C 133 -30.95 18.71 26.73
N ASP C 134 -30.84 17.58 27.43
CA ASP C 134 -30.26 16.31 26.95
C ASP C 134 -31.29 15.19 27.13
N ILE C 135 -31.04 14.04 26.50
CA ILE C 135 -31.75 12.77 26.78
C ILE C 135 -31.07 12.14 27.99
N ASP C 136 -31.63 12.33 29.19
CA ASP C 136 -30.99 11.80 30.43
C ASP C 136 -31.00 10.28 30.38
N ARG C 137 -32.05 9.68 29.82
CA ARG C 137 -32.35 8.25 30.05
C ARG C 137 -33.33 7.76 28.99
N LEU C 138 -33.08 6.57 28.42
CA LEU C 138 -33.84 5.99 27.30
C LEU C 138 -34.03 4.47 27.53
N GLY C 139 -35.25 4.00 27.37
CA GLY C 139 -35.59 2.58 27.25
C GLY C 139 -36.42 2.30 26.02
N LEU C 140 -36.25 1.12 25.44
CA LEU C 140 -37.04 0.74 24.26
C LEU C 140 -38.20 -0.12 24.75
N ILE C 141 -39.27 -0.19 23.96
CA ILE C 141 -40.42 -1.08 24.24
C ILE C 141 -40.79 -1.86 22.97
N PHE C 142 -40.95 -3.18 23.11
CA PHE C 142 -41.25 -4.14 22.02
C PHE C 142 -42.59 -4.86 22.28
N LEU C 143 -43.19 -5.42 21.23
CA LEU C 143 -44.33 -6.36 21.34
C LEU C 143 -43.80 -7.74 21.78
N LYS C 144 -44.64 -8.59 22.39
CA LYS C 144 -44.24 -9.93 22.91
C LYS C 144 -44.15 -10.95 21.78
N ASP D 5 -27.95 -33.01 38.14
CA ASP D 5 -28.96 -31.91 38.23
C ASP D 5 -29.73 -31.80 36.90
N ASN D 6 -30.51 -30.73 36.72
CA ASN D 6 -31.01 -30.25 35.41
C ASN D 6 -30.12 -29.09 34.90
N TYR D 7 -28.84 -29.01 35.32
CA TYR D 7 -27.90 -27.88 35.04
C TYR D 7 -26.52 -28.40 34.59
N ILE D 8 -25.81 -27.58 33.81
CA ILE D 8 -24.37 -27.73 33.44
C ILE D 8 -23.58 -26.62 34.15
N TYR D 9 -22.51 -26.96 34.87
CA TYR D 9 -21.61 -25.98 35.55
C TYR D 9 -20.33 -25.85 34.73
N SER D 10 -20.15 -24.71 34.07
CA SER D 10 -18.86 -24.29 33.50
C SER D 10 -17.86 -24.09 34.63
N THR D 11 -16.60 -24.41 34.40
CA THR D 11 -15.48 -24.19 35.35
C THR D 11 -15.46 -22.72 35.80
N GLU D 12 -15.48 -22.53 37.12
CA GLU D 12 -15.10 -21.23 37.74
C GLU D 12 -13.63 -20.90 37.44
N VAL D 13 -13.37 -19.79 36.75
CA VAL D 13 -11.97 -19.34 36.44
C VAL D 13 -11.62 -18.08 37.22
N GLY D 14 -10.39 -18.07 37.75
CA GLY D 14 -9.74 -16.94 38.45
C GLY D 14 -9.16 -17.41 39.77
N GLY D 15 -9.21 -16.57 40.82
CA GLY D 15 -8.64 -16.83 42.15
C GLY D 15 -9.63 -17.48 43.12
N VAL D 16 -9.14 -17.74 44.33
CA VAL D 16 -9.89 -18.37 45.45
C VAL D 16 -10.42 -17.27 46.37
N GLY D 17 -10.02 -16.01 46.14
CA GLY D 17 -10.37 -14.83 46.96
C GLY D 17 -11.86 -14.47 46.90
N GLY D 18 -12.29 -13.55 47.77
CA GLY D 18 -13.62 -12.90 47.72
C GLY D 18 -14.71 -13.74 48.35
N THR D 19 -15.89 -13.16 48.48
CA THR D 19 -17.09 -13.80 49.08
C THR D 19 -17.74 -14.63 47.99
N PRO D 20 -17.93 -15.94 48.23
CA PRO D 20 -18.70 -16.80 47.32
C PRO D 20 -20.09 -16.23 47.02
N PHE D 21 -20.62 -16.53 45.83
CA PHE D 21 -22.00 -16.16 45.42
C PHE D 21 -22.50 -17.24 44.46
N THR D 22 -23.80 -17.53 44.47
CA THR D 22 -24.51 -18.44 43.53
C THR D 22 -25.87 -17.78 43.16
N PHE D 23 -26.05 -17.37 41.90
CA PHE D 23 -27.30 -16.74 41.41
C PHE D 23 -28.04 -17.72 40.48
N MET D 24 -29.17 -18.30 40.90
CA MET D 24 -30.03 -19.26 40.13
C MET D 24 -31.45 -19.17 40.65
N GLN D 25 -32.49 -19.36 39.83
CA GLN D 25 -33.88 -19.32 40.34
C GLN D 25 -34.64 -20.53 39.81
N GLU D 26 -35.54 -21.08 40.63
CA GLU D 26 -36.33 -22.27 40.22
C GLU D 26 -37.11 -21.96 38.95
N SER D 27 -36.89 -22.78 37.92
CA SER D 27 -37.53 -22.66 36.59
C SER D 27 -37.36 -21.24 36.02
N GLY D 28 -36.17 -20.66 36.16
CA GLY D 28 -35.96 -19.28 35.73
C GLY D 28 -34.62 -19.10 35.07
N THR D 29 -34.60 -18.38 33.97
CA THR D 29 -33.37 -18.18 33.17
C THR D 29 -32.93 -16.72 33.25
N ILE D 30 -31.64 -16.44 33.01
CA ILE D 30 -31.12 -15.04 33.07
C ILE D 30 -31.77 -14.24 31.94
N THR D 31 -32.48 -13.17 32.26
CA THR D 31 -33.09 -12.26 31.25
C THR D 31 -32.18 -11.04 31.03
N SER D 32 -31.21 -10.77 31.91
CA SER D 32 -30.30 -9.60 31.82
C SER D 32 -29.04 -9.82 32.67
N ILE D 33 -27.90 -9.29 32.21
CA ILE D 33 -26.61 -9.40 32.94
C ILE D 33 -25.75 -8.16 32.65
N LYS D 34 -25.17 -7.57 33.70
CA LYS D 34 -24.36 -6.35 33.61
C LYS D 34 -22.94 -6.64 34.11
N PHE D 35 -21.92 -6.12 33.43
CA PHE D 35 -20.49 -6.31 33.79
C PHE D 35 -19.87 -4.93 33.93
N ASN D 36 -19.32 -4.65 35.10
CA ASN D 36 -18.57 -3.40 35.42
C ASN D 36 -17.07 -3.74 35.38
N TRP D 37 -16.26 -2.88 34.76
CA TRP D 37 -14.80 -3.06 34.65
C TRP D 37 -14.07 -1.70 34.58
N SER D 38 -12.77 -1.68 34.87
CA SER D 38 -11.95 -0.45 34.87
C SER D 38 -10.84 -0.57 33.81
N ASP D 39 -10.49 0.56 33.19
CA ASP D 39 -9.25 0.72 32.39
C ASP D 39 -8.00 0.77 33.32
N GLN D 40 -8.14 1.32 34.53
CA GLN D 40 -7.03 1.44 35.50
C GLN D 40 -6.49 0.05 35.90
N TYR D 41 -7.33 -0.93 36.26
CA TYR D 41 -6.87 -2.27 36.74
C TYR D 41 -7.03 -3.36 35.67
N LYS D 42 -7.91 -3.17 34.67
CA LYS D 42 -8.18 -4.16 33.59
C LYS D 42 -8.75 -5.45 34.19
N LEU D 43 -9.62 -5.31 35.18
CA LEU D 43 -10.39 -6.40 35.84
C LEU D 43 -11.89 -6.14 35.66
N LEU D 44 -12.71 -7.19 35.80
CA LEU D 44 -14.15 -7.07 36.17
C LEU D 44 -14.22 -6.72 37.65
N HIS D 45 -15.08 -5.78 38.03
CA HIS D 45 -15.24 -5.33 39.44
C HIS D 45 -16.60 -5.74 40.00
N HIS D 46 -17.62 -5.93 39.18
CA HIS D 46 -19.03 -6.00 39.64
C HIS D 46 -19.88 -6.71 38.59
N ILE D 47 -20.78 -7.58 39.03
CA ILE D 47 -21.78 -8.24 38.13
C ILE D 47 -23.16 -8.10 38.76
N GLU D 48 -24.16 -7.83 37.93
CA GLU D 48 -25.63 -7.80 38.23
C GLU D 48 -26.34 -8.71 37.23
N VAL D 49 -27.42 -9.33 37.69
CA VAL D 49 -28.19 -10.36 36.95
C VAL D 49 -29.66 -10.16 37.31
N LYS D 50 -30.57 -10.18 36.32
CA LYS D 50 -32.03 -10.28 36.56
C LYS D 50 -32.53 -11.59 35.97
N PHE D 51 -33.50 -12.23 36.61
CA PHE D 51 -34.18 -13.47 36.14
C PHE D 51 -35.55 -13.12 35.57
N ILE D 52 -36.05 -13.98 34.67
CA ILE D 52 -37.43 -14.02 34.10
C ILE D 52 -38.41 -14.00 35.28
N ASN D 53 -39.47 -13.18 35.19
CA ASN D 53 -40.60 -13.12 36.17
C ASN D 53 -40.09 -12.80 37.58
N ASN D 54 -39.16 -11.87 37.72
CA ASN D 54 -38.54 -11.54 39.02
C ASN D 54 -37.81 -10.20 38.82
N ALA D 55 -38.30 -9.14 39.49
CA ALA D 55 -37.81 -7.74 39.36
C ALA D 55 -36.62 -7.51 40.30
N ASN D 56 -36.25 -8.48 41.14
CA ASN D 56 -35.05 -8.42 42.02
C ASN D 56 -33.73 -8.43 41.22
N ILE D 57 -32.81 -7.56 41.60
CA ILE D 57 -31.44 -7.43 41.04
C ILE D 57 -30.50 -8.21 41.97
N TYR D 58 -29.78 -9.19 41.45
CA TYR D 58 -28.76 -9.94 42.21
C TYR D 58 -27.42 -9.38 41.80
N ALA D 59 -26.72 -8.72 42.72
CA ALA D 59 -25.44 -8.03 42.45
C ALA D 59 -24.38 -8.54 43.42
N THR D 60 -23.13 -8.43 43.00
CA THR D 60 -21.93 -8.82 43.76
C THR D 60 -20.77 -7.98 43.20
N GLY D 61 -19.79 -7.68 44.03
CA GLY D 61 -18.61 -6.90 43.61
C GLY D 61 -18.84 -5.44 43.89
N ASP D 62 -17.79 -4.65 43.72
CA ASP D 62 -17.75 -3.20 44.03
C ASP D 62 -17.86 -2.45 42.71
N PRO D 63 -18.99 -1.76 42.44
CA PRO D 63 -19.15 -1.11 41.13
C PRO D 63 -18.26 0.11 40.88
N LYS D 64 -16.93 0.01 40.99
CA LYS D 64 -16.03 1.20 40.98
C LYS D 64 -15.50 1.48 39.56
N GLY D 65 -15.86 0.68 38.56
CA GLY D 65 -15.23 0.72 37.24
C GLY D 65 -15.82 1.82 36.39
N ASN D 66 -15.06 2.32 35.41
CA ASN D 66 -15.46 3.48 34.55
C ASN D 66 -16.30 2.99 33.35
N HIS D 67 -16.46 1.69 33.12
CA HIS D 67 -17.23 1.10 32.00
C HIS D 67 -18.31 0.19 32.58
N GLU D 68 -19.45 -0.01 31.90
CA GLU D 68 -20.37 -1.16 32.15
C GLU D 68 -21.10 -1.54 30.85
N VAL D 69 -21.40 -2.82 30.67
CA VAL D 69 -22.25 -3.34 29.56
C VAL D 69 -23.37 -4.20 30.14
N ILE D 70 -24.55 -4.06 29.55
CA ILE D 70 -25.76 -4.90 29.82
C ILE D 70 -26.02 -5.73 28.56
N LEU D 71 -26.25 -7.03 28.69
CA LEU D 71 -26.86 -7.89 27.64
C LEU D 71 -28.25 -8.28 28.09
N GLU D 72 -29.28 -7.97 27.30
CA GLU D 72 -30.65 -8.48 27.54
C GLU D 72 -30.81 -9.71 26.65
N ILE D 73 -31.47 -10.75 27.17
CA ILE D 73 -31.65 -12.06 26.50
C ILE D 73 -33.16 -12.33 26.34
N ASP D 74 -33.63 -12.45 25.10
CA ASP D 74 -35.03 -12.85 24.78
C ASP D 74 -35.24 -14.24 25.38
N ASP D 75 -36.48 -14.62 25.66
CA ASP D 75 -36.83 -15.87 26.39
C ASP D 75 -36.31 -17.10 25.64
N ASP D 76 -36.27 -17.04 24.31
CA ASP D 76 -35.90 -18.20 23.45
C ASP D 76 -34.44 -18.07 22.96
N GLU D 77 -33.69 -17.10 23.46
CA GLU D 77 -32.31 -16.77 22.98
C GLU D 77 -31.26 -17.56 23.79
N THR D 78 -30.32 -18.22 23.11
CA THR D 78 -29.30 -19.10 23.77
C THR D 78 -27.93 -18.46 23.58
N ILE D 79 -26.95 -18.89 24.39
CA ILE D 79 -25.51 -18.50 24.26
C ILE D 79 -24.82 -19.51 23.33
N ILE D 80 -24.28 -19.06 22.19
CA ILE D 80 -23.65 -19.99 21.20
C ILE D 80 -22.12 -19.85 21.24
N GLY D 81 -21.60 -18.87 21.97
CA GLY D 81 -20.16 -18.54 22.03
C GLY D 81 -19.88 -17.74 23.27
N SER D 82 -18.85 -18.11 24.02
CA SER D 82 -18.65 -17.62 25.40
C SER D 82 -17.19 -17.75 25.82
N VAL D 83 -16.49 -16.62 25.92
CA VAL D 83 -15.04 -16.52 26.27
C VAL D 83 -14.93 -15.68 27.54
N ILE D 84 -14.26 -16.21 28.57
CA ILE D 84 -13.96 -15.45 29.82
C ILE D 84 -12.45 -15.34 29.95
N GLY D 85 -11.95 -14.10 29.99
CA GLY D 85 -10.55 -13.75 30.31
C GLY D 85 -10.28 -13.77 31.81
N TYR D 86 -9.15 -14.30 32.23
CA TYR D 86 -8.79 -14.35 33.66
C TYR D 86 -7.28 -14.46 33.84
N LYS D 87 -6.80 -14.12 35.04
CA LYS D 87 -5.42 -14.36 35.55
C LYS D 87 -5.47 -15.66 36.37
N LYS D 88 -4.72 -16.68 35.94
CA LYS D 88 -4.58 -18.02 36.59
C LYS D 88 -4.01 -17.85 37.99
N GLY D 89 -4.29 -18.81 38.88
CA GLY D 89 -3.58 -18.98 40.16
C GLY D 89 -4.51 -18.79 41.36
N ASN D 90 -3.96 -18.94 42.57
CA ASN D 90 -4.69 -18.67 43.84
C ASN D 90 -4.97 -17.16 43.95
N ASP D 91 -4.07 -16.30 43.46
CA ASP D 91 -4.23 -14.82 43.56
C ASP D 91 -4.93 -14.28 42.30
N GLY D 92 -5.67 -15.15 41.61
CA GLY D 92 -6.29 -14.85 40.31
C GLY D 92 -7.47 -13.91 40.42
N ARG D 93 -7.89 -13.42 39.25
CA ARG D 93 -8.96 -12.43 38.99
C ARG D 93 -9.61 -12.74 37.63
N CYS D 94 -10.89 -12.40 37.48
CA CYS D 94 -11.62 -12.44 36.19
C CYS D 94 -11.39 -11.09 35.52
N THR D 95 -10.92 -11.08 34.26
CA THR D 95 -10.47 -9.85 33.52
C THR D 95 -11.44 -9.45 32.38
N GLY D 96 -12.18 -10.38 31.78
CA GLY D 96 -13.03 -10.06 30.60
C GLY D 96 -14.12 -11.10 30.33
N VAL D 97 -15.22 -10.68 29.69
CA VAL D 97 -16.28 -11.61 29.16
C VAL D 97 -16.70 -11.18 27.74
N LYS D 98 -16.67 -12.12 26.79
CA LYS D 98 -17.28 -12.00 25.43
C LYS D 98 -18.43 -13.01 25.41
N LEU D 99 -19.65 -12.58 25.09
CA LEU D 99 -20.78 -13.51 24.89
C LEU D 99 -21.36 -13.23 23.50
N THR D 100 -21.77 -14.28 22.78
CA THR D 100 -22.46 -14.21 21.47
C THR D 100 -23.71 -15.09 21.56
N THR D 101 -24.84 -14.66 20.99
CA THR D 101 -26.16 -15.32 21.19
C THR D 101 -26.67 -15.93 19.90
N SER D 102 -27.70 -16.76 20.01
CA SER D 102 -28.43 -17.42 18.91
C SER D 102 -29.04 -16.41 17.93
N LYS D 103 -29.17 -15.12 18.32
CA LYS D 103 -29.78 -14.05 17.47
C LYS D 103 -28.72 -13.04 17.03
N GLY D 104 -27.43 -13.32 17.16
CA GLY D 104 -26.36 -12.46 16.64
C GLY D 104 -26.02 -11.29 17.55
N LYS D 105 -26.62 -11.19 18.74
CA LYS D 105 -26.22 -10.15 19.72
C LYS D 105 -24.89 -10.54 20.36
N SER D 106 -24.13 -9.57 20.83
CA SER D 106 -22.81 -9.83 21.42
C SER D 106 -22.36 -8.67 22.28
N ILE D 107 -21.72 -8.98 23.41
CA ILE D 107 -21.07 -7.97 24.29
C ILE D 107 -19.62 -8.38 24.53
N MET D 108 -18.82 -7.37 24.79
CA MET D 108 -17.40 -7.50 25.14
C MET D 108 -17.19 -6.63 26.37
N ALA D 109 -16.75 -7.26 27.47
CA ALA D 109 -16.38 -6.61 28.73
C ALA D 109 -14.94 -6.95 29.10
N GLY D 110 -14.13 -5.93 29.35
CA GLY D 110 -12.81 -6.09 29.99
C GLY D 110 -11.76 -6.50 28.99
N TYR D 111 -10.87 -7.38 29.44
CA TYR D 111 -9.52 -7.58 28.87
C TYR D 111 -9.25 -9.07 28.89
N PHE D 112 -8.35 -9.49 27.99
CA PHE D 112 -8.11 -10.90 27.56
C PHE D 112 -6.62 -11.15 27.37
N GLU D 113 -5.79 -10.64 28.28
CA GLU D 113 -4.32 -10.52 28.07
C GLU D 113 -3.58 -11.76 28.58
N GLU D 114 -4.10 -12.51 29.55
CA GLU D 114 -3.38 -13.70 30.13
C GLU D 114 -4.01 -15.03 29.70
N SER D 115 -5.08 -15.50 30.36
CA SER D 115 -5.72 -16.83 30.16
C SER D 115 -7.17 -16.71 29.68
N LEU D 116 -7.67 -17.71 28.93
CA LEU D 116 -9.03 -17.73 28.33
C LEU D 116 -9.68 -19.06 28.66
N ILE D 117 -11.00 -19.08 28.85
CA ILE D 117 -11.85 -20.31 28.70
C ILE D 117 -12.89 -20.07 27.61
N THR D 118 -13.10 -21.08 26.76
CA THR D 118 -14.25 -21.12 25.82
C THR D 118 -15.18 -22.11 26.51
N THR D 119 -16.32 -21.64 26.99
CA THR D 119 -17.19 -22.50 27.81
C THR D 119 -18.14 -23.33 26.97
N TYR D 120 -19.09 -23.96 27.65
CA TYR D 120 -20.19 -24.73 27.06
C TYR D 120 -21.23 -23.74 26.53
N THR D 121 -22.13 -24.19 25.68
CA THR D 121 -23.17 -23.26 25.16
C THR D 121 -24.55 -23.69 25.67
N GLY D 122 -25.57 -22.89 25.40
CA GLY D 122 -26.93 -23.26 25.81
C GLY D 122 -27.68 -22.09 26.42
N LYS D 123 -28.79 -22.37 27.07
CA LYS D 123 -29.62 -21.34 27.75
C LYS D 123 -28.98 -20.95 29.08
N LEU D 124 -28.44 -19.73 29.19
CA LEU D 124 -27.82 -19.23 30.45
C LEU D 124 -28.92 -19.17 31.54
N ALA D 125 -28.69 -19.88 32.66
CA ALA D 125 -29.63 -20.05 33.80
C ALA D 125 -29.08 -19.43 35.08
N GLY D 126 -27.75 -19.31 35.26
CA GLY D 126 -27.16 -18.70 36.46
C GLY D 126 -25.69 -18.35 36.30
N ILE D 127 -25.07 -17.86 37.38
CA ILE D 127 -23.61 -17.62 37.50
C ILE D 127 -23.18 -17.99 38.93
N LYS D 128 -21.91 -18.32 39.14
CA LYS D 128 -21.34 -18.57 40.49
C LYS D 128 -19.85 -18.20 40.48
N GLY D 129 -19.30 -17.92 41.65
CA GLY D 129 -17.89 -17.53 41.80
C GLY D 129 -17.65 -16.85 43.13
N GLY D 130 -16.78 -15.84 43.13
CA GLY D 130 -16.44 -15.04 44.31
C GLY D 130 -16.00 -13.62 43.94
N ALA D 131 -16.41 -12.64 44.73
CA ALA D 131 -16.08 -11.22 44.49
C ALA D 131 -15.83 -10.50 45.82
N GLY D 132 -14.92 -9.53 45.77
CA GLY D 132 -14.74 -8.48 46.79
C GLY D 132 -14.67 -7.14 46.11
N SER D 133 -13.51 -6.52 46.10
CA SER D 133 -13.25 -5.30 45.31
C SER D 133 -13.39 -5.61 43.81
N ASP D 134 -13.13 -6.88 43.46
CA ASP D 134 -13.02 -7.39 42.07
C ASP D 134 -13.90 -8.63 41.94
N ILE D 135 -14.11 -9.10 40.73
CA ILE D 135 -14.61 -10.49 40.50
C ILE D 135 -13.39 -11.42 40.51
N ASP D 136 -13.20 -12.16 41.60
CA ASP D 136 -12.03 -13.08 41.74
C ASP D 136 -12.20 -14.21 40.73
N ARG D 137 -13.42 -14.74 40.62
CA ARG D 137 -13.68 -16.02 39.95
C ARG D 137 -15.14 -15.99 39.44
N LEU D 138 -15.37 -16.49 38.22
CA LEU D 138 -16.69 -16.55 37.54
C LEU D 138 -16.88 -17.90 36.81
N GLY D 139 -18.00 -18.59 37.05
CA GLY D 139 -18.45 -19.75 36.28
C GLY D 139 -19.87 -19.54 35.78
N LEU D 140 -20.16 -19.93 34.54
CA LEU D 140 -21.52 -19.81 33.95
C LEU D 140 -22.31 -21.07 34.28
N ILE D 141 -23.64 -21.01 34.18
CA ILE D 141 -24.56 -22.15 34.49
C ILE D 141 -25.67 -22.20 33.44
N PHE D 142 -25.88 -23.36 32.82
CA PHE D 142 -26.75 -23.54 31.63
C PHE D 142 -27.76 -24.64 31.94
N LEU D 143 -28.94 -24.64 31.30
CA LEU D 143 -29.94 -25.76 31.28
C LEU D 143 -29.43 -26.96 30.45
N LYS D 144 -29.84 -28.20 30.77
CA LYS D 144 -29.39 -29.44 30.05
C LYS D 144 -30.08 -29.58 28.67
N ASP E 5 -10.45 -51.66 17.57
CA ASP E 5 -11.10 -51.13 18.79
C ASP E 5 -12.41 -50.43 18.37
N ASN E 6 -12.96 -49.54 19.22
CA ASN E 6 -13.98 -48.51 18.87
C ASN E 6 -13.32 -47.12 18.93
N TYR E 7 -11.99 -47.06 18.89
CA TYR E 7 -11.18 -45.83 19.02
C TYR E 7 -10.27 -45.65 17.79
N ILE E 8 -10.08 -44.41 17.34
CA ILE E 8 -9.01 -43.96 16.37
C ILE E 8 -7.84 -43.35 17.16
N TYR E 9 -6.62 -43.86 17.01
CA TYR E 9 -5.41 -43.37 17.74
C TYR E 9 -4.61 -42.46 16.81
N SER E 10 -4.68 -41.15 17.00
CA SER E 10 -3.80 -40.20 16.27
C SER E 10 -2.35 -40.42 16.77
N THR E 11 -1.38 -40.25 15.89
CA THR E 11 0.08 -40.33 16.18
C THR E 11 0.44 -39.48 17.40
N GLU E 12 1.20 -40.10 18.30
CA GLU E 12 1.92 -39.43 19.40
C GLU E 12 3.13 -38.72 18.79
N VAL E 13 3.19 -37.39 18.91
CA VAL E 13 4.27 -36.52 18.36
C VAL E 13 5.06 -35.94 19.53
N GLY E 14 6.38 -35.81 19.31
CA GLY E 14 7.35 -35.28 20.28
C GLY E 14 8.38 -36.34 20.62
N GLY E 15 8.98 -36.25 21.81
CA GLY E 15 10.10 -37.12 22.22
C GLY E 15 9.63 -38.36 22.98
N VAL E 16 10.59 -39.18 23.36
CA VAL E 16 10.38 -40.45 24.13
C VAL E 16 10.54 -40.19 25.64
N GLY E 17 10.69 -38.94 26.08
CA GLY E 17 10.90 -38.61 27.51
C GLY E 17 9.61 -38.66 28.33
N GLY E 18 9.73 -38.44 29.65
CA GLY E 18 8.62 -38.25 30.60
C GLY E 18 7.94 -39.55 31.05
N THR E 19 6.98 -39.41 31.95
CA THR E 19 6.17 -40.52 32.47
C THR E 19 4.98 -40.71 31.53
N PRO E 20 4.76 -41.93 30.98
CA PRO E 20 3.54 -42.22 30.24
C PRO E 20 2.24 -41.89 30.97
N PHE E 21 1.24 -41.44 30.22
CA PHE E 21 -0.13 -41.21 30.71
C PHE E 21 -1.10 -41.63 29.62
N THR E 22 -2.25 -42.14 30.04
CA THR E 22 -3.42 -42.47 29.19
C THR E 22 -4.66 -41.99 29.94
N PHE E 23 -5.36 -41.00 29.39
CA PHE E 23 -6.63 -40.49 29.93
C PHE E 23 -7.74 -40.99 29.01
N MET E 24 -8.44 -42.01 29.44
CA MET E 24 -9.57 -42.53 28.67
C MET E 24 -10.53 -43.12 29.69
N GLN E 25 -11.81 -42.84 29.54
CA GLN E 25 -12.81 -43.45 30.44
C GLN E 25 -13.81 -44.17 29.53
N GLU E 26 -14.01 -45.46 29.79
CA GLU E 26 -14.92 -46.33 29.01
C GLU E 26 -16.32 -45.76 29.04
N SER E 27 -16.91 -45.63 27.84
CA SER E 27 -18.27 -45.11 27.55
C SER E 27 -18.37 -43.60 27.81
N GLY E 28 -17.24 -42.91 27.93
CA GLY E 28 -17.20 -41.47 28.23
C GLY E 28 -16.33 -40.75 27.22
N THR E 29 -16.51 -39.45 27.17
CA THR E 29 -15.76 -38.55 26.25
C THR E 29 -15.27 -37.34 27.04
N ILE E 30 -14.32 -36.59 26.47
CA ILE E 30 -13.69 -35.39 27.10
C ILE E 30 -14.69 -34.24 27.06
N THR E 31 -15.08 -33.74 28.22
CA THR E 31 -15.99 -32.59 28.42
C THR E 31 -15.17 -31.30 28.58
N SER E 32 -13.92 -31.42 29.04
CA SER E 32 -13.06 -30.26 29.34
C SER E 32 -11.60 -30.68 29.16
N ILE E 33 -10.79 -29.77 28.63
CA ILE E 33 -9.31 -29.96 28.54
C ILE E 33 -8.64 -28.59 28.73
N LYS E 34 -7.49 -28.59 29.39
CA LYS E 34 -6.74 -27.37 29.75
C LYS E 34 -5.28 -27.55 29.31
N PHE E 35 -4.69 -26.52 28.70
CA PHE E 35 -3.28 -26.52 28.22
C PHE E 35 -2.53 -25.39 28.90
N ASN E 36 -1.49 -25.71 29.64
CA ASN E 36 -0.61 -24.72 30.31
C ASN E 36 0.72 -24.67 29.55
N TRP E 37 1.25 -23.47 29.28
CA TRP E 37 2.47 -23.28 28.45
C TRP E 37 3.24 -22.01 28.86
N SER E 38 4.52 -21.93 28.46
CA SER E 38 5.43 -20.80 28.84
C SER E 38 5.93 -20.07 27.60
N ASP E 39 6.04 -18.73 27.69
CA ASP E 39 6.74 -17.88 26.69
C ASP E 39 8.24 -18.09 26.90
N GLN E 40 8.65 -18.36 28.15
CA GLN E 40 10.07 -18.65 28.49
C GLN E 40 10.63 -19.72 27.53
N TYR E 41 10.02 -20.90 27.51
CA TYR E 41 10.55 -22.12 26.84
C TYR E 41 9.78 -22.42 25.55
N LYS E 42 8.61 -21.83 25.35
CA LYS E 42 7.75 -22.09 24.14
C LYS E 42 7.41 -23.58 24.06
N LEU E 43 6.98 -24.17 25.17
CA LEU E 43 6.57 -25.59 25.27
C LEU E 43 5.24 -25.64 26.02
N LEU E 44 4.46 -26.68 25.79
CA LEU E 44 3.42 -27.13 26.75
C LEU E 44 4.12 -27.75 27.96
N HIS E 45 3.71 -27.42 29.18
CA HIS E 45 4.25 -27.99 30.42
C HIS E 45 3.21 -28.90 31.09
N HIS E 46 1.91 -28.66 30.91
CA HIS E 46 0.85 -29.27 31.77
C HIS E 46 -0.51 -29.36 31.05
N ILE E 47 -1.22 -30.48 31.22
CA ILE E 47 -2.55 -30.76 30.59
C ILE E 47 -3.47 -31.32 31.66
N GLU E 48 -4.67 -30.77 31.83
CA GLU E 48 -5.79 -31.39 32.59
C GLU E 48 -7.01 -31.68 31.69
N VAL E 49 -7.72 -32.74 32.07
CA VAL E 49 -8.82 -33.37 31.28
C VAL E 49 -9.90 -33.77 32.30
N LYS E 50 -11.14 -33.48 31.94
CA LYS E 50 -12.34 -33.88 32.70
C LYS E 50 -13.18 -34.71 31.74
N PHE E 51 -13.80 -35.78 32.21
CA PHE E 51 -14.64 -36.59 31.31
C PHE E 51 -16.08 -36.47 31.73
N ILE E 52 -16.99 -36.80 30.83
CA ILE E 52 -18.46 -36.82 31.05
C ILE E 52 -18.75 -37.76 32.22
N ASN E 53 -19.58 -37.30 33.16
CA ASN E 53 -20.03 -38.06 34.36
C ASN E 53 -18.86 -38.39 35.29
N ASN E 54 -17.91 -37.48 35.41
CA ASN E 54 -16.76 -37.74 36.30
C ASN E 54 -16.26 -36.39 36.79
N ALA E 55 -16.30 -36.17 38.09
CA ALA E 55 -15.86 -34.88 38.67
C ALA E 55 -14.34 -34.85 38.82
N ASN E 56 -13.69 -36.02 38.65
CA ASN E 56 -12.23 -36.21 38.82
C ASN E 56 -11.47 -35.48 37.73
N ILE E 57 -10.39 -34.82 38.12
CA ILE E 57 -9.46 -34.02 37.27
C ILE E 57 -8.20 -34.85 37.04
N TYR E 58 -7.96 -35.32 35.81
CA TYR E 58 -6.74 -36.07 35.40
C TYR E 58 -5.72 -35.05 34.87
N ALA E 59 -4.55 -35.04 35.48
CA ALA E 59 -3.48 -34.04 35.23
C ALA E 59 -2.13 -34.74 34.97
N THR E 60 -1.27 -34.10 34.21
CA THR E 60 0.10 -34.58 33.87
C THR E 60 0.92 -33.35 33.50
N GLY E 61 2.22 -33.43 33.73
CA GLY E 61 3.12 -32.28 33.51
C GLY E 61 3.23 -31.41 34.73
N ASP E 62 4.10 -30.41 34.69
CA ASP E 62 4.35 -29.45 35.79
C ASP E 62 3.71 -28.11 35.42
N PRO E 63 2.70 -27.62 36.18
CA PRO E 63 1.98 -26.40 35.78
C PRO E 63 2.80 -25.12 35.99
N LYS E 64 3.94 -25.01 35.31
CA LYS E 64 5.02 -24.01 35.57
C LYS E 64 4.84 -22.80 34.64
N GLY E 65 4.01 -22.91 33.60
CA GLY E 65 3.88 -21.89 32.53
C GLY E 65 3.05 -20.67 32.93
N ASN E 66 3.15 -19.59 32.15
CA ASN E 66 2.53 -18.27 32.48
C ASN E 66 1.21 -18.08 31.72
N HIS E 67 0.77 -19.06 30.90
CA HIS E 67 -0.52 -19.04 30.15
C HIS E 67 -1.30 -20.34 30.37
N GLU E 68 -2.64 -20.29 30.38
CA GLU E 68 -3.47 -21.54 30.33
C GLU E 68 -4.74 -21.26 29.53
N VAL E 69 -5.17 -22.20 28.65
CA VAL E 69 -6.52 -22.16 27.97
C VAL E 69 -7.31 -23.41 28.32
N ILE E 70 -8.63 -23.23 28.48
CA ILE E 70 -9.61 -24.32 28.72
C ILE E 70 -10.59 -24.33 27.54
N LEU E 71 -10.82 -25.49 26.93
CA LEU E 71 -11.95 -25.72 26.00
C LEU E 71 -12.93 -26.63 26.71
N GLU E 72 -14.19 -26.19 26.78
CA GLU E 72 -15.35 -26.97 27.30
C GLU E 72 -16.05 -27.55 26.05
N ILE E 73 -16.41 -28.83 26.09
CA ILE E 73 -17.00 -29.53 24.90
C ILE E 73 -18.38 -30.03 25.29
N ASP E 74 -19.41 -29.50 24.61
CA ASP E 74 -20.85 -29.90 24.74
C ASP E 74 -20.90 -31.39 24.40
N ASP E 75 -21.93 -32.09 24.87
CA ASP E 75 -22.00 -33.57 24.73
C ASP E 75 -22.01 -33.89 23.22
N ASP E 76 -22.67 -33.10 22.37
CA ASP E 76 -22.84 -33.40 20.92
C ASP E 76 -21.78 -32.67 20.07
N GLU E 77 -20.76 -32.10 20.73
CA GLU E 77 -19.70 -31.34 20.01
C GLU E 77 -18.54 -32.24 19.60
N THR E 78 -18.08 -32.09 18.35
CA THR E 78 -16.92 -32.86 17.82
C THR E 78 -15.78 -31.89 17.51
N ILE E 79 -14.57 -32.42 17.35
CA ILE E 79 -13.41 -31.68 16.79
C ILE E 79 -13.47 -31.79 15.26
N ILE E 80 -13.43 -30.67 14.53
CA ILE E 80 -13.41 -30.67 13.03
C ILE E 80 -12.06 -30.18 12.48
N GLY E 81 -11.17 -29.66 13.35
CA GLY E 81 -9.84 -29.13 13.00
C GLY E 81 -8.87 -29.27 14.16
N SER E 82 -7.71 -29.87 13.95
CA SER E 82 -6.75 -30.20 15.01
C SER E 82 -5.33 -30.17 14.47
N VAL E 83 -4.49 -29.29 15.04
CA VAL E 83 -3.04 -29.18 14.75
C VAL E 83 -2.28 -29.25 16.07
N ILE E 84 -1.26 -30.09 16.13
CA ILE E 84 -0.33 -30.15 17.29
C ILE E 84 1.06 -29.77 16.76
N GLY E 85 1.68 -28.77 17.39
CA GLY E 85 3.06 -28.37 17.11
C GLY E 85 4.00 -29.06 18.05
N TYR E 86 5.11 -29.58 17.54
CA TYR E 86 6.12 -30.37 18.33
C TYR E 86 7.53 -30.20 17.75
N LYS E 87 8.55 -30.43 18.58
CA LYS E 87 9.96 -30.60 18.15
C LYS E 87 10.16 -32.09 17.94
N LYS E 88 10.50 -32.51 16.71
CA LYS E 88 10.72 -33.93 16.32
C LYS E 88 11.98 -34.46 17.00
N GLY E 89 12.20 -35.77 16.87
CA GLY E 89 13.38 -36.46 17.42
C GLY E 89 13.19 -36.98 18.84
N ASN E 90 14.13 -37.82 19.28
CA ASN E 90 14.10 -38.53 20.58
C ASN E 90 13.99 -37.51 21.71
N ASP E 91 14.67 -36.38 21.58
CA ASP E 91 14.75 -35.31 22.60
C ASP E 91 13.57 -34.34 22.44
N GLY E 92 12.55 -34.73 21.65
CA GLY E 92 11.46 -33.85 21.23
C GLY E 92 10.57 -33.42 22.39
N ARG E 93 9.58 -32.60 22.06
CA ARG E 93 8.65 -31.94 23.00
C ARG E 93 7.42 -31.54 22.18
N CYS E 94 6.28 -31.48 22.81
CA CYS E 94 5.06 -30.92 22.22
C CYS E 94 4.98 -29.43 22.61
N THR E 95 4.84 -28.54 21.63
CA THR E 95 5.06 -27.07 21.73
C THR E 95 3.73 -26.29 21.65
N GLY E 96 2.66 -26.87 21.03
CA GLY E 96 1.40 -26.13 20.76
C GLY E 96 0.21 -27.02 20.36
N VAL E 97 -1.01 -26.55 20.58
CA VAL E 97 -2.28 -27.22 20.14
C VAL E 97 -3.24 -26.11 19.69
N LYS E 98 -3.78 -26.24 18.46
CA LYS E 98 -4.94 -25.48 17.92
C LYS E 98 -6.08 -26.51 17.71
N LEU E 99 -7.23 -26.31 18.37
CA LEU E 99 -8.47 -27.13 18.17
C LEU E 99 -9.62 -26.24 17.72
N THR E 100 -10.40 -26.70 16.74
CA THR E 100 -11.69 -26.10 16.30
C THR E 100 -12.77 -27.18 16.39
N THR E 101 -14.00 -26.79 16.72
CA THR E 101 -15.13 -27.69 17.01
C THR E 101 -16.29 -27.49 16.02
N SER E 102 -17.27 -28.39 16.13
CA SER E 102 -18.48 -28.47 15.26
C SER E 102 -19.38 -27.26 15.51
N LYS E 103 -19.03 -26.40 16.47
CA LYS E 103 -19.87 -25.26 16.92
C LYS E 103 -19.11 -23.91 16.83
N GLY E 104 -17.97 -23.84 16.13
CA GLY E 104 -17.21 -22.59 15.93
C GLY E 104 -16.31 -22.24 17.11
N LYS E 105 -16.26 -23.07 18.16
CA LYS E 105 -15.34 -22.81 19.30
C LYS E 105 -13.94 -23.21 18.87
N SER E 106 -12.94 -22.47 19.32
CA SER E 106 -11.53 -22.75 18.95
C SER E 106 -10.61 -22.23 20.05
N ILE E 107 -9.46 -22.89 20.23
CA ILE E 107 -8.42 -22.50 21.20
C ILE E 107 -7.07 -22.68 20.55
N MET E 108 -6.11 -21.90 21.02
CA MET E 108 -4.73 -21.86 20.50
C MET E 108 -3.84 -21.79 21.73
N ALA E 109 -2.99 -22.79 21.94
CA ALA E 109 -2.04 -22.90 23.07
C ALA E 109 -0.64 -23.04 22.48
N GLY E 110 0.32 -22.28 23.00
CA GLY E 110 1.77 -22.47 22.75
C GLY E 110 2.23 -21.95 21.40
N TYR E 111 3.15 -22.68 20.76
CA TYR E 111 3.99 -22.23 19.62
C TYR E 111 4.04 -23.31 18.53
N PHE E 112 4.19 -22.85 17.30
CA PHE E 112 4.21 -23.69 16.07
C PHE E 112 5.44 -23.31 15.24
N GLU E 113 6.64 -23.42 15.81
CA GLU E 113 7.85 -23.02 15.07
C GLU E 113 8.60 -24.21 14.48
N GLU E 114 8.25 -25.44 14.85
CA GLU E 114 9.00 -26.59 14.30
C GLU E 114 8.10 -27.46 13.44
N SER E 115 7.77 -28.65 13.90
CA SER E 115 6.93 -29.59 13.11
C SER E 115 5.45 -29.48 13.46
N LEU E 116 4.59 -29.96 12.59
CA LEU E 116 3.12 -29.89 12.79
C LEU E 116 2.46 -31.16 12.33
N ILE E 117 1.41 -31.58 13.01
CA ILE E 117 0.53 -32.66 12.51
C ILE E 117 -0.88 -32.07 12.43
N THR E 118 -1.57 -32.38 11.34
CA THR E 118 -3.02 -32.12 11.20
C THR E 118 -3.59 -33.50 11.46
N THR E 119 -4.16 -33.69 12.63
CA THR E 119 -4.63 -35.02 13.07
C THR E 119 -5.99 -35.40 12.49
N TYR E 120 -6.47 -36.56 12.95
CA TYR E 120 -7.80 -37.10 12.63
C TYR E 120 -8.84 -36.27 13.37
N THR E 121 -10.06 -36.25 12.89
CA THR E 121 -11.12 -35.47 13.57
C THR E 121 -12.20 -36.40 14.11
N GLY E 122 -13.14 -35.88 14.88
CA GLY E 122 -14.23 -36.68 15.44
C GLY E 122 -14.52 -36.30 16.88
N LYS E 123 -15.23 -37.16 17.59
CA LYS E 123 -15.61 -36.93 19.02
C LYS E 123 -14.41 -37.26 19.90
N LEU E 124 -13.74 -36.27 20.48
CA LEU E 124 -12.54 -36.48 21.33
C LEU E 124 -12.90 -37.37 22.53
N ALA E 125 -12.34 -38.57 22.59
CA ALA E 125 -12.52 -39.56 23.68
C ALA E 125 -11.42 -39.43 24.72
N GLY E 126 -10.16 -39.26 24.31
CA GLY E 126 -9.01 -39.33 25.23
C GLY E 126 -7.73 -38.76 24.68
N ILE E 127 -6.69 -38.75 25.50
CA ILE E 127 -5.31 -38.35 25.10
C ILE E 127 -4.31 -39.31 25.74
N LYS E 128 -3.16 -39.52 25.12
CA LYS E 128 -2.08 -40.40 25.66
C LYS E 128 -0.74 -39.68 25.38
N GLY E 129 0.31 -40.01 26.10
CA GLY E 129 1.65 -39.48 25.81
C GLY E 129 2.57 -39.59 27.02
N GLY E 130 3.51 -38.65 27.12
CA GLY E 130 4.50 -38.60 28.20
C GLY E 130 4.74 -37.18 28.64
N ALA E 131 5.01 -37.01 29.94
CA ALA E 131 5.20 -35.68 30.54
C ALA E 131 6.06 -35.76 31.80
N GLY E 132 6.81 -34.68 32.05
CA GLY E 132 7.55 -34.43 33.31
C GLY E 132 7.50 -32.97 33.68
N SER E 133 8.59 -32.22 33.45
CA SER E 133 8.65 -30.74 33.51
C SER E 133 7.85 -30.18 32.32
N ASP E 134 7.79 -30.96 31.24
CA ASP E 134 7.21 -30.56 29.92
C ASP E 134 6.28 -31.67 29.43
N ILE E 135 5.42 -31.33 28.47
CA ILE E 135 4.70 -32.35 27.64
C ILE E 135 5.70 -32.83 26.61
N ASP E 136 6.24 -34.02 26.80
CA ASP E 136 7.22 -34.62 25.86
C ASP E 136 6.48 -35.03 24.58
N ARG E 137 5.26 -35.56 24.71
CA ARG E 137 4.60 -36.26 23.59
C ARG E 137 3.10 -36.24 23.84
N LEU E 138 2.30 -36.09 22.77
CA LEU E 138 0.81 -36.02 22.83
C LEU E 138 0.20 -36.73 21.62
N GLY E 139 -0.75 -37.61 21.87
CA GLY E 139 -1.61 -38.25 20.88
C GLY E 139 -3.06 -38.04 21.28
N LEU E 140 -3.91 -37.70 20.33
CA LEU E 140 -5.36 -37.61 20.58
C LEU E 140 -6.00 -38.97 20.31
N ILE E 141 -7.15 -39.23 20.92
CA ILE E 141 -7.96 -40.46 20.73
C ILE E 141 -9.41 -40.03 20.43
N PHE E 142 -9.99 -40.53 19.33
CA PHE E 142 -11.37 -40.23 18.87
C PHE E 142 -12.25 -41.50 18.83
N LEU E 143 -13.59 -41.35 18.95
CA LEU E 143 -14.57 -42.44 18.71
C LEU E 143 -14.70 -42.72 17.21
N LYS E 144 -14.92 -43.97 16.76
CA LYS E 144 -15.06 -44.37 15.32
C LYS E 144 -16.38 -43.86 14.72
N ASP F 5 -53.94 5.97 0.08
CA ASP F 5 -53.52 5.86 -1.35
C ASP F 5 -52.97 4.44 -1.59
N ASN F 6 -52.45 4.17 -2.79
CA ASN F 6 -51.70 2.94 -3.15
C ASN F 6 -50.18 3.24 -3.08
N TYR F 7 -49.79 4.40 -2.52
CA TYR F 7 -48.37 4.86 -2.38
C TYR F 7 -47.95 5.06 -0.91
N ILE F 8 -46.67 4.83 -0.62
CA ILE F 8 -45.97 5.14 0.66
C ILE F 8 -45.15 6.41 0.43
N TYR F 9 -45.27 7.42 1.30
CA TYR F 9 -44.54 8.71 1.16
C TYR F 9 -43.42 8.75 2.21
N SER F 10 -42.16 8.66 1.77
CA SER F 10 -41.01 8.86 2.67
C SER F 10 -40.97 10.34 3.03
N THR F 11 -40.46 10.65 4.21
CA THR F 11 -40.25 12.02 4.71
C THR F 11 -39.44 12.79 3.67
N GLU F 12 -39.90 13.98 3.32
CA GLU F 12 -39.12 15.06 2.66
C GLU F 12 -38.12 15.62 3.68
N VAL F 13 -36.83 15.55 3.39
CA VAL F 13 -35.71 16.01 4.26
C VAL F 13 -35.02 17.17 3.58
N GLY F 14 -34.67 18.23 4.34
CA GLY F 14 -33.99 19.41 3.76
C GLY F 14 -34.49 20.70 4.39
N GLY F 15 -34.99 21.63 3.55
CA GLY F 15 -35.49 22.93 4.04
C GLY F 15 -36.91 23.20 3.57
N VAL F 16 -37.29 24.49 3.49
CA VAL F 16 -38.66 24.89 3.06
C VAL F 16 -38.54 25.72 1.77
N GLY F 17 -37.32 25.98 1.32
CA GLY F 17 -37.07 26.76 0.09
C GLY F 17 -37.38 26.03 -1.22
N GLY F 18 -37.22 26.75 -2.34
CA GLY F 18 -37.35 26.23 -3.70
C GLY F 18 -38.79 26.16 -4.18
N THR F 19 -38.97 25.89 -5.46
CA THR F 19 -40.26 25.58 -6.11
C THR F 19 -40.62 24.13 -5.83
N PRO F 20 -41.82 23.85 -5.27
CA PRO F 20 -42.33 22.48 -5.15
C PRO F 20 -42.27 21.73 -6.48
N PHE F 21 -42.12 20.41 -6.39
CA PHE F 21 -42.24 19.48 -7.54
C PHE F 21 -42.81 18.18 -7.00
N THR F 22 -43.58 17.47 -7.81
CA THR F 22 -44.10 16.12 -7.53
C THR F 22 -44.06 15.36 -8.86
N PHE F 23 -43.28 14.29 -8.92
CA PHE F 23 -43.12 13.46 -10.12
C PHE F 23 -43.72 12.10 -9.83
N MET F 24 -44.91 11.83 -10.37
CA MET F 24 -45.56 10.50 -10.37
C MET F 24 -46.38 10.33 -11.66
N GLN F 25 -46.50 9.09 -12.15
CA GLN F 25 -47.29 8.83 -13.37
C GLN F 25 -48.24 7.69 -13.05
N GLU F 26 -49.53 7.87 -13.36
CA GLU F 26 -50.56 6.84 -13.09
C GLU F 26 -50.10 5.50 -13.68
N SER F 27 -50.14 4.44 -12.87
CA SER F 27 -49.71 3.09 -13.31
C SER F 27 -48.32 3.21 -13.96
N GLY F 28 -47.38 3.81 -13.25
CA GLY F 28 -46.05 4.01 -13.83
C GLY F 28 -45.02 4.15 -12.74
N THR F 29 -43.95 3.40 -12.88
CA THR F 29 -42.82 3.44 -11.92
C THR F 29 -41.61 4.13 -12.56
N ILE F 30 -40.69 4.65 -11.74
CA ILE F 30 -39.40 5.25 -12.21
C ILE F 30 -38.52 4.16 -12.86
N THR F 31 -38.14 4.40 -14.11
CA THR F 31 -37.23 3.56 -14.92
C THR F 31 -35.80 4.14 -14.91
N SER F 32 -35.62 5.46 -14.74
CA SER F 32 -34.29 6.12 -14.72
C SER F 32 -34.31 7.35 -13.82
N ILE F 33 -33.29 7.53 -12.97
CA ILE F 33 -33.12 8.74 -12.11
C ILE F 33 -31.66 9.22 -12.16
N LYS F 34 -31.48 10.54 -12.32
CA LYS F 34 -30.17 11.22 -12.44
C LYS F 34 -30.02 12.23 -11.30
N PHE F 35 -28.87 12.23 -10.62
CA PHE F 35 -28.49 13.20 -9.57
C PHE F 35 -27.27 13.98 -10.05
N ASN F 36 -27.37 15.31 -10.09
CA ASN F 36 -26.27 16.28 -10.33
C ASN F 36 -25.92 16.96 -9.00
N TRP F 37 -24.62 17.14 -8.72
CA TRP F 37 -24.05 17.67 -7.47
C TRP F 37 -22.65 18.26 -7.68
N SER F 38 -22.23 19.13 -6.76
CA SER F 38 -20.97 19.91 -6.82
C SER F 38 -20.04 19.48 -5.68
N ASP F 39 -18.72 19.49 -5.94
CA ASP F 39 -17.66 19.46 -4.90
C ASP F 39 -17.57 20.85 -4.23
N GLN F 40 -17.90 21.92 -4.95
CA GLN F 40 -17.76 23.32 -4.45
C GLN F 40 -18.75 23.52 -3.30
N TYR F 41 -20.01 23.12 -3.46
CA TYR F 41 -21.07 23.38 -2.45
C TYR F 41 -21.41 22.13 -1.65
N LYS F 42 -21.05 20.92 -2.09
CA LYS F 42 -21.36 19.63 -1.40
C LYS F 42 -22.88 19.52 -1.25
N LEU F 43 -23.61 19.79 -2.31
CA LEU F 43 -25.09 19.72 -2.35
C LEU F 43 -25.49 18.96 -3.61
N LEU F 44 -26.69 18.40 -3.62
CA LEU F 44 -27.44 18.10 -4.86
C LEU F 44 -27.95 19.43 -5.43
N HIS F 45 -27.83 19.61 -6.74
CA HIS F 45 -28.33 20.81 -7.46
C HIS F 45 -29.51 20.46 -8.39
N HIS F 46 -29.59 19.23 -8.90
CA HIS F 46 -30.53 18.93 -10.01
C HIS F 46 -30.90 17.45 -9.98
N ILE F 47 -32.12 17.13 -10.39
CA ILE F 47 -32.62 15.72 -10.46
C ILE F 47 -33.44 15.63 -11.73
N GLU F 48 -33.29 14.53 -12.47
CA GLU F 48 -34.10 14.14 -13.64
C GLU F 48 -34.58 12.72 -13.44
N VAL F 49 -35.78 12.46 -13.94
CA VAL F 49 -36.58 11.23 -13.70
C VAL F 49 -37.26 10.88 -15.02
N LYS F 50 -37.33 9.60 -15.37
CA LYS F 50 -38.17 9.07 -16.45
C LYS F 50 -39.03 7.93 -15.88
N PHE F 51 -40.23 7.78 -16.42
CA PHE F 51 -41.16 6.70 -16.02
C PHE F 51 -41.29 5.69 -17.15
N ILE F 52 -41.71 4.49 -16.80
CA ILE F 52 -42.03 3.36 -17.70
C ILE F 52 -43.04 3.82 -18.77
N ASN F 53 -42.84 3.44 -20.03
CA ASN F 53 -43.79 3.68 -21.16
C ASN F 53 -43.98 5.18 -21.33
N ASN F 54 -42.90 5.98 -21.26
CA ASN F 54 -42.99 7.47 -21.24
C ASN F 54 -41.59 8.07 -21.46
N ALA F 55 -41.41 8.73 -22.62
CA ALA F 55 -40.10 9.20 -23.13
C ALA F 55 -39.81 10.60 -22.60
N ASN F 56 -40.77 11.26 -21.93
CA ASN F 56 -40.55 12.62 -21.35
C ASN F 56 -39.60 12.55 -20.16
N ILE F 57 -38.78 13.59 -20.02
CA ILE F 57 -37.76 13.77 -18.94
C ILE F 57 -38.30 14.84 -17.99
N TYR F 58 -38.61 14.49 -16.74
CA TYR F 58 -39.06 15.44 -15.70
C TYR F 58 -37.84 15.88 -14.88
N ALA F 59 -37.59 17.19 -14.86
CA ALA F 59 -36.35 17.81 -14.32
C ALA F 59 -36.70 18.92 -13.33
N THR F 60 -35.87 19.10 -12.31
CA THR F 60 -35.96 20.17 -11.28
C THR F 60 -34.55 20.52 -10.79
N GLY F 61 -34.36 21.77 -10.37
CA GLY F 61 -33.09 22.35 -9.91
C GLY F 61 -32.30 22.84 -11.10
N ASP F 62 -31.09 23.36 -10.86
CA ASP F 62 -30.16 23.94 -11.86
C ASP F 62 -28.97 22.98 -11.97
N PRO F 63 -28.63 22.47 -13.19
CA PRO F 63 -27.59 21.46 -13.38
C PRO F 63 -26.19 22.07 -13.46
N LYS F 64 -25.79 22.79 -12.42
CA LYS F 64 -24.51 23.55 -12.37
C LYS F 64 -23.36 22.72 -11.74
N GLY F 65 -23.67 21.53 -11.22
CA GLY F 65 -22.71 20.67 -10.50
C GLY F 65 -21.74 20.00 -11.44
N ASN F 66 -20.57 19.60 -10.94
CA ASN F 66 -19.48 19.04 -11.77
C ASN F 66 -19.53 17.49 -11.81
N HIS F 67 -20.51 16.84 -11.16
CA HIS F 67 -20.70 15.36 -11.19
C HIS F 67 -22.18 15.01 -11.51
N GLU F 68 -22.43 13.88 -12.19
CA GLU F 68 -23.80 13.29 -12.26
C GLU F 68 -23.69 11.77 -12.13
N VAL F 69 -24.70 11.12 -11.54
CA VAL F 69 -24.90 9.66 -11.68
C VAL F 69 -26.32 9.39 -12.18
N ILE F 70 -26.46 8.35 -12.99
CA ILE F 70 -27.77 7.83 -13.44
C ILE F 70 -27.94 6.43 -12.85
N LEU F 71 -29.11 6.13 -12.30
CA LEU F 71 -29.52 4.75 -11.99
C LEU F 71 -30.64 4.38 -12.96
N GLU F 72 -30.49 3.27 -13.71
CA GLU F 72 -31.58 2.66 -14.52
C GLU F 72 -32.12 1.46 -13.75
N ILE F 73 -33.44 1.28 -13.76
CA ILE F 73 -34.16 0.33 -12.87
C ILE F 73 -34.95 -0.62 -13.76
N ASP F 74 -34.65 -1.91 -13.70
CA ASP F 74 -35.35 -2.97 -14.49
C ASP F 74 -36.79 -2.95 -13.99
N ASP F 75 -37.74 -3.47 -14.75
CA ASP F 75 -39.18 -3.35 -14.42
C ASP F 75 -39.52 -4.10 -13.13
N ASP F 76 -38.80 -5.18 -12.83
CA ASP F 76 -39.05 -5.99 -11.60
C ASP F 76 -38.10 -5.61 -10.45
N GLU F 77 -37.26 -4.59 -10.60
CA GLU F 77 -36.15 -4.24 -9.66
C GLU F 77 -36.66 -3.29 -8.59
N THR F 78 -36.39 -3.57 -7.32
CA THR F 78 -36.84 -2.69 -6.20
C THR F 78 -35.61 -2.06 -5.54
N ILE F 79 -35.83 -1.06 -4.69
CA ILE F 79 -34.81 -0.41 -3.82
C ILE F 79 -34.84 -1.17 -2.50
N ILE F 80 -33.77 -1.86 -2.10
CA ILE F 80 -33.71 -2.57 -0.80
C ILE F 80 -32.94 -1.75 0.25
N GLY F 81 -32.32 -0.63 -0.12
CA GLY F 81 -31.54 0.24 0.78
C GLY F 81 -31.46 1.64 0.22
N SER F 82 -31.64 2.65 1.05
CA SER F 82 -31.90 4.03 0.58
C SER F 82 -31.59 5.02 1.69
N VAL F 83 -30.52 5.81 1.52
CA VAL F 83 -30.01 6.83 2.48
C VAL F 83 -29.95 8.20 1.77
N ILE F 84 -30.57 9.24 2.33
CA ILE F 84 -30.47 10.64 1.81
C ILE F 84 -29.73 11.47 2.84
N GLY F 85 -28.61 12.07 2.44
CA GLY F 85 -27.88 13.04 3.26
C GLY F 85 -28.52 14.40 3.08
N TYR F 86 -28.60 15.19 4.16
CA TYR F 86 -29.16 16.56 4.16
C TYR F 86 -28.56 17.40 5.29
N LYS F 87 -28.65 18.74 5.14
CA LYS F 87 -28.58 19.75 6.22
C LYS F 87 -30.00 20.00 6.76
N LYS F 88 -30.22 19.82 8.07
CA LYS F 88 -31.54 20.08 8.72
C LYS F 88 -31.78 21.59 8.85
N GLY F 89 -33.03 21.99 9.07
CA GLY F 89 -33.45 23.36 9.43
C GLY F 89 -34.31 23.98 8.35
N ASN F 90 -34.89 25.15 8.60
CA ASN F 90 -35.71 25.90 7.61
C ASN F 90 -34.84 26.24 6.39
N ASP F 91 -33.53 26.57 6.57
CA ASP F 91 -32.58 26.92 5.47
C ASP F 91 -31.79 25.67 4.99
N GLY F 92 -32.37 24.49 5.13
CA GLY F 92 -31.73 23.20 4.78
C GLY F 92 -31.69 22.94 3.28
N ARG F 93 -30.95 21.88 2.92
CA ARG F 93 -30.65 21.41 1.54
C ARG F 93 -30.53 19.88 1.54
N CYS F 94 -30.73 19.25 0.40
CA CYS F 94 -30.38 17.82 0.17
C CYS F 94 -28.90 17.72 -0.28
N THR F 95 -28.07 16.89 0.35
CA THR F 95 -26.60 16.85 0.10
C THR F 95 -26.15 15.57 -0.65
N GLY F 96 -26.84 14.44 -0.48
CA GLY F 96 -26.41 13.14 -1.03
C GLY F 96 -27.53 12.10 -1.11
N VAL F 97 -27.45 11.16 -2.07
CA VAL F 97 -28.34 9.96 -2.13
C VAL F 97 -27.48 8.73 -2.38
N LYS F 98 -27.68 7.66 -1.59
CA LYS F 98 -27.18 6.28 -1.77
C LYS F 98 -28.39 5.38 -2.02
N LEU F 99 -28.46 4.71 -3.17
CA LEU F 99 -29.49 3.67 -3.45
C LEU F 99 -28.82 2.31 -3.71
N THR F 100 -29.43 1.24 -3.18
CA THR F 100 -29.09 -0.18 -3.49
C THR F 100 -30.35 -0.90 -3.95
N THR F 101 -30.23 -1.76 -4.96
CA THR F 101 -31.41 -2.40 -5.61
C THR F 101 -31.43 -3.89 -5.29
N SER F 102 -32.56 -4.53 -5.61
CA SER F 102 -32.84 -5.98 -5.47
C SER F 102 -31.91 -6.82 -6.35
N LYS F 103 -31.19 -6.19 -7.29
CA LYS F 103 -30.23 -6.93 -8.14
C LYS F 103 -28.78 -6.56 -7.83
N GLY F 104 -28.47 -5.88 -6.72
CA GLY F 104 -27.08 -5.57 -6.33
C GLY F 104 -26.51 -4.36 -7.05
N LYS F 105 -27.34 -3.54 -7.69
CA LYS F 105 -26.91 -2.27 -8.32
C LYS F 105 -26.85 -1.21 -7.24
N SER F 106 -25.99 -0.21 -7.39
CA SER F 106 -25.95 0.86 -6.37
C SER F 106 -25.31 2.11 -6.93
N ILE F 107 -25.83 3.26 -6.50
CA ILE F 107 -25.28 4.60 -6.81
C ILE F 107 -24.99 5.33 -5.51
N MET F 108 -24.10 6.30 -5.63
CA MET F 108 -23.68 7.17 -4.52
C MET F 108 -23.45 8.56 -5.11
N ALA F 109 -24.30 9.52 -4.75
CA ALA F 109 -24.25 10.90 -5.22
C ALA F 109 -23.99 11.79 -4.02
N GLY F 110 -22.94 12.59 -4.04
CA GLY F 110 -22.78 13.73 -3.12
C GLY F 110 -22.22 13.35 -1.76
N TYR F 111 -22.73 13.99 -0.71
CA TYR F 111 -22.08 14.13 0.62
C TYR F 111 -23.11 13.82 1.72
N PHE F 112 -22.57 13.32 2.85
CA PHE F 112 -23.28 12.71 4.01
C PHE F 112 -22.62 13.22 5.29
N GLU F 113 -22.31 14.50 5.36
CA GLU F 113 -21.52 15.09 6.46
C GLU F 113 -22.41 15.55 7.62
N GLU F 114 -23.69 15.87 7.41
CA GLU F 114 -24.54 16.41 8.51
C GLU F 114 -25.56 15.36 8.96
N SER F 115 -26.73 15.30 8.31
CA SER F 115 -27.87 14.47 8.77
C SER F 115 -28.20 13.40 7.72
N LEU F 116 -28.76 12.26 8.14
CA LEU F 116 -29.13 11.11 7.25
C LEU F 116 -30.57 10.69 7.51
N ILE F 117 -31.25 10.15 6.50
CA ILE F 117 -32.46 9.32 6.72
C ILE F 117 -32.24 7.99 6.00
N THR F 118 -32.56 6.87 6.66
CA THR F 118 -32.76 5.55 6.02
C THR F 118 -34.26 5.40 5.75
N THR F 119 -34.66 5.46 4.50
CA THR F 119 -36.08 5.57 4.10
C THR F 119 -36.77 4.19 4.10
N TYR F 120 -38.09 4.19 3.89
CA TYR F 120 -38.87 3.00 3.50
C TYR F 120 -38.21 2.41 2.25
N THR F 121 -38.56 1.18 1.93
CA THR F 121 -38.05 0.41 0.76
C THR F 121 -39.25 0.00 -0.10
N GLY F 122 -38.99 -0.54 -1.28
CA GLY F 122 -40.02 -1.06 -2.21
C GLY F 122 -39.74 -0.57 -3.61
N LYS F 123 -40.74 -0.68 -4.48
CA LYS F 123 -40.71 -0.23 -5.90
C LYS F 123 -40.83 1.30 -5.93
N LEU F 124 -39.74 2.00 -6.28
CA LEU F 124 -39.72 3.48 -6.38
C LEU F 124 -40.69 3.90 -7.47
N ALA F 125 -41.66 4.74 -7.13
CA ALA F 125 -42.75 5.21 -8.02
C ALA F 125 -42.62 6.72 -8.31
N GLY F 126 -42.04 7.51 -7.44
CA GLY F 126 -41.87 8.95 -7.73
C GLY F 126 -41.07 9.66 -6.65
N ILE F 127 -40.90 10.95 -6.83
CA ILE F 127 -40.17 11.84 -5.88
C ILE F 127 -41.00 13.12 -5.74
N LYS F 128 -40.84 13.81 -4.61
CA LYS F 128 -41.41 15.16 -4.41
C LYS F 128 -40.42 15.93 -3.55
N GLY F 129 -40.50 17.27 -3.56
CA GLY F 129 -39.75 18.17 -2.67
C GLY F 129 -39.76 19.55 -3.23
N GLY F 130 -38.65 20.26 -3.09
CA GLY F 130 -38.49 21.59 -3.70
C GLY F 130 -37.07 21.81 -4.17
N ALA F 131 -36.91 22.62 -5.21
CA ALA F 131 -35.60 22.99 -5.81
C ALA F 131 -35.66 24.42 -6.40
N GLY F 132 -34.52 25.11 -6.41
CA GLY F 132 -34.23 26.26 -7.28
C GLY F 132 -32.85 26.14 -7.89
N SER F 133 -31.86 26.82 -7.30
CA SER F 133 -30.41 26.66 -7.55
C SER F 133 -29.96 25.27 -7.10
N ASP F 134 -30.57 24.78 -6.00
CA ASP F 134 -30.15 23.56 -5.26
C ASP F 134 -31.36 22.63 -5.15
N ILE F 135 -31.19 21.40 -4.64
CA ILE F 135 -32.31 20.58 -4.11
C ILE F 135 -32.49 20.94 -2.63
N ASP F 136 -33.55 21.68 -2.29
CA ASP F 136 -33.81 22.13 -0.90
C ASP F 136 -34.29 20.94 -0.08
N ARG F 137 -35.21 20.15 -0.65
CA ARG F 137 -35.78 18.98 0.06
C ARG F 137 -36.07 17.86 -0.94
N LEU F 138 -36.07 16.62 -0.45
CA LEU F 138 -36.35 15.42 -1.28
C LEU F 138 -36.96 14.33 -0.41
N GLY F 139 -38.08 13.76 -0.87
CA GLY F 139 -38.74 12.58 -0.32
C GLY F 139 -39.06 11.57 -1.42
N LEU F 140 -38.97 10.30 -1.10
CA LEU F 140 -39.18 9.23 -2.07
C LEU F 140 -40.63 8.76 -1.93
N ILE F 141 -41.17 8.17 -3.00
CA ILE F 141 -42.52 7.59 -3.09
C ILE F 141 -42.42 6.16 -3.61
N PHE F 142 -43.05 5.21 -2.92
CA PHE F 142 -43.01 3.75 -3.23
C PHE F 142 -44.44 3.19 -3.39
N LEU F 143 -44.60 2.07 -4.12
CA LEU F 143 -45.84 1.26 -4.17
C LEU F 143 -46.05 0.49 -2.85
N LYS F 144 -47.30 0.13 -2.52
CA LYS F 144 -47.68 -0.55 -1.25
C LYS F 144 -47.48 -2.08 -1.37
N ASP G 5 -40.38 -1.95 -28.88
CA ASP G 5 -39.52 -2.94 -29.58
C ASP G 5 -39.40 -4.22 -28.72
N ASN G 6 -38.51 -5.14 -29.12
CA ASN G 6 -38.07 -6.31 -28.31
C ASN G 6 -36.78 -5.93 -27.55
N TYR G 7 -36.36 -4.65 -27.63
CA TYR G 7 -35.06 -4.13 -27.16
C TYR G 7 -35.26 -3.11 -26.03
N ILE G 8 -34.35 -3.08 -25.05
CA ILE G 8 -34.26 -2.06 -23.97
C ILE G 8 -33.05 -1.18 -24.26
N TYR G 9 -33.25 0.12 -24.46
CA TYR G 9 -32.15 1.06 -24.79
C TYR G 9 -31.68 1.75 -23.51
N SER G 10 -30.48 1.45 -23.04
CA SER G 10 -29.84 2.21 -21.93
C SER G 10 -29.48 3.59 -22.46
N THR G 11 -29.39 4.59 -21.58
CA THR G 11 -28.99 5.97 -21.93
C THR G 11 -27.59 5.95 -22.55
N GLU G 12 -27.48 6.56 -23.73
CA GLU G 12 -26.19 6.97 -24.35
C GLU G 12 -25.59 8.08 -23.48
N VAL G 13 -24.41 7.87 -22.89
CA VAL G 13 -23.74 8.85 -22.01
C VAL G 13 -22.48 9.39 -22.69
N GLY G 14 -22.23 10.68 -22.51
CA GLY G 14 -21.09 11.44 -23.02
C GLY G 14 -21.55 12.60 -23.88
N GLY G 15 -20.72 13.02 -24.83
CA GLY G 15 -20.87 14.21 -25.68
C GLY G 15 -21.72 13.92 -26.91
N VAL G 16 -21.95 14.96 -27.71
CA VAL G 16 -22.76 14.88 -28.96
C VAL G 16 -21.81 14.69 -30.13
N GLY G 17 -20.49 14.70 -29.92
CA GLY G 17 -19.49 14.58 -30.99
C GLY G 17 -19.45 13.20 -31.63
N GLY G 18 -18.67 13.09 -32.71
CA GLY G 18 -18.29 11.82 -33.34
C GLY G 18 -19.28 11.39 -34.41
N THR G 19 -18.94 10.32 -35.10
CA THR G 19 -19.78 9.69 -36.14
C THR G 19 -20.69 8.70 -35.42
N PRO G 20 -22.02 8.84 -35.54
CA PRO G 20 -22.92 7.87 -34.94
C PRO G 20 -22.62 6.48 -35.48
N PHE G 21 -22.89 5.49 -34.65
CA PHE G 21 -22.81 4.04 -34.95
C PHE G 21 -23.90 3.34 -34.17
N THR G 22 -24.38 2.24 -34.75
CA THR G 22 -25.42 1.34 -34.20
C THR G 22 -24.96 -0.06 -34.59
N PHE G 23 -24.59 -0.92 -33.64
CA PHE G 23 -24.20 -2.31 -33.91
C PHE G 23 -25.28 -3.21 -33.32
N MET G 24 -26.14 -3.78 -34.17
CA MET G 24 -27.17 -4.78 -33.82
C MET G 24 -27.42 -5.72 -35.01
N GLN G 25 -27.73 -6.97 -34.75
CA GLN G 25 -28.00 -7.92 -35.86
C GLN G 25 -29.32 -8.60 -35.54
N GLU G 26 -30.20 -8.71 -36.53
CA GLU G 26 -31.55 -9.31 -36.34
C GLU G 26 -31.43 -10.72 -35.79
N SER G 27 -32.07 -10.96 -34.65
CA SER G 27 -32.10 -12.26 -33.93
C SER G 27 -30.71 -12.70 -33.47
N GLY G 28 -29.83 -11.75 -33.19
CA GLY G 28 -28.45 -12.05 -32.77
C GLY G 28 -28.09 -11.24 -31.56
N THR G 29 -27.14 -11.73 -30.79
CA THR G 29 -26.65 -11.06 -29.56
C THR G 29 -25.14 -10.89 -29.67
N ILE G 30 -24.54 -10.05 -28.83
CA ILE G 30 -23.07 -9.89 -28.78
C ILE G 30 -22.39 -11.12 -28.17
N THR G 31 -21.41 -11.66 -28.89
CA THR G 31 -20.57 -12.83 -28.52
C THR G 31 -19.18 -12.39 -28.06
N SER G 32 -18.73 -11.19 -28.48
CA SER G 32 -17.42 -10.59 -28.14
C SER G 32 -17.49 -9.07 -28.23
N ILE G 33 -16.78 -8.39 -27.35
CA ILE G 33 -16.70 -6.90 -27.33
C ILE G 33 -15.34 -6.50 -26.77
N LYS G 34 -14.63 -5.61 -27.48
CA LYS G 34 -13.25 -5.18 -27.15
C LYS G 34 -13.29 -3.69 -26.86
N PHE G 35 -12.72 -3.25 -25.74
CA PHE G 35 -12.53 -1.80 -25.42
C PHE G 35 -11.04 -1.45 -25.45
N ASN G 36 -10.68 -0.38 -26.16
CA ASN G 36 -9.31 0.17 -26.25
C ASN G 36 -9.30 1.52 -25.52
N TRP G 37 -8.35 1.75 -24.61
CA TRP G 37 -8.27 3.01 -23.84
C TRP G 37 -6.81 3.41 -23.57
N SER G 38 -6.60 4.67 -23.19
CA SER G 38 -5.26 5.27 -22.98
C SER G 38 -5.13 5.78 -21.54
N ASP G 39 -3.97 5.61 -20.91
CA ASP G 39 -3.61 6.32 -19.66
C ASP G 39 -3.33 7.80 -19.96
N GLN G 40 -2.78 8.14 -21.12
CA GLN G 40 -2.45 9.54 -21.46
C GLN G 40 -3.70 10.43 -21.30
N TYR G 41 -4.82 10.06 -21.92
CA TYR G 41 -6.07 10.87 -22.00
C TYR G 41 -7.11 10.41 -20.99
N LYS G 42 -7.01 9.18 -20.46
CA LYS G 42 -8.04 8.56 -19.57
C LYS G 42 -9.42 8.53 -20.27
N LEU G 43 -9.44 8.14 -21.54
CA LEU G 43 -10.68 7.98 -22.36
C LEU G 43 -10.67 6.57 -22.92
N LEU G 44 -11.84 6.06 -23.30
CA LEU G 44 -12.00 5.01 -24.35
C LEU G 44 -11.77 5.67 -25.72
N HIS G 45 -11.17 4.95 -26.63
CA HIS G 45 -10.84 5.47 -27.97
C HIS G 45 -11.49 4.61 -29.05
N HIS G 46 -11.73 3.34 -28.78
CA HIS G 46 -12.09 2.36 -29.84
C HIS G 46 -12.84 1.18 -29.24
N ILE G 47 -13.80 0.66 -30.00
CA ILE G 47 -14.63 -0.49 -29.60
C ILE G 47 -14.78 -1.39 -30.83
N GLU G 48 -14.71 -2.70 -30.61
CA GLU G 48 -15.05 -3.73 -31.60
C GLU G 48 -16.03 -4.70 -30.98
N VAL G 49 -16.91 -5.23 -31.81
CA VAL G 49 -18.03 -6.11 -31.40
C VAL G 49 -18.14 -7.21 -32.47
N LYS G 50 -18.41 -8.46 -32.06
CA LYS G 50 -18.79 -9.59 -32.95
C LYS G 50 -20.13 -10.12 -32.45
N PHE G 51 -20.99 -10.56 -33.36
CA PHE G 51 -22.30 -11.17 -33.05
C PHE G 51 -22.25 -12.67 -33.30
N ILE G 52 -23.22 -13.35 -32.70
CA ILE G 52 -23.46 -14.81 -32.81
C ILE G 52 -23.62 -15.11 -34.29
N ASN G 53 -23.09 -16.24 -34.77
CA ASN G 53 -23.24 -16.75 -36.15
C ASN G 53 -22.86 -15.67 -37.17
N ASN G 54 -21.75 -14.94 -36.98
CA ASN G 54 -21.38 -13.82 -37.88
C ASN G 54 -19.93 -13.37 -37.60
N ALA G 55 -19.06 -13.62 -38.59
CA ALA G 55 -17.57 -13.63 -38.49
C ALA G 55 -17.05 -12.20 -38.68
N ASN G 56 -17.93 -11.30 -39.13
CA ASN G 56 -17.61 -9.86 -39.29
C ASN G 56 -17.35 -9.17 -37.93
N ILE G 57 -16.37 -8.27 -37.96
CA ILE G 57 -15.93 -7.42 -36.83
C ILE G 57 -16.45 -6.00 -37.11
N TYR G 58 -17.30 -5.48 -36.22
CA TYR G 58 -17.83 -4.11 -36.25
C TYR G 58 -16.99 -3.25 -35.28
N ALA G 59 -16.29 -2.27 -35.84
CA ALA G 59 -15.38 -1.34 -35.13
C ALA G 59 -15.78 0.12 -35.35
N THR G 60 -15.43 0.97 -34.39
CA THR G 60 -15.64 2.44 -34.45
C THR G 60 -14.56 3.03 -33.54
N GLY G 61 -14.19 4.27 -33.79
CA GLY G 61 -13.17 4.96 -32.98
C GLY G 61 -11.79 4.65 -33.49
N ASP G 62 -10.77 5.21 -32.86
CA ASP G 62 -9.37 5.17 -33.37
C ASP G 62 -8.54 4.37 -32.37
N PRO G 63 -7.98 3.19 -32.76
CA PRO G 63 -7.37 2.28 -31.79
C PRO G 63 -6.01 2.73 -31.23
N LYS G 64 -5.92 3.95 -30.71
CA LYS G 64 -4.62 4.61 -30.44
C LYS G 64 -4.22 4.45 -28.97
N GLY G 65 -5.03 3.79 -28.15
CA GLY G 65 -4.71 3.59 -26.72
C GLY G 65 -3.66 2.50 -26.49
N ASN G 66 -3.06 2.50 -25.28
CA ASN G 66 -1.96 1.59 -24.87
C ASN G 66 -2.51 0.35 -24.13
N HIS G 67 -3.84 0.24 -23.94
CA HIS G 67 -4.52 -0.94 -23.34
C HIS G 67 -5.74 -1.38 -24.17
N GLU G 68 -6.02 -2.69 -24.20
CA GLU G 68 -7.30 -3.29 -24.71
C GLU G 68 -7.78 -4.43 -23.80
N VAL G 69 -9.10 -4.61 -23.65
CA VAL G 69 -9.70 -5.82 -22.99
C VAL G 69 -10.77 -6.36 -23.93
N ILE G 70 -10.86 -7.68 -23.96
CA ILE G 70 -11.92 -8.43 -24.69
C ILE G 70 -12.74 -9.20 -23.66
N LEU G 71 -14.05 -9.01 -23.67
CA LEU G 71 -15.00 -9.90 -22.95
C LEU G 71 -15.70 -10.78 -24.00
N GLU G 72 -15.46 -12.10 -23.97
CA GLU G 72 -16.26 -13.08 -24.75
C GLU G 72 -17.45 -13.52 -23.88
N ILE G 73 -18.63 -13.66 -24.49
CA ILE G 73 -19.91 -13.92 -23.79
C ILE G 73 -20.48 -15.25 -24.30
N ASP G 74 -20.64 -16.22 -23.40
CA ASP G 74 -21.30 -17.52 -23.70
C ASP G 74 -22.72 -17.20 -24.20
N ASP G 75 -23.32 -18.10 -24.98
CA ASP G 75 -24.65 -17.88 -25.62
C ASP G 75 -25.73 -17.65 -24.55
N ASP G 76 -25.65 -18.32 -23.40
CA ASP G 76 -26.65 -18.24 -22.30
C ASP G 76 -26.20 -17.23 -21.24
N GLU G 77 -25.07 -16.56 -21.43
CA GLU G 77 -24.46 -15.59 -20.45
C GLU G 77 -25.12 -14.20 -20.53
N THR G 78 -25.52 -13.62 -19.40
CA THR G 78 -26.15 -12.26 -19.43
C THR G 78 -25.26 -11.25 -18.71
N ILE G 79 -25.62 -9.94 -18.79
CA ILE G 79 -24.98 -8.86 -18.00
C ILE G 79 -25.80 -8.62 -16.71
N ILE G 80 -25.21 -8.76 -15.53
CA ILE G 80 -25.92 -8.54 -14.23
C ILE G 80 -25.43 -7.25 -13.55
N GLY G 81 -24.36 -6.65 -14.04
CA GLY G 81 -23.79 -5.42 -13.51
C GLY G 81 -23.07 -4.67 -14.61
N SER G 82 -23.30 -3.37 -14.71
CA SER G 82 -22.85 -2.59 -15.86
C SER G 82 -22.71 -1.12 -15.45
N VAL G 83 -21.47 -0.62 -15.32
CA VAL G 83 -21.15 0.82 -15.07
C VAL G 83 -20.34 1.39 -16.25
N ILE G 84 -20.79 2.53 -16.80
CA ILE G 84 -20.00 3.33 -17.78
C ILE G 84 -19.61 4.65 -17.10
N GLY G 85 -18.32 4.96 -17.02
CA GLY G 85 -17.82 6.29 -16.61
C GLY G 85 -17.69 7.22 -17.81
N TYR G 86 -17.90 8.53 -17.63
CA TYR G 86 -17.98 9.51 -18.74
C TYR G 86 -17.79 10.95 -18.20
N LYS G 87 -17.36 11.84 -19.10
CA LYS G 87 -17.47 13.30 -18.89
C LYS G 87 -18.81 13.73 -19.48
N LYS G 88 -19.67 14.36 -18.67
CA LYS G 88 -21.01 14.89 -19.09
C LYS G 88 -20.80 16.16 -19.91
N GLY G 89 -21.84 16.60 -20.61
CA GLY G 89 -21.89 17.87 -21.37
C GLY G 89 -21.92 17.62 -22.86
N ASN G 90 -22.14 18.66 -23.65
CA ASN G 90 -22.03 18.60 -25.14
C ASN G 90 -20.64 18.10 -25.56
N ASP G 91 -19.58 18.52 -24.85
CA ASP G 91 -18.15 18.26 -25.21
C ASP G 91 -17.64 16.99 -24.51
N GLY G 92 -18.54 16.09 -24.11
CA GLY G 92 -18.22 14.93 -23.26
C GLY G 92 -17.63 13.75 -24.03
N ARG G 93 -17.19 12.76 -23.27
CA ARG G 93 -16.43 11.57 -23.72
C ARG G 93 -16.78 10.41 -22.78
N CYS G 94 -16.77 9.18 -23.28
CA CYS G 94 -16.73 7.97 -22.42
C CYS G 94 -15.32 7.78 -21.92
N THR G 95 -15.17 7.44 -20.64
CA THR G 95 -13.85 7.32 -19.94
C THR G 95 -13.62 5.91 -19.39
N GLY G 96 -14.66 5.07 -19.21
CA GLY G 96 -14.48 3.73 -18.63
C GLY G 96 -15.70 2.85 -18.78
N VAL G 97 -15.52 1.52 -18.75
CA VAL G 97 -16.61 0.50 -18.65
C VAL G 97 -16.21 -0.60 -17.65
N LYS G 98 -17.16 -1.01 -16.79
CA LYS G 98 -17.10 -2.23 -15.93
C LYS G 98 -18.29 -3.13 -16.32
N LEU G 99 -18.05 -4.40 -16.67
CA LEU G 99 -19.14 -5.36 -16.94
C LEU G 99 -18.94 -6.60 -16.08
N THR G 100 -20.02 -7.08 -15.46
CA THR G 100 -20.07 -8.33 -14.67
C THR G 100 -21.16 -9.22 -15.26
N THR G 101 -20.89 -10.52 -15.36
CA THR G 101 -21.75 -11.48 -16.08
C THR G 101 -22.44 -12.45 -15.10
N SER G 102 -23.48 -13.12 -15.59
CA SER G 102 -24.20 -14.20 -14.89
C SER G 102 -23.24 -15.35 -14.55
N LYS G 103 -22.03 -15.37 -15.09
CA LYS G 103 -21.08 -16.50 -14.82
C LYS G 103 -19.86 -16.05 -14.06
N GLY G 104 -19.85 -14.88 -13.41
CA GLY G 104 -18.70 -14.46 -12.58
C GLY G 104 -17.57 -13.85 -13.38
N LYS G 105 -17.72 -13.70 -14.69
CA LYS G 105 -16.75 -12.98 -15.56
C LYS G 105 -16.91 -11.47 -15.42
N SER G 106 -15.83 -10.73 -15.54
CA SER G 106 -15.88 -9.26 -15.43
C SER G 106 -14.75 -8.64 -16.25
N ILE G 107 -14.94 -7.43 -16.74
CA ILE G 107 -13.84 -6.61 -17.28
C ILE G 107 -13.96 -5.20 -16.71
N MET G 108 -12.85 -4.50 -16.70
CA MET G 108 -12.71 -3.10 -16.25
C MET G 108 -11.80 -2.38 -17.25
N ALA G 109 -12.32 -1.35 -17.89
CA ALA G 109 -11.57 -0.58 -18.90
C ALA G 109 -11.65 0.89 -18.52
N GLY G 110 -10.50 1.54 -18.40
CA GLY G 110 -10.42 3.00 -18.39
C GLY G 110 -10.54 3.58 -17.00
N TYR G 111 -11.33 4.64 -16.87
CA TYR G 111 -11.31 5.55 -15.71
C TYR G 111 -12.74 5.99 -15.38
N PHE G 112 -12.96 6.34 -14.11
CA PHE G 112 -14.27 6.58 -13.47
C PHE G 112 -14.20 7.79 -12.52
N GLU G 113 -13.62 8.90 -12.96
CA GLU G 113 -13.25 10.07 -12.10
C GLU G 113 -14.33 11.16 -12.11
N GLU G 114 -15.29 11.19 -13.04
CA GLU G 114 -16.29 12.29 -13.09
C GLU G 114 -17.74 11.76 -12.90
N SER G 115 -18.40 11.28 -13.94
CA SER G 115 -19.82 10.81 -13.91
C SER G 115 -19.92 9.29 -14.18
N LEU G 116 -20.94 8.61 -13.63
CA LEU G 116 -21.21 7.15 -13.77
C LEU G 116 -22.67 6.96 -14.22
N ILE G 117 -22.95 5.86 -14.90
CA ILE G 117 -24.32 5.28 -15.03
C ILE G 117 -24.22 3.80 -14.66
N THR G 118 -25.13 3.31 -13.83
CA THR G 118 -25.45 1.87 -13.61
C THR G 118 -26.65 1.57 -14.51
N THR G 119 -26.40 0.94 -15.63
CA THR G 119 -27.43 0.74 -16.65
C THR G 119 -28.35 -0.43 -16.32
N TYR G 120 -29.24 -0.72 -17.25
CA TYR G 120 -30.13 -1.88 -17.18
C TYR G 120 -29.32 -3.16 -17.34
N THR G 121 -29.90 -4.26 -16.93
CA THR G 121 -29.19 -5.58 -17.03
C THR G 121 -29.93 -6.49 -18.03
N GLY G 122 -29.34 -7.63 -18.36
CA GLY G 122 -29.93 -8.66 -19.24
C GLY G 122 -28.96 -9.08 -20.34
N LYS G 123 -29.51 -9.73 -21.36
CA LYS G 123 -28.78 -10.28 -22.51
C LYS G 123 -28.37 -9.13 -23.41
N LEU G 124 -27.06 -8.92 -23.60
CA LEU G 124 -26.51 -7.75 -24.31
C LEU G 124 -26.66 -8.05 -25.79
N ALA G 125 -27.44 -7.22 -26.50
CA ALA G 125 -27.85 -7.39 -27.92
C ALA G 125 -27.03 -6.51 -28.85
N GLY G 126 -26.58 -5.34 -28.39
CA GLY G 126 -25.88 -4.37 -29.25
C GLY G 126 -25.39 -3.17 -28.46
N ILE G 127 -24.82 -2.20 -29.18
CA ILE G 127 -24.39 -0.88 -28.64
C ILE G 127 -24.67 0.20 -29.69
N LYS G 128 -24.77 1.45 -29.28
CA LYS G 128 -24.96 2.62 -30.18
C LYS G 128 -24.20 3.76 -29.52
N GLY G 129 -23.86 4.79 -30.29
CA GLY G 129 -23.23 5.99 -29.72
C GLY G 129 -22.61 6.79 -30.84
N GLY G 130 -21.55 7.53 -30.52
CA GLY G 130 -20.69 8.18 -31.52
C GLY G 130 -19.22 8.07 -31.17
N ALA G 131 -18.37 8.22 -32.18
CA ALA G 131 -16.90 8.02 -32.08
C ALA G 131 -16.18 8.71 -33.24
N GLY G 132 -15.03 9.30 -32.93
CA GLY G 132 -14.02 9.74 -33.92
C GLY G 132 -12.65 9.33 -33.43
N SER G 133 -11.90 10.28 -32.87
CA SER G 133 -10.60 10.05 -32.17
C SER G 133 -10.84 9.22 -30.91
N ASP G 134 -12.01 9.44 -30.32
CA ASP G 134 -12.43 8.97 -28.97
C ASP G 134 -13.79 8.27 -29.09
N ILE G 135 -14.22 7.57 -28.05
CA ILE G 135 -15.65 7.24 -27.87
C ILE G 135 -16.32 8.42 -27.19
N ASP G 136 -17.09 9.22 -27.92
CA ASP G 136 -17.82 10.42 -27.39
C ASP G 136 -19.02 9.95 -26.54
N ARG G 137 -19.62 8.83 -26.88
CA ARG G 137 -20.97 8.50 -26.38
C ARG G 137 -21.23 7.01 -26.64
N LEU G 138 -21.73 6.34 -25.60
CA LEU G 138 -21.97 4.88 -25.57
C LEU G 138 -23.32 4.58 -24.90
N GLY G 139 -24.14 3.78 -25.56
CA GLY G 139 -25.35 3.18 -24.98
C GLY G 139 -25.44 1.70 -25.25
N LEU G 140 -25.81 0.93 -24.23
CA LEU G 140 -25.94 -0.54 -24.33
C LEU G 140 -27.38 -0.85 -24.70
N ILE G 141 -27.59 -1.95 -25.41
CA ILE G 141 -28.94 -2.40 -25.83
C ILE G 141 -29.10 -3.86 -25.39
N PHE G 142 -30.18 -4.15 -24.64
CA PHE G 142 -30.54 -5.52 -24.14
C PHE G 142 -31.82 -6.05 -24.81
N LEU G 143 -32.02 -7.38 -24.82
CA LEU G 143 -33.30 -8.10 -25.13
C LEU G 143 -34.32 -7.94 -23.98
N LYS G 144 -35.62 -7.81 -24.28
CA LYS G 144 -36.73 -7.64 -23.30
C LYS G 144 -36.92 -8.89 -22.40
N ASP H 5 39.68 3.33 31.04
CA ASP H 5 40.14 2.42 29.93
C ASP H 5 40.35 3.29 28.69
N ASN H 6 40.79 2.70 27.57
CA ASN H 6 40.79 3.29 26.19
C ASN H 6 39.62 2.70 25.37
N TYR H 7 38.61 2.11 26.02
CA TYR H 7 37.49 1.40 25.34
C TYR H 7 36.13 1.91 25.86
N ILE H 8 35.15 1.96 24.95
CA ILE H 8 33.70 2.21 25.19
C ILE H 8 32.97 0.87 25.08
N TYR H 9 32.27 0.47 26.14
CA TYR H 9 31.48 -0.78 26.21
C TYR H 9 30.02 -0.46 25.98
N SER H 10 29.51 -0.78 24.80
CA SER H 10 28.06 -0.70 24.48
C SER H 10 27.36 -1.71 25.37
N THR H 11 26.09 -1.46 25.76
CA THR H 11 25.21 -2.39 26.52
C THR H 11 25.04 -3.74 25.81
N GLU H 12 25.50 -4.81 26.43
CA GLU H 12 25.10 -6.19 26.11
C GLU H 12 23.59 -6.29 26.16
N VAL H 13 22.95 -6.60 25.04
CA VAL H 13 21.46 -6.81 24.96
C VAL H 13 21.15 -8.30 24.76
N GLY H 14 20.05 -8.71 25.38
CA GLY H 14 19.50 -10.06 25.28
C GLY H 14 19.38 -10.66 26.66
N GLY H 15 19.44 -11.99 26.77
CA GLY H 15 19.28 -12.68 28.05
C GLY H 15 20.60 -13.06 28.68
N VAL H 16 20.48 -13.79 29.79
CA VAL H 16 21.61 -14.16 30.67
C VAL H 16 22.19 -15.54 30.29
N GLY H 17 21.63 -16.20 29.28
CA GLY H 17 22.03 -17.58 28.89
C GLY H 17 23.35 -17.63 28.15
N GLY H 18 23.82 -18.85 27.87
CA GLY H 18 24.89 -19.10 26.90
C GLY H 18 26.23 -19.11 27.56
N THR H 19 27.24 -19.54 26.82
CA THR H 19 28.66 -19.56 27.24
C THR H 19 29.19 -18.14 27.04
N PRO H 20 29.78 -17.48 28.08
CA PRO H 20 30.46 -16.19 27.91
C PRO H 20 31.52 -16.21 26.81
N PHE H 21 31.62 -15.12 26.07
CA PHE H 21 32.80 -14.79 25.23
C PHE H 21 33.15 -13.33 25.46
N THR H 22 34.43 -13.03 25.34
CA THR H 22 34.93 -11.65 25.18
C THR H 22 36.09 -11.72 24.18
N PHE H 23 35.90 -11.15 22.98
CA PHE H 23 36.94 -11.07 21.91
C PHE H 23 37.38 -9.61 21.66
N MET H 24 38.65 -9.32 21.99
CA MET H 24 39.38 -8.03 21.84
C MET H 24 40.85 -8.31 21.64
N GLN H 25 41.57 -7.43 20.96
CA GLN H 25 43.05 -7.50 20.86
C GLN H 25 43.53 -6.12 21.29
N GLU H 26 44.38 -6.01 22.31
CA GLU H 26 44.81 -4.70 22.84
C GLU H 26 45.29 -3.76 21.73
N SER H 27 46.21 -4.19 20.87
CA SER H 27 46.58 -3.22 19.81
C SER H 27 46.11 -3.75 18.45
N GLY H 28 44.79 -3.79 18.27
CA GLY H 28 44.18 -4.28 17.04
C GLY H 28 42.71 -3.93 16.99
N THR H 29 42.10 -4.02 15.82
CA THR H 29 40.66 -3.72 15.68
C THR H 29 40.02 -4.82 14.84
N ILE H 30 38.70 -4.91 14.87
CA ILE H 30 38.01 -5.93 14.02
C ILE H 30 38.15 -5.54 12.53
N THR H 31 38.68 -6.44 11.72
CA THR H 31 38.79 -6.30 10.25
C THR H 31 37.65 -7.04 9.55
N SER H 32 37.05 -8.02 10.22
CA SER H 32 36.01 -8.88 9.61
C SER H 32 35.02 -9.30 10.70
N ILE H 33 33.72 -9.19 10.48
CA ILE H 33 32.69 -9.79 11.40
C ILE H 33 31.59 -10.49 10.57
N LYS H 34 31.29 -11.74 10.93
CA LYS H 34 30.27 -12.58 10.25
C LYS H 34 29.10 -12.78 11.22
N PHE H 35 27.87 -12.64 10.74
CA PHE H 35 26.63 -13.04 11.49
C PHE H 35 25.86 -14.14 10.75
N ASN H 36 25.52 -15.22 11.47
CA ASN H 36 24.69 -16.36 10.98
C ASN H 36 23.31 -16.28 11.61
N TRP H 37 22.24 -16.44 10.83
CA TRP H 37 20.87 -16.43 11.39
C TRP H 37 19.94 -17.38 10.63
N SER H 38 18.73 -17.59 11.15
CA SER H 38 17.72 -18.54 10.61
C SER H 38 16.40 -17.82 10.37
N ASP H 39 15.70 -18.23 9.31
CA ASP H 39 14.29 -17.83 9.07
C ASP H 39 13.37 -18.66 9.98
N GLN H 40 13.77 -19.86 10.40
CA GLN H 40 12.96 -20.74 11.27
C GLN H 40 12.70 -20.12 12.66
N TYR H 41 13.74 -19.59 13.34
CA TYR H 41 13.68 -19.05 14.73
C TYR H 41 13.76 -17.52 14.74
N LYS H 42 14.12 -16.86 13.64
CA LYS H 42 14.31 -15.39 13.64
C LYS H 42 15.25 -14.98 14.78
N LEU H 43 16.40 -15.65 14.86
CA LEU H 43 17.49 -15.37 15.83
C LEU H 43 18.84 -15.37 15.09
N LEU H 44 19.81 -14.66 15.66
CA LEU H 44 21.26 -14.88 15.41
C LEU H 44 21.67 -16.16 16.15
N HIS H 45 22.50 -16.97 15.53
CA HIS H 45 22.94 -18.28 16.10
C HIS H 45 24.46 -18.27 16.32
N HIS H 46 25.22 -17.50 15.53
CA HIS H 46 26.68 -17.67 15.42
C HIS H 46 27.34 -16.39 14.93
N ILE H 47 28.45 -16.03 15.59
CA ILE H 47 29.30 -14.86 15.21
C ILE H 47 30.76 -15.29 15.10
N GLU H 48 31.47 -14.77 14.10
CA GLU H 48 32.94 -14.91 13.89
C GLU H 48 33.48 -13.50 13.67
N VAL H 49 34.70 -13.28 14.14
CA VAL H 49 35.41 -11.98 14.12
C VAL H 49 36.86 -12.31 13.81
N LYS H 50 37.53 -11.48 13.03
CA LYS H 50 38.98 -11.54 12.78
C LYS H 50 39.54 -10.15 13.08
N PHE H 51 40.72 -10.10 13.71
CA PHE H 51 41.43 -8.83 14.02
C PHE H 51 42.43 -8.52 12.90
N ILE H 52 42.87 -7.28 12.89
CA ILE H 52 43.92 -6.74 11.98
C ILE H 52 45.21 -7.57 12.24
N ASN H 53 45.95 -7.99 11.21
CA ASN H 53 47.32 -8.63 11.32
C ASN H 53 47.22 -9.99 12.05
N ASN H 54 46.12 -10.73 11.84
CA ASN H 54 45.82 -11.98 12.57
C ASN H 54 44.79 -12.80 11.76
N ALA H 55 45.23 -13.90 11.18
CA ALA H 55 44.37 -14.83 10.40
C ALA H 55 43.39 -15.59 11.30
N ASN H 56 43.58 -15.65 12.62
CA ASN H 56 42.75 -16.51 13.51
C ASN H 56 41.31 -15.99 13.55
N ILE H 57 40.36 -16.90 13.44
CA ILE H 57 38.90 -16.66 13.57
C ILE H 57 38.44 -16.98 15.02
N TYR H 58 37.92 -15.97 15.73
CA TYR H 58 37.28 -16.07 17.07
C TYR H 58 35.78 -16.29 16.85
N ALA H 59 35.24 -17.44 17.25
CA ALA H 59 33.83 -17.80 17.00
C ALA H 59 33.05 -18.08 18.30
N THR H 60 31.74 -17.93 18.24
CA THR H 60 30.83 -18.32 19.33
C THR H 60 29.48 -18.70 18.73
N GLY H 61 28.68 -19.47 19.49
CA GLY H 61 27.36 -19.96 19.04
C GLY H 61 27.47 -21.09 18.01
N ASP H 62 26.33 -21.57 17.53
CA ASP H 62 26.17 -22.80 16.69
C ASP H 62 25.80 -22.38 15.25
N PRO H 63 26.64 -22.63 14.23
CA PRO H 63 26.37 -22.08 12.90
C PRO H 63 25.27 -22.84 12.14
N LYS H 64 24.04 -22.87 12.65
CA LYS H 64 22.96 -23.76 12.18
C LYS H 64 21.92 -23.00 11.38
N GLY H 65 22.00 -21.67 11.31
CA GLY H 65 21.12 -20.83 10.47
C GLY H 65 21.31 -21.03 8.96
N ASN H 66 20.32 -20.63 8.17
CA ASN H 66 20.30 -20.78 6.69
C ASN H 66 20.93 -19.56 5.99
N HIS H 67 21.25 -18.46 6.70
CA HIS H 67 21.88 -17.24 6.12
C HIS H 67 23.16 -16.84 6.87
N GLU H 68 24.18 -16.30 6.19
CA GLU H 68 25.26 -15.53 6.88
C GLU H 68 25.55 -14.25 6.08
N VAL H 69 25.99 -13.19 6.77
CA VAL H 69 26.61 -11.97 6.16
C VAL H 69 27.98 -11.75 6.80
N ILE H 70 28.93 -11.32 5.96
CA ILE H 70 30.29 -10.88 6.36
C ILE H 70 30.43 -9.40 6.01
N LEU H 71 30.94 -8.60 6.96
CA LEU H 71 31.40 -7.20 6.72
C LEU H 71 32.92 -7.12 6.92
N GLU H 72 33.65 -6.69 5.88
CA GLU H 72 35.11 -6.44 5.93
C GLU H 72 35.33 -4.95 6.20
N ILE H 73 36.24 -4.61 7.12
CA ILE H 73 36.39 -3.19 7.56
C ILE H 73 37.80 -2.72 7.20
N ASP H 74 37.90 -1.67 6.38
CA ASP H 74 39.20 -1.04 5.99
C ASP H 74 39.82 -0.55 7.30
N ASP H 75 41.13 -0.37 7.35
CA ASP H 75 41.88 -0.05 8.60
C ASP H 75 41.41 1.31 9.16
N ASP H 76 40.99 2.23 8.28
CA ASP H 76 40.62 3.63 8.63
C ASP H 76 39.09 3.77 8.80
N GLU H 77 38.32 2.71 8.51
CA GLU H 77 36.84 2.68 8.40
C GLU H 77 36.19 2.48 9.77
N THR H 78 35.21 3.31 10.11
CA THR H 78 34.57 3.27 11.46
C THR H 78 33.11 2.89 11.29
N ILE H 79 32.45 2.57 12.40
CA ILE H 79 30.99 2.34 12.42
C ILE H 79 30.31 3.66 12.78
N ILE H 80 29.45 4.21 11.90
CA ILE H 80 28.68 5.47 12.14
C ILE H 80 27.21 5.17 12.48
N GLY H 81 26.78 3.92 12.33
CA GLY H 81 25.39 3.51 12.59
C GLY H 81 25.38 2.05 12.99
N SER H 82 24.66 1.72 14.04
CA SER H 82 24.69 0.37 14.61
C SER H 82 23.43 0.11 15.44
N VAL H 83 22.61 -0.82 14.97
CA VAL H 83 21.35 -1.29 15.61
C VAL H 83 21.47 -2.80 15.86
N ILE H 84 21.05 -3.26 17.05
CA ILE H 84 20.92 -4.71 17.39
C ILE H 84 19.45 -4.96 17.76
N GLY H 85 18.78 -5.84 17.04
CA GLY H 85 17.44 -6.29 17.43
C GLY H 85 17.57 -7.41 18.45
N TYR H 86 16.71 -7.44 19.47
CA TYR H 86 16.73 -8.48 20.54
C TYR H 86 15.34 -8.70 21.15
N LYS H 87 15.17 -9.84 21.82
CA LYS H 87 14.08 -10.10 22.79
C LYS H 87 14.60 -9.78 24.18
N LYS H 88 13.90 -8.93 24.93
CA LYS H 88 14.37 -8.44 26.26
C LYS H 88 14.04 -9.50 27.31
N GLY H 89 14.63 -9.36 28.50
CA GLY H 89 14.35 -10.21 29.67
C GLY H 89 15.44 -11.23 29.88
N ASN H 90 15.41 -11.93 31.03
CA ASN H 90 16.42 -12.94 31.44
C ASN H 90 16.54 -14.04 30.39
N ASP H 91 15.43 -14.32 29.68
CA ASP H 91 15.32 -15.44 28.73
C ASP H 91 15.52 -14.95 27.31
N GLY H 92 16.19 -13.81 27.15
CA GLY H 92 16.25 -13.05 25.89
C GLY H 92 17.23 -13.63 24.90
N ARG H 93 17.26 -13.05 23.70
CA ARG H 93 18.06 -13.53 22.56
C ARG H 93 18.34 -12.32 21.67
N CYS H 94 19.41 -12.36 20.88
CA CYS H 94 19.66 -11.36 19.82
C CYS H 94 19.05 -11.88 18.53
N THR H 95 18.35 -11.03 17.79
CA THR H 95 17.54 -11.41 16.60
C THR H 95 18.10 -10.78 15.32
N GLY H 96 18.75 -9.61 15.37
CA GLY H 96 19.36 -8.98 14.17
C GLY H 96 20.45 -7.98 14.48
N VAL H 97 21.23 -7.59 13.46
CA VAL H 97 22.25 -6.50 13.50
C VAL H 97 22.27 -5.79 12.14
N LYS H 98 22.16 -4.46 12.13
CA LYS H 98 22.44 -3.56 10.97
C LYS H 98 23.70 -2.78 11.35
N LEU H 99 24.74 -2.80 10.52
CA LEU H 99 25.93 -1.91 10.67
C LEU H 99 26.09 -1.06 9.40
N THR H 100 26.28 0.26 9.54
CA THR H 100 26.71 1.19 8.47
C THR H 100 28.07 1.81 8.83
N THR H 101 28.97 1.90 7.87
CA THR H 101 30.35 2.42 8.06
C THR H 101 30.55 3.81 7.46
N SER H 102 31.68 4.42 7.81
CA SER H 102 32.10 5.79 7.39
C SER H 102 32.37 5.83 5.88
N LYS H 103 32.19 4.72 5.18
CA LYS H 103 32.41 4.64 3.72
C LYS H 103 31.11 4.17 3.05
N GLY H 104 29.98 4.11 3.76
CA GLY H 104 28.67 3.82 3.13
C GLY H 104 28.43 2.33 2.90
N LYS H 105 29.30 1.47 3.45
CA LYS H 105 29.10 0.00 3.42
C LYS H 105 28.09 -0.30 4.50
N SER H 106 27.26 -1.28 4.27
CA SER H 106 26.26 -1.69 5.27
C SER H 106 26.07 -3.21 5.20
N ILE H 107 25.57 -3.79 6.29
CA ILE H 107 25.04 -5.17 6.35
C ILE H 107 23.81 -5.18 7.23
N MET H 108 22.92 -6.12 6.93
CA MET H 108 21.66 -6.37 7.64
C MET H 108 21.56 -7.88 7.88
N ALA H 109 21.48 -8.32 9.13
CA ALA H 109 21.31 -9.74 9.49
C ALA H 109 20.04 -9.88 10.33
N GLY H 110 19.25 -10.92 10.06
CA GLY H 110 18.15 -11.35 10.94
C GLY H 110 16.99 -10.37 11.00
N TYR H 111 16.41 -10.19 12.18
CA TYR H 111 15.06 -9.61 12.38
C TYR H 111 15.08 -8.59 13.53
N PHE H 112 14.10 -7.68 13.49
CA PHE H 112 13.96 -6.44 14.28
C PHE H 112 12.51 -6.24 14.71
N GLU H 113 11.88 -7.33 15.13
CA GLU H 113 10.44 -7.32 15.51
C GLU H 113 10.20 -6.99 16.98
N GLU H 114 11.17 -7.16 17.86
CA GLU H 114 10.88 -6.88 19.30
C GLU H 114 11.61 -5.64 19.82
N SER H 115 12.83 -5.79 20.32
CA SER H 115 13.56 -4.64 20.92
C SER H 115 14.76 -4.24 20.06
N LEU H 116 15.11 -2.95 20.08
CA LEU H 116 16.27 -2.39 19.32
C LEU H 116 17.19 -1.67 20.29
N ILE H 117 18.49 -1.66 20.00
CA ILE H 117 19.42 -0.64 20.59
C ILE H 117 20.14 0.06 19.45
N THR H 118 20.22 1.38 19.53
CA THR H 118 21.10 2.18 18.66
C THR H 118 22.32 2.37 19.55
N THR H 119 23.42 1.77 19.16
CA THR H 119 24.58 1.80 20.06
C THR H 119 25.44 3.04 19.84
N TYR H 120 26.55 3.06 20.56
CA TYR H 120 27.62 4.07 20.41
C TYR H 120 28.32 3.80 19.08
N THR H 121 29.05 4.79 18.62
CA THR H 121 29.73 4.68 17.30
C THR H 121 31.24 4.83 17.49
N GLY H 122 31.99 4.54 16.43
CA GLY H 122 33.45 4.71 16.43
C GLY H 122 34.10 3.50 15.79
N LYS H 123 35.40 3.31 16.08
CA LYS H 123 36.21 2.20 15.57
C LYS H 123 35.85 0.94 16.38
N LEU H 124 35.25 -0.05 15.73
CA LEU H 124 34.84 -1.36 16.28
C LEU H 124 36.11 -2.16 16.61
N ALA H 125 36.28 -2.49 17.90
CA ALA H 125 37.51 -3.11 18.49
C ALA H 125 37.22 -4.53 19.00
N GLY H 126 35.99 -4.82 19.41
CA GLY H 126 35.68 -6.14 19.99
C GLY H 126 34.19 -6.41 20.17
N ILE H 127 33.87 -7.62 20.62
CA ILE H 127 32.49 -8.02 21.02
C ILE H 127 32.54 -8.81 22.33
N LYS H 128 31.41 -8.85 23.05
CA LYS H 128 31.25 -9.68 24.26
C LYS H 128 29.78 -10.04 24.40
N GLY H 129 29.52 -11.13 25.13
CA GLY H 129 28.17 -11.59 25.49
C GLY H 129 28.15 -13.06 25.86
N GLY H 130 27.06 -13.75 25.55
CA GLY H 130 26.93 -15.20 25.78
C GLY H 130 26.26 -15.86 24.58
N ALA H 131 26.67 -17.08 24.24
CA ALA H 131 26.05 -17.83 23.13
C ALA H 131 26.12 -19.34 23.35
N GLY H 132 25.14 -20.05 22.79
CA GLY H 132 25.08 -21.52 22.73
C GLY H 132 24.51 -21.96 21.41
N SER H 133 23.31 -22.50 21.42
CA SER H 133 22.49 -22.79 20.20
C SER H 133 22.24 -21.47 19.46
N ASP H 134 22.12 -20.39 20.24
CA ASP H 134 21.74 -19.05 19.78
C ASP H 134 22.71 -18.02 20.38
N ILE H 135 22.76 -16.83 19.80
CA ILE H 135 23.39 -15.66 20.47
C ILE H 135 22.40 -15.17 21.52
N ASP H 136 22.63 -15.50 22.79
CA ASP H 136 21.78 -15.04 23.90
C ASP H 136 21.91 -13.52 24.06
N ARG H 137 23.13 -13.01 23.87
CA ARG H 137 23.49 -11.67 24.40
C ARG H 137 24.76 -11.17 23.70
N LEU H 138 24.75 -9.89 23.30
CA LEU H 138 25.80 -9.25 22.47
C LEU H 138 25.92 -7.80 22.91
N GLY H 139 27.16 -7.37 23.15
CA GLY H 139 27.55 -5.95 23.22
C GLY H 139 28.76 -5.68 22.35
N LEU H 140 28.79 -4.51 21.73
CA LEU H 140 29.91 -4.06 20.87
C LEU H 140 30.87 -3.27 21.76
N ILE H 141 32.15 -3.27 21.39
CA ILE H 141 33.23 -2.52 22.07
C ILE H 141 33.95 -1.65 21.04
N PHE H 142 34.10 -0.34 21.33
CA PHE H 142 34.79 0.65 20.47
C PHE H 142 35.99 1.27 21.16
N LEU H 143 36.95 1.78 20.38
CA LEU H 143 38.04 2.71 20.82
C LEU H 143 37.46 4.05 21.22
N LYS H 144 38.09 4.72 22.22
CA LYS H 144 37.79 6.11 22.69
C LYS H 144 38.28 7.14 21.66
N TYR I 7 20.49 24.95 32.29
CA TYR I 7 19.37 24.00 32.01
C TYR I 7 18.18 24.74 31.31
N ILE I 8 17.76 24.24 30.13
CA ILE I 8 16.50 24.57 29.39
C ILE I 8 15.45 23.49 29.72
N TYR I 9 14.26 23.83 30.23
CA TYR I 9 13.22 22.83 30.61
C TYR I 9 12.13 22.79 29.53
N SER I 10 12.12 21.76 28.69
CA SER I 10 11.08 21.51 27.65
C SER I 10 9.78 21.16 28.38
N THR I 11 8.64 21.51 27.79
CA THR I 11 7.29 21.28 28.37
C THR I 11 7.11 19.81 28.71
N GLU I 12 6.70 19.55 29.95
CA GLU I 12 6.08 18.28 30.38
C GLU I 12 4.72 18.11 29.71
N VAL I 13 4.56 17.07 28.90
CA VAL I 13 3.27 16.79 28.20
C VAL I 13 2.68 15.49 28.71
N GLY I 14 1.35 15.42 28.73
CA GLY I 14 0.59 14.27 29.23
C GLY I 14 -0.29 14.70 30.38
N GLY I 15 -0.60 13.77 31.29
CA GLY I 15 -1.54 13.99 32.40
C GLY I 15 -0.84 14.50 33.64
N VAL I 16 -1.61 14.65 34.73
CA VAL I 16 -1.14 15.15 36.07
C VAL I 16 -0.87 13.97 37.01
N GLY I 17 -1.29 12.76 36.63
CA GLY I 17 -1.12 11.48 37.36
C GLY I 17 0.34 11.06 37.58
N GLY I 18 0.48 9.92 38.27
CA GLY I 18 1.77 9.27 38.56
C GLY I 18 2.56 9.98 39.65
N THR I 19 3.57 9.29 40.16
CA THR I 19 4.53 9.83 41.15
C THR I 19 5.55 10.65 40.39
N PRO I 20 5.74 11.94 40.76
CA PRO I 20 6.79 12.78 40.17
C PRO I 20 8.19 12.14 40.21
N PHE I 21 8.94 12.35 39.13
CA PHE I 21 10.38 12.00 39.03
C PHE I 21 11.12 13.21 38.49
N THR I 22 12.42 13.28 38.80
CA THR I 22 13.42 14.23 38.24
C THR I 22 14.76 13.48 38.18
N PHE I 23 15.28 13.26 36.97
CA PHE I 23 16.58 12.58 36.75
C PHE I 23 17.55 13.58 36.15
N MET I 24 18.47 14.08 36.98
CA MET I 24 19.53 15.04 36.57
C MET I 24 20.79 14.74 37.38
N GLN I 25 21.97 15.14 36.90
CA GLN I 25 23.24 14.89 37.62
C GLN I 25 24.05 16.19 37.80
N GLU I 26 25.28 16.22 37.29
CA GLU I 26 26.20 17.37 37.43
C GLU I 26 27.40 17.22 36.47
N THR I 29 25.36 14.78 32.12
CA THR I 29 24.79 14.49 30.78
C THR I 29 24.26 13.04 30.65
N ILE I 30 23.14 12.83 29.96
CA ILE I 30 22.59 11.46 29.68
C ILE I 30 23.49 10.81 28.62
N THR I 31 23.93 9.58 28.91
CA THR I 31 24.77 8.73 28.04
C THR I 31 23.91 7.55 27.54
N SER I 32 22.76 7.28 28.15
CA SER I 32 21.86 6.18 27.73
C SER I 32 20.41 6.42 28.20
N ILE I 33 19.43 6.17 27.34
CA ILE I 33 17.99 6.26 27.74
C ILE I 33 17.21 5.11 27.07
N LYS I 34 16.30 4.48 27.82
CA LYS I 34 15.52 3.31 27.39
C LYS I 34 14.03 3.61 27.54
N PHE I 35 13.24 3.30 26.51
CA PHE I 35 11.78 3.48 26.52
C PHE I 35 11.10 2.14 26.37
N ASN I 36 10.21 1.77 27.29
CA ASN I 36 9.38 0.54 27.23
C ASN I 36 7.93 0.93 26.89
N TRP I 37 7.30 0.25 25.94
CA TRP I 37 5.93 0.58 25.48
C TRP I 37 5.16 -0.70 25.10
N SER I 38 3.85 -0.63 24.92
CA SER I 38 3.00 -1.81 24.59
C SER I 38 2.26 -1.56 23.28
N ASP I 39 1.99 -2.64 22.55
CA ASP I 39 1.00 -2.63 21.43
C ASP I 39 -0.42 -2.69 22.01
N GLN I 40 -0.60 -3.26 23.21
CA GLN I 40 -1.95 -3.46 23.80
C GLN I 40 -2.57 -2.06 24.05
N TYR I 41 -1.90 -1.19 24.80
CA TYR I 41 -2.44 0.11 25.26
C TYR I 41 -1.91 1.27 24.42
N LYS I 42 -0.94 1.04 23.56
CA LYS I 42 -0.26 2.12 22.78
C LYS I 42 0.17 3.25 23.73
N LEU I 43 0.85 2.92 24.83
CA LEU I 43 1.42 3.89 25.79
C LEU I 43 2.89 3.57 26.05
N LEU I 44 3.66 4.56 26.50
CA LEU I 44 4.94 4.35 27.21
C LEU I 44 4.58 3.85 28.59
N HIS I 45 5.37 2.93 29.14
CA HIS I 45 5.16 2.37 30.50
C HIS I 45 6.35 2.70 31.40
N HIS I 46 7.56 2.85 30.85
CA HIS I 46 8.80 2.75 31.65
C HIS I 46 9.92 3.51 30.95
N ILE I 47 10.79 4.14 31.73
CA ILE I 47 11.99 4.83 31.22
C ILE I 47 13.12 4.52 32.18
N GLU I 48 14.28 4.17 31.64
CA GLU I 48 15.55 4.13 32.42
C GLU I 48 16.52 5.09 31.77
N VAL I 49 17.38 5.66 32.59
CA VAL I 49 18.37 6.70 32.20
C VAL I 49 19.67 6.41 32.94
N LYS I 50 20.80 6.51 32.23
CA LYS I 50 22.20 6.47 32.79
C LYS I 50 22.92 7.79 32.49
N PHE I 51 23.75 8.26 33.42
CA PHE I 51 24.58 9.46 33.22
C PHE I 51 26.02 9.06 32.94
N ILE I 52 26.74 9.91 32.23
CA ILE I 52 28.24 9.95 32.14
C ILE I 52 28.84 9.80 33.54
N ASN I 53 29.94 9.05 33.66
CA ASN I 53 30.73 8.90 34.91
C ASN I 53 29.83 8.59 36.10
N ASN I 54 28.94 7.62 35.94
CA ASN I 54 28.00 7.16 37.00
C ASN I 54 27.41 5.85 36.50
N ALA I 55 27.36 4.84 37.35
CA ALA I 55 26.90 3.52 36.87
C ALA I 55 25.55 3.18 37.49
N ASN I 56 24.95 4.12 38.22
CA ASN I 56 23.61 3.86 38.82
C ASN I 56 22.56 4.00 37.71
N ILE I 57 21.55 3.14 37.71
CA ILE I 57 20.48 3.19 36.69
C ILE I 57 19.23 3.82 37.32
N TYR I 58 18.73 4.90 36.74
CA TYR I 58 17.56 5.64 37.27
C TYR I 58 16.34 5.26 36.43
N ALA I 59 15.33 4.69 37.08
CA ALA I 59 14.15 4.03 36.47
C ALA I 59 12.86 4.63 37.04
N THR I 60 11.80 4.66 36.24
CA THR I 60 10.45 5.08 36.68
C THR I 60 9.44 4.35 35.79
N GLY I 61 8.27 4.09 36.33
CA GLY I 61 7.15 3.38 35.68
C GLY I 61 7.31 1.88 35.81
N ASP I 62 6.36 1.14 35.26
CA ASP I 62 6.27 -0.34 35.37
C ASP I 62 6.70 -0.92 34.03
N PRO I 63 7.78 -1.76 33.94
CA PRO I 63 8.20 -2.32 32.65
C PRO I 63 7.25 -3.39 32.04
N LYS I 64 5.97 -3.06 31.86
CA LYS I 64 4.89 -4.04 31.52
C LYS I 64 4.90 -4.33 30.01
N GLY I 65 5.61 -3.54 29.20
CA GLY I 65 5.38 -3.47 27.74
C GLY I 65 6.09 -4.57 26.98
N ASN I 66 5.60 -4.96 25.80
CA ASN I 66 6.18 -6.04 24.93
C ASN I 66 7.30 -5.50 24.02
N HIS I 67 7.66 -4.20 24.06
CA HIS I 67 8.77 -3.58 23.28
C HIS I 67 9.68 -2.69 24.15
N GLU I 68 10.98 -2.59 23.83
CA GLU I 68 11.87 -1.55 24.42
C GLU I 68 12.91 -1.10 23.36
N VAL I 69 13.29 0.18 23.38
CA VAL I 69 14.47 0.71 22.64
C VAL I 69 15.39 1.47 23.60
N ILE I 70 16.68 1.36 23.32
CA ILE I 70 17.78 2.05 24.02
C ILE I 70 18.45 2.92 22.96
N LEU I 71 18.71 4.19 23.27
CA LEU I 71 19.61 5.07 22.51
C LEU I 71 20.83 5.33 23.38
N GLU I 72 22.03 5.01 22.88
CA GLU I 72 23.29 5.40 23.55
C GLU I 72 23.82 6.69 22.91
N ILE I 73 24.33 7.61 23.73
CA ILE I 73 24.77 8.94 23.24
C ILE I 73 26.25 9.14 23.52
N ASP I 74 27.02 9.32 22.46
CA ASP I 74 28.45 9.71 22.50
C ASP I 74 28.52 10.99 23.35
N ASP I 75 29.67 11.28 23.97
CA ASP I 75 29.87 12.41 24.93
C ASP I 75 29.71 13.76 24.18
N ASP I 76 29.96 13.84 22.87
CA ASP I 76 29.88 15.12 22.11
C ASP I 76 28.63 15.15 21.23
N GLU I 77 27.73 14.19 21.40
CA GLU I 77 26.54 13.98 20.52
C GLU I 77 25.36 14.75 21.10
N THR I 78 24.66 15.54 20.28
CA THR I 78 23.49 16.36 20.72
C THR I 78 22.19 15.81 20.09
N ILE I 79 21.02 16.21 20.62
CA ILE I 79 19.68 15.91 20.04
C ILE I 79 19.28 17.06 19.11
N ILE I 80 19.13 16.79 17.81
CA ILE I 80 18.81 17.85 16.80
C ILE I 80 17.33 17.83 16.42
N GLY I 81 16.62 16.74 16.66
CA GLY I 81 15.18 16.58 16.43
C GLY I 81 14.61 15.76 17.55
N SER I 82 13.46 16.10 18.09
CA SER I 82 12.87 15.35 19.20
C SER I 82 11.36 15.60 19.25
N VAL I 83 10.56 14.55 19.11
CA VAL I 83 9.07 14.57 19.10
C VAL I 83 8.55 13.64 20.20
N ILE I 84 7.69 14.13 21.08
CA ILE I 84 6.98 13.27 22.07
C ILE I 84 5.50 13.25 21.72
N GLY I 85 4.91 12.07 21.69
CA GLY I 85 3.50 11.81 21.39
C GLY I 85 2.77 11.56 22.68
N TYR I 86 1.55 12.05 22.82
CA TYR I 86 0.84 12.05 24.11
C TYR I 86 -0.67 12.18 23.89
N LYS I 87 -1.42 11.81 24.93
CA LYS I 87 -2.86 12.16 25.12
C LYS I 87 -2.92 13.40 26.00
N LYS I 88 -3.58 14.45 25.53
CA LYS I 88 -3.71 15.74 26.29
C LYS I 88 -4.75 15.56 27.38
N GLY I 89 -4.75 16.47 28.36
CA GLY I 89 -5.77 16.59 29.42
C GLY I 89 -5.24 16.13 30.77
N ASN I 90 -6.01 16.38 31.84
CA ASN I 90 -5.67 15.99 33.24
C ASN I 90 -5.41 14.45 33.26
N ASP I 91 -6.17 13.67 32.48
CA ASP I 91 -6.12 12.18 32.48
C ASP I 91 -5.14 11.68 31.39
N GLY I 92 -4.17 12.50 31.02
CA GLY I 92 -3.24 12.26 29.89
C GLY I 92 -2.20 11.17 30.16
N ARG I 93 -1.46 10.84 29.12
CA ARG I 93 -0.41 9.79 29.08
C ARG I 93 0.58 10.17 27.99
N CYS I 94 1.86 9.80 28.12
CA CYS I 94 2.83 9.80 27.00
C CYS I 94 2.68 8.53 26.20
N THR I 95 2.73 8.62 24.87
CA THR I 95 2.43 7.48 23.96
C THR I 95 3.62 7.15 23.06
N GLY I 96 4.51 8.11 22.75
CA GLY I 96 5.68 7.82 21.90
C GLY I 96 6.84 8.78 22.12
N VAL I 97 8.02 8.43 21.58
CA VAL I 97 9.19 9.34 21.50
C VAL I 97 9.98 9.05 20.22
N LYS I 98 10.23 10.07 19.39
CA LYS I 98 11.21 10.04 18.28
C LYS I 98 12.35 11.01 18.69
N LEU I 99 13.60 10.52 18.69
CA LEU I 99 14.83 11.32 18.89
C LEU I 99 15.78 11.09 17.71
N THR I 100 16.28 12.16 17.10
CA THR I 100 17.36 12.14 16.08
C THR I 100 18.56 12.90 16.66
N THR I 101 19.79 12.50 16.34
CA THR I 101 21.04 13.03 16.94
C THR I 101 21.93 13.71 15.89
N SER I 102 22.91 14.49 16.35
CA SER I 102 23.94 15.21 15.54
C SER I 102 24.76 14.24 14.70
N LYS I 103 24.71 12.92 14.97
CA LYS I 103 25.47 11.88 14.21
C LYS I 103 24.54 11.03 13.31
N GLY I 104 23.24 11.34 13.19
CA GLY I 104 22.30 10.61 12.30
C GLY I 104 21.69 9.38 12.97
N LYS I 105 21.82 9.26 14.29
CA LYS I 105 21.27 8.10 15.03
C LYS I 105 19.85 8.46 15.42
N SER I 106 18.93 7.52 15.35
CA SER I 106 17.51 7.79 15.69
C SER I 106 16.89 6.61 16.44
N ILE I 107 15.89 6.90 17.26
CA ILE I 107 14.99 5.87 17.84
C ILE I 107 13.55 6.33 17.68
N MET I 108 12.66 5.35 17.60
CA MET I 108 11.20 5.58 17.52
C MET I 108 10.53 4.55 18.43
N ALA I 109 9.93 5.02 19.51
CA ALA I 109 9.17 4.20 20.48
C ALA I 109 7.70 4.63 20.46
N GLY I 110 6.78 3.67 20.36
CA GLY I 110 5.36 3.87 20.63
C GLY I 110 4.62 4.51 19.47
N TYR I 111 3.67 5.40 19.77
CA TYR I 111 2.58 5.84 18.87
C TYR I 111 2.45 7.35 18.99
N PHE I 112 1.89 7.92 17.94
CA PHE I 112 1.80 9.38 17.68
C PHE I 112 0.40 9.72 17.15
N GLU I 113 -0.64 9.04 17.64
CA GLU I 113 -2.00 9.11 17.05
C GLU I 113 -2.72 10.39 17.49
N GLU I 114 -2.44 10.98 18.65
CA GLU I 114 -3.28 12.10 19.19
C GLU I 114 -2.56 13.45 19.11
N SER I 115 -1.64 13.76 20.05
CA SER I 115 -0.97 15.07 20.17
C SER I 115 0.55 14.89 20.15
N LEU I 116 1.29 15.94 19.79
CA LEU I 116 2.77 15.98 19.53
C LEU I 116 3.37 17.27 20.10
N ILE I 117 4.64 17.19 20.49
CA ILE I 117 5.49 18.37 20.72
C ILE I 117 6.79 18.08 19.97
N THR I 118 7.26 19.02 19.14
CA THR I 118 8.67 19.13 18.73
C THR I 118 9.37 20.06 19.72
N THR I 119 10.32 19.53 20.49
CA THR I 119 10.93 20.22 21.63
C THR I 119 12.12 21.08 21.20
N TYR I 120 12.66 21.79 22.17
CA TYR I 120 14.00 22.40 22.09
C TYR I 120 14.98 21.27 21.74
N THR I 121 16.17 21.67 21.32
CA THR I 121 17.25 20.77 20.87
C THR I 121 18.53 21.11 21.61
N GLY I 122 19.55 20.27 21.48
CA GLY I 122 20.85 20.44 22.15
C GLY I 122 21.21 19.21 22.96
N LYS I 123 22.07 19.38 23.96
CA LYS I 123 22.71 18.28 24.73
C LYS I 123 21.74 17.82 25.83
N LEU I 124 21.19 16.61 25.70
CA LEU I 124 20.21 16.05 26.65
C LEU I 124 20.89 15.80 28.00
N ALA I 125 20.41 16.48 29.03
CA ALA I 125 20.99 16.49 30.40
C ALA I 125 20.04 15.80 31.37
N GLY I 126 18.75 15.66 31.07
CA GLY I 126 17.85 14.96 31.99
C GLY I 126 16.43 14.85 31.49
N ILE I 127 15.53 14.41 32.36
CA ILE I 127 14.08 14.22 32.08
C ILE I 127 13.36 14.45 33.42
N LYS I 128 12.15 15.03 33.40
CA LYS I 128 11.23 15.11 34.56
C LYS I 128 9.87 14.60 34.10
N GLY I 129 9.01 14.19 35.02
CA GLY I 129 7.60 13.94 34.69
C GLY I 129 6.92 13.24 35.84
N GLY I 130 5.98 12.35 35.50
CA GLY I 130 5.26 11.49 36.46
C GLY I 130 4.95 10.14 35.84
N ALA I 131 4.98 9.07 36.65
CA ALA I 131 4.85 7.67 36.20
C ALA I 131 4.27 6.80 37.32
N GLY I 132 3.44 5.82 36.92
CA GLY I 132 3.00 4.69 37.74
C GLY I 132 2.99 3.40 36.90
N SER I 133 1.80 2.93 36.53
CA SER I 133 1.63 1.85 35.50
C SER I 133 2.21 2.36 34.18
N ASP I 134 2.05 3.66 33.93
CA ASP I 134 2.35 4.30 32.63
C ASP I 134 3.23 5.53 32.87
N ILE I 135 3.87 6.02 31.81
CA ILE I 135 4.43 7.39 31.78
C ILE I 135 3.26 8.37 31.59
N ASP I 136 2.85 9.02 32.66
CA ASP I 136 1.72 9.98 32.65
C ASP I 136 2.19 11.23 31.91
N ARG I 137 3.46 11.60 32.11
CA ARG I 137 3.96 12.94 31.77
C ARG I 137 5.49 12.90 31.64
N LEU I 138 6.03 13.56 30.62
CA LEU I 138 7.46 13.54 30.27
C LEU I 138 7.85 14.90 29.69
N GLY I 139 8.94 15.46 30.18
CA GLY I 139 9.62 16.65 29.64
C GLY I 139 11.12 16.43 29.60
N LEU I 140 11.77 16.95 28.58
CA LEU I 140 13.22 16.78 28.39
C LEU I 140 13.91 17.95 29.11
N ILE I 141 15.19 17.82 29.43
CA ILE I 141 16.05 18.88 30.01
C ILE I 141 17.37 18.93 29.22
N PHE I 142 17.83 20.12 28.85
CA PHE I 142 19.00 20.37 27.95
C PHE I 142 19.97 21.37 28.61
N LEU I 143 21.25 21.39 28.21
CA LEU I 143 22.30 22.39 28.60
C LEU I 143 22.12 23.71 27.82
N LYS I 144 22.33 24.88 28.47
CA LYS I 144 22.15 26.24 27.88
C LYS I 144 23.21 26.51 26.79
N ASP J 5 31.57 30.27 -38.39
CA ASP J 5 30.69 31.43 -38.02
C ASP J 5 30.91 31.71 -36.52
N ASN J 6 30.09 32.58 -35.92
CA ASN J 6 29.98 32.78 -34.45
C ASN J 6 28.78 31.97 -33.91
N TYR J 7 28.24 31.05 -34.70
CA TYR J 7 26.98 30.30 -34.45
C TYR J 7 27.21 28.78 -34.55
N ILE J 8 26.55 27.99 -33.68
CA ILE J 8 26.40 26.51 -33.73
C ILE J 8 25.03 26.21 -34.32
N TYR J 9 24.96 25.40 -35.37
CA TYR J 9 23.67 25.00 -35.99
C TYR J 9 23.34 23.57 -35.59
N SER J 10 22.35 23.36 -34.73
CA SER J 10 21.84 22.00 -34.38
C SER J 10 21.15 21.44 -35.63
N THR J 11 21.20 20.12 -35.78
CA THR J 11 20.52 19.40 -36.87
C THR J 11 19.06 19.84 -36.94
N GLU J 12 18.57 20.08 -38.16
CA GLU J 12 17.14 20.28 -38.48
C GLU J 12 16.47 18.90 -38.55
N VAL J 13 15.43 18.65 -37.74
CA VAL J 13 14.77 17.32 -37.65
C VAL J 13 13.33 17.43 -38.17
N GLY J 14 12.90 16.39 -38.87
CA GLY J 14 11.58 16.31 -39.50
C GLY J 14 11.68 16.07 -41.00
N GLY J 15 10.62 16.40 -41.74
CA GLY J 15 10.51 16.25 -43.20
C GLY J 15 11.02 17.45 -43.99
N VAL J 16 10.92 17.36 -45.33
CA VAL J 16 11.49 18.34 -46.31
C VAL J 16 10.43 19.37 -46.72
N GLY J 17 9.19 19.18 -46.28
CA GLY J 17 8.04 20.03 -46.63
C GLY J 17 8.09 21.39 -45.96
N GLY J 18 7.13 22.23 -46.36
CA GLY J 18 6.86 23.55 -45.78
C GLY J 18 7.71 24.63 -46.40
N THR J 19 7.46 25.87 -45.97
CA THR J 19 8.14 27.08 -46.47
C THR J 19 9.31 27.37 -45.52
N PRO J 20 10.55 27.48 -46.04
CA PRO J 20 11.71 27.81 -45.22
C PRO J 20 11.44 29.02 -44.31
N PHE J 21 12.11 29.06 -43.15
CA PHE J 21 12.33 30.27 -42.33
C PHE J 21 13.74 30.20 -41.73
N THR J 22 14.38 31.36 -41.56
CA THR J 22 15.57 31.51 -40.71
C THR J 22 15.42 32.81 -39.92
N PHE J 23 15.20 32.71 -38.62
CA PHE J 23 15.09 33.84 -37.65
C PHE J 23 16.35 33.89 -36.80
N MET J 24 17.16 34.90 -37.04
CA MET J 24 18.42 35.20 -36.33
C MET J 24 18.66 36.70 -36.42
N GLN J 25 19.30 37.30 -35.44
CA GLN J 25 19.63 38.73 -35.51
C GLN J 25 21.10 38.89 -35.14
N GLU J 26 21.86 39.62 -35.94
CA GLU J 26 23.28 39.90 -35.63
C GLU J 26 23.29 40.68 -34.32
N SER J 27 24.09 40.23 -33.34
CA SER J 27 24.23 40.80 -31.98
C SER J 27 22.98 40.57 -31.12
N GLY J 28 22.11 39.63 -31.50
CA GLY J 28 20.89 39.38 -30.73
C GLY J 28 20.80 37.95 -30.26
N THR J 29 19.98 37.72 -29.25
CA THR J 29 19.66 36.38 -28.69
C THR J 29 18.13 36.33 -28.50
N ILE J 30 17.57 35.12 -28.42
CA ILE J 30 16.10 34.90 -28.29
C ILE J 30 15.75 35.21 -26.83
N THR J 31 14.88 36.22 -26.65
CA THR J 31 14.30 36.68 -25.35
C THR J 31 12.93 36.02 -25.07
N SER J 32 12.25 35.44 -26.06
CA SER J 32 10.98 34.70 -25.85
C SER J 32 10.74 33.75 -27.05
N ILE J 33 10.08 32.61 -26.82
CA ILE J 33 9.80 31.60 -27.87
C ILE J 33 8.49 30.88 -27.49
N LYS J 34 7.57 30.72 -28.44
CA LYS J 34 6.19 30.22 -28.24
C LYS J 34 5.98 29.04 -29.18
N PHE J 35 5.46 27.92 -28.66
CA PHE J 35 5.16 26.69 -29.43
C PHE J 35 3.66 26.44 -29.33
N ASN J 36 2.99 26.32 -30.48
CA ASN J 36 1.55 25.98 -30.62
C ASN J 36 1.51 24.53 -31.08
N TRP J 37 0.65 23.68 -30.48
CA TRP J 37 0.50 22.25 -30.85
C TRP J 37 -0.93 21.77 -30.62
N SER J 38 -1.29 20.62 -31.19
CA SER J 38 -2.65 20.05 -31.02
C SER J 38 -2.56 18.56 -30.67
N ASP J 39 -3.48 18.08 -29.83
CA ASP J 39 -3.52 16.65 -29.43
C ASP J 39 -4.22 15.84 -30.53
N GLN J 40 -4.99 16.52 -31.38
CA GLN J 40 -5.72 15.87 -32.50
C GLN J 40 -4.72 15.33 -33.51
N TYR J 41 -3.61 16.04 -33.74
CA TYR J 41 -2.59 15.58 -34.71
C TYR J 41 -1.29 15.19 -34.00
N LYS J 42 -1.12 15.57 -32.72
CA LYS J 42 0.10 15.24 -31.92
C LYS J 42 1.35 15.78 -32.64
N LEU J 43 1.28 17.04 -33.12
CA LEU J 43 2.30 17.83 -33.89
C LEU J 43 2.36 19.25 -33.35
N LEU J 44 3.51 19.92 -33.48
CA LEU J 44 3.67 21.40 -33.51
C LEU J 44 3.10 21.95 -34.84
N HIS J 45 2.42 23.09 -34.77
CA HIS J 45 1.80 23.76 -35.93
C HIS J 45 2.47 25.12 -36.16
N HIS J 46 2.94 25.81 -35.11
CA HIS J 46 3.28 27.26 -35.20
C HIS J 46 4.32 27.59 -34.14
N ILE J 47 5.28 28.45 -34.47
CA ILE J 47 6.32 28.96 -33.53
C ILE J 47 6.41 30.47 -33.69
N GLU J 48 6.55 31.21 -32.59
CA GLU J 48 6.84 32.67 -32.63
C GLU J 48 8.12 32.85 -31.81
N VAL J 49 8.95 33.83 -32.17
CA VAL J 49 10.23 34.14 -31.49
C VAL J 49 10.41 35.67 -31.44
N LYS J 50 10.80 36.24 -30.27
CA LYS J 50 11.14 37.68 -30.13
C LYS J 50 12.64 37.73 -29.78
N PHE J 51 13.34 38.78 -30.21
CA PHE J 51 14.78 38.98 -29.97
C PHE J 51 14.97 40.12 -28.99
N ILE J 52 16.13 40.16 -28.34
CA ILE J 52 16.63 41.24 -27.46
C ILE J 52 16.65 42.57 -28.26
N ASN J 53 16.14 43.66 -27.68
CA ASN J 53 16.18 45.05 -28.22
C ASN J 53 15.47 45.11 -29.58
N ASN J 54 14.25 44.59 -29.67
CA ASN J 54 13.50 44.45 -30.95
C ASN J 54 12.08 44.00 -30.60
N ALA J 55 11.08 44.86 -30.82
CA ALA J 55 9.69 44.60 -30.40
C ALA J 55 8.96 43.65 -31.37
N ASN J 56 9.61 43.20 -32.45
CA ASN J 56 8.94 42.42 -33.53
C ASN J 56 8.86 40.92 -33.17
N ILE J 57 7.68 40.35 -33.47
CA ILE J 57 7.35 38.90 -33.34
C ILE J 57 7.63 38.19 -34.68
N TYR J 58 8.55 37.22 -34.71
CA TYR J 58 8.86 36.40 -35.91
C TYR J 58 8.12 35.06 -35.78
N ALA J 59 7.09 34.87 -36.62
CA ALA J 59 6.13 33.73 -36.60
C ALA J 59 6.25 32.92 -37.89
N THR J 60 5.97 31.63 -37.78
CA THR J 60 5.91 30.65 -38.90
C THR J 60 4.92 29.54 -38.51
N GLY J 61 4.23 28.95 -39.49
CA GLY J 61 3.22 27.91 -39.26
C GLY J 61 1.83 28.49 -39.14
N ASP J 62 0.82 27.62 -39.05
CA ASP J 62 -0.61 27.93 -38.82
C ASP J 62 -0.93 27.70 -37.33
N PRO J 63 -1.31 28.74 -36.54
CA PRO J 63 -1.56 28.57 -35.10
C PRO J 63 -2.95 27.94 -34.82
N LYS J 64 -3.13 26.67 -35.13
CA LYS J 64 -4.46 26.02 -35.18
C LYS J 64 -4.59 24.97 -34.08
N GLY J 65 -3.55 24.79 -33.27
CA GLY J 65 -3.55 23.81 -32.17
C GLY J 65 -4.27 24.35 -30.94
N ASN J 66 -4.65 23.46 -30.02
CA ASN J 66 -5.49 23.74 -28.83
C ASN J 66 -4.63 24.12 -27.64
N HIS J 67 -3.29 24.03 -27.73
CA HIS J 67 -2.34 24.37 -26.62
C HIS J 67 -1.27 25.33 -27.14
N GLU J 68 -0.71 26.20 -26.27
CA GLU J 68 0.52 26.99 -26.57
C GLU J 68 1.32 27.13 -25.27
N VAL J 69 2.67 27.10 -25.35
CA VAL J 69 3.56 27.46 -24.22
C VAL J 69 4.50 28.56 -24.67
N ILE J 70 4.84 29.45 -23.75
CA ILE J 70 5.84 30.53 -23.95
C ILE J 70 6.94 30.33 -22.92
N LEU J 71 8.20 30.33 -23.36
CA LEU J 71 9.37 30.48 -22.46
C LEU J 71 9.96 31.89 -22.68
N GLU J 72 10.03 32.73 -21.62
CA GLU J 72 10.84 33.97 -21.60
C GLU J 72 12.25 33.63 -21.07
N ILE J 73 13.27 34.37 -21.50
CA ILE J 73 14.71 34.04 -21.31
C ILE J 73 15.44 35.28 -20.83
N ASP J 74 15.86 35.30 -19.55
CA ASP J 74 16.66 36.39 -18.95
C ASP J 74 17.91 36.57 -19.83
N ASP J 75 18.54 37.76 -19.87
CA ASP J 75 19.64 38.11 -20.84
C ASP J 75 20.83 37.17 -20.60
N ASP J 76 21.04 36.72 -19.36
CA ASP J 76 22.23 35.89 -18.96
C ASP J 76 21.87 34.40 -18.97
N GLU J 77 20.60 34.04 -19.22
CA GLU J 77 20.06 32.65 -19.14
C GLU J 77 20.33 31.83 -20.44
N THR J 78 20.93 30.64 -20.30
CA THR J 78 21.31 29.71 -21.40
C THR J 78 20.42 28.47 -21.33
N ILE J 79 20.41 27.67 -22.39
CA ILE J 79 19.68 26.38 -22.46
C ILE J 79 20.67 25.29 -22.06
N ILE J 80 20.36 24.45 -21.07
CA ILE J 80 21.32 23.43 -20.56
C ILE J 80 20.82 22.03 -20.98
N GLY J 81 19.55 21.92 -21.40
CA GLY J 81 18.90 20.67 -21.86
C GLY J 81 17.89 21.00 -22.93
N SER J 82 17.87 20.23 -24.00
CA SER J 82 17.03 20.56 -25.17
C SER J 82 16.74 19.29 -25.98
N VAL J 83 15.47 18.88 -26.01
CA VAL J 83 14.99 17.68 -26.74
C VAL J 83 13.94 18.11 -27.77
N ILE J 84 14.09 17.69 -29.03
CA ILE J 84 12.99 17.86 -30.03
C ILE J 84 12.45 16.50 -30.41
N GLY J 85 11.13 16.33 -30.35
CA GLY J 85 10.42 15.15 -30.85
C GLY J 85 10.02 15.36 -32.29
N TYR J 86 10.15 14.34 -33.14
CA TYR J 86 9.75 14.41 -34.55
C TYR J 86 9.38 13.03 -35.09
N LYS J 87 8.68 13.01 -36.23
CA LYS J 87 8.58 11.85 -37.14
C LYS J 87 9.67 11.99 -38.19
N LYS J 88 10.45 10.92 -38.40
CA LYS J 88 11.59 10.92 -39.36
C LYS J 88 11.08 10.70 -40.79
N GLY J 89 11.96 10.92 -41.77
CA GLY J 89 11.70 10.69 -43.20
C GLY J 89 11.29 11.94 -43.95
N ASN J 90 11.20 11.84 -45.28
CA ASN J 90 10.86 12.99 -46.17
C ASN J 90 9.53 13.62 -45.73
N ASP J 91 8.55 12.79 -45.34
CA ASP J 91 7.19 13.26 -45.00
C ASP J 91 7.11 13.67 -43.52
N GLY J 92 8.23 13.81 -42.85
CA GLY J 92 8.25 13.97 -41.39
C GLY J 92 7.76 15.33 -40.93
N ARG J 93 7.66 15.45 -39.62
CA ARG J 93 7.04 16.58 -38.92
C ARG J 93 7.75 16.64 -37.57
N CYS J 94 7.77 17.82 -36.96
CA CYS J 94 8.26 18.07 -35.59
C CYS J 94 7.05 18.04 -34.64
N THR J 95 7.11 17.22 -33.58
CA THR J 95 5.96 16.75 -32.77
C THR J 95 6.03 17.32 -31.33
N GLY J 96 7.20 17.69 -30.80
CA GLY J 96 7.39 18.13 -29.40
C GLY J 96 8.69 18.87 -29.16
N VAL J 97 8.76 19.69 -28.11
CA VAL J 97 10.02 20.34 -27.64
C VAL J 97 9.99 20.41 -26.11
N LYS J 98 11.03 19.93 -25.43
CA LYS J 98 11.35 20.20 -24.00
C LYS J 98 12.61 21.09 -24.01
N LEU J 99 12.59 22.21 -23.28
CA LEU J 99 13.77 23.06 -23.01
C LEU J 99 13.88 23.26 -21.49
N THR J 100 15.10 23.20 -20.95
CA THR J 100 15.43 23.49 -19.55
C THR J 100 16.52 24.54 -19.58
N THR J 101 16.51 25.49 -18.66
CA THR J 101 17.46 26.63 -18.66
C THR J 101 18.42 26.57 -17.47
N SER J 102 19.43 27.43 -17.50
CA SER J 102 20.50 27.55 -16.49
C SER J 102 19.92 28.06 -15.16
N LYS J 103 18.63 28.41 -15.11
CA LYS J 103 17.96 28.94 -13.90
C LYS J 103 16.82 28.00 -13.49
N GLY J 104 16.77 26.79 -14.03
CA GLY J 104 15.79 25.76 -13.61
C GLY J 104 14.39 25.98 -14.17
N LYS J 105 14.22 26.89 -15.15
CA LYS J 105 12.96 27.03 -15.92
C LYS J 105 12.85 25.92 -16.97
N SER J 106 11.66 25.48 -17.31
CA SER J 106 11.50 24.45 -18.35
C SER J 106 10.10 24.47 -18.98
N ILE J 107 9.98 24.06 -20.25
CA ILE J 107 8.68 23.91 -20.96
C ILE J 107 8.66 22.55 -21.66
N MET J 108 7.48 21.94 -21.76
CA MET J 108 7.22 20.67 -22.50
C MET J 108 6.03 20.99 -23.40
N ALA J 109 6.21 20.89 -24.70
CA ALA J 109 5.11 21.09 -25.66
C ALA J 109 5.10 19.88 -26.58
N GLY J 110 3.93 19.35 -26.87
CA GLY J 110 3.84 18.27 -27.87
C GLY J 110 4.08 16.86 -27.38
N TYR J 111 4.33 15.97 -28.33
CA TYR J 111 4.50 14.51 -28.11
C TYR J 111 5.93 14.11 -28.45
N PHE J 112 6.38 12.99 -27.87
CA PHE J 112 7.76 12.47 -28.08
C PHE J 112 7.66 10.95 -28.23
N GLU J 113 6.79 10.52 -29.13
CA GLU J 113 6.50 9.08 -29.35
C GLU J 113 7.44 8.39 -30.36
N GLU J 114 7.87 9.06 -31.41
CA GLU J 114 8.68 8.40 -32.46
C GLU J 114 10.18 8.66 -32.33
N SER J 115 10.65 9.77 -32.84
CA SER J 115 12.10 10.11 -32.84
C SER J 115 12.37 11.30 -31.91
N LEU J 116 13.58 11.41 -31.40
CA LEU J 116 13.96 12.50 -30.47
C LEU J 116 15.40 12.92 -30.76
N ILE J 117 15.72 14.18 -30.52
CA ILE J 117 17.15 14.61 -30.65
C ILE J 117 17.50 15.38 -29.39
N THR J 118 18.64 15.06 -28.78
CA THR J 118 19.16 15.85 -27.64
C THR J 118 20.20 16.74 -28.29
N THR J 119 19.90 18.01 -28.38
CA THR J 119 20.75 18.94 -29.15
C THR J 119 21.95 19.46 -28.37
N TYR J 120 22.64 20.39 -29.00
CA TYR J 120 23.78 21.14 -28.44
C TYR J 120 23.25 22.11 -27.39
N THR J 121 24.10 22.58 -26.50
CA THR J 121 23.58 23.55 -25.52
C THR J 121 24.28 24.90 -25.70
N GLY J 122 23.70 25.91 -25.10
CA GLY J 122 24.33 27.25 -24.99
C GLY J 122 23.27 28.35 -25.08
N LYS J 123 23.69 29.55 -25.48
CA LYS J 123 22.80 30.72 -25.54
C LYS J 123 21.97 30.63 -26.83
N LEU J 124 20.65 30.50 -26.72
CA LEU J 124 19.73 30.32 -27.88
C LEU J 124 19.70 31.62 -28.68
N ALA J 125 20.11 31.54 -29.95
CA ALA J 125 20.36 32.68 -30.86
C ALA J 125 19.26 32.73 -31.94
N GLY J 126 18.74 31.57 -32.36
CA GLY J 126 17.85 31.51 -33.55
C GLY J 126 17.19 30.17 -33.79
N ILE J 127 16.27 30.12 -34.75
CA ILE J 127 15.67 28.85 -35.25
C ILE J 127 15.68 28.89 -36.78
N LYS J 128 15.82 27.76 -37.45
CA LYS J 128 15.48 27.62 -38.89
C LYS J 128 14.71 26.31 -39.13
N GLY J 129 14.05 26.20 -40.26
CA GLY J 129 13.43 24.94 -40.70
C GLY J 129 12.39 25.20 -41.76
N GLY J 130 11.29 24.45 -41.73
CA GLY J 130 10.20 24.60 -42.71
C GLY J 130 8.89 24.50 -41.97
N ALA J 131 7.86 25.23 -42.44
CA ALA J 131 6.50 25.27 -41.85
C ALA J 131 5.44 25.54 -42.92
N GLY J 132 4.30 24.84 -42.80
CA GLY J 132 3.07 25.06 -43.58
C GLY J 132 1.91 25.15 -42.63
N SER J 133 1.06 24.13 -42.61
CA SER J 133 -0.02 23.92 -41.59
C SER J 133 0.60 23.35 -40.30
N ASP J 134 1.79 22.78 -40.42
CA ASP J 134 2.52 22.04 -39.38
C ASP J 134 3.93 22.62 -39.35
N ILE J 135 4.71 22.32 -38.30
CA ILE J 135 6.17 22.53 -38.33
C ILE J 135 6.78 21.25 -38.91
N ASP J 136 7.16 21.30 -40.18
CA ASP J 136 7.76 20.16 -40.92
C ASP J 136 9.11 19.83 -40.25
N ARG J 137 9.83 20.86 -39.79
CA ARG J 137 11.29 20.74 -39.62
C ARG J 137 11.79 21.93 -38.82
N LEU J 138 12.66 21.68 -37.84
CA LEU J 138 13.12 22.66 -36.83
C LEU J 138 14.55 22.28 -36.41
N GLY J 139 15.42 23.28 -36.39
CA GLY J 139 16.77 23.25 -35.81
C GLY J 139 17.01 24.49 -34.98
N LEU J 140 17.66 24.34 -33.84
CA LEU J 140 18.02 25.44 -32.94
C LEU J 140 19.40 25.94 -33.36
N ILE J 141 19.67 27.20 -33.02
CA ILE J 141 20.96 27.89 -33.32
C ILE J 141 21.43 28.57 -32.03
N PHE J 142 22.69 28.32 -31.67
CA PHE J 142 23.36 28.81 -30.44
C PHE J 142 24.57 29.69 -30.78
N LEU J 143 24.95 30.61 -29.89
CA LEU J 143 26.27 31.32 -29.89
C LEU J 143 27.43 30.38 -29.54
N LYS J 144 28.69 30.75 -29.82
CA LYS J 144 29.90 29.91 -29.63
C LYS J 144 30.50 30.12 -28.23
N ASP K 5 48.48 3.72 -28.15
CA ASP K 5 47.86 4.78 -28.96
C ASP K 5 47.64 6.00 -28.06
N ASN K 6 46.93 7.02 -28.57
CA ASN K 6 46.28 8.12 -27.82
C ASN K 6 44.78 7.80 -27.67
N TYR K 7 44.37 6.52 -27.81
CA TYR K 7 42.96 6.06 -27.81
C TYR K 7 42.72 4.89 -26.84
N ILE K 8 41.55 4.83 -26.20
CA ILE K 8 41.03 3.69 -25.38
C ILE K 8 39.96 2.99 -26.20
N TYR K 9 40.11 1.69 -26.46
CA TYR K 9 39.12 0.88 -27.23
C TYR K 9 38.25 0.09 -26.24
N SER K 10 36.99 0.49 -26.07
CA SER K 10 36.00 -0.36 -25.36
C SER K 10 35.76 -1.63 -26.18
N THR K 11 35.39 -2.73 -25.52
CA THR K 11 35.03 -4.03 -26.14
C THR K 11 33.86 -3.90 -27.12
N GLU K 12 34.07 -4.46 -28.32
CA GLU K 12 33.03 -4.67 -29.35
C GLU K 12 32.12 -5.78 -28.83
N VAL K 13 30.83 -5.50 -28.68
CA VAL K 13 29.88 -6.48 -28.12
C VAL K 13 28.87 -6.87 -29.21
N GLY K 14 28.53 -8.15 -29.25
CA GLY K 14 27.56 -8.74 -30.19
C GLY K 14 28.15 -9.92 -30.97
N GLY K 15 27.70 -10.10 -32.21
CA GLY K 15 28.08 -11.21 -33.10
C GLY K 15 29.28 -10.84 -33.98
N VAL K 16 29.73 -11.85 -34.76
CA VAL K 16 30.87 -11.77 -35.71
C VAL K 16 30.37 -11.42 -37.11
N GLY K 17 29.06 -11.28 -37.31
CA GLY K 17 28.45 -10.98 -38.62
C GLY K 17 28.75 -9.59 -39.14
N GLY K 18 28.24 -9.29 -40.34
CA GLY K 18 28.19 -7.97 -40.95
C GLY K 18 29.51 -7.50 -41.55
N THR K 19 29.48 -6.35 -42.21
CA THR K 19 30.68 -5.70 -42.79
C THR K 19 31.30 -4.85 -41.67
N PRO K 20 32.57 -5.08 -41.31
CA PRO K 20 33.29 -4.20 -40.41
C PRO K 20 33.31 -2.76 -40.88
N PHE K 21 33.34 -1.86 -39.90
CA PHE K 21 33.40 -0.39 -40.08
C PHE K 21 34.21 0.18 -38.92
N THR K 22 34.89 1.29 -39.17
CA THR K 22 35.62 2.10 -38.16
C THR K 22 35.35 3.55 -38.52
N PHE K 23 34.77 4.31 -37.62
CA PHE K 23 34.56 5.76 -37.81
C PHE K 23 35.44 6.52 -36.83
N MET K 24 36.47 7.20 -37.32
CA MET K 24 37.42 8.04 -36.55
C MET K 24 38.13 9.05 -37.47
N GLN K 25 38.54 10.23 -36.99
CA GLN K 25 39.28 11.26 -37.79
C GLN K 25 40.41 11.89 -36.98
N GLU K 26 41.55 12.21 -37.61
CA GLU K 26 42.90 12.32 -36.96
C GLU K 26 42.82 13.21 -35.72
N SER K 27 42.48 14.48 -35.88
CA SER K 27 42.54 15.43 -34.73
C SER K 27 41.10 15.76 -34.30
N GLY K 28 40.17 14.77 -34.37
CA GLY K 28 38.71 14.94 -34.37
C GLY K 28 37.97 14.09 -33.32
N THR K 29 36.80 14.56 -32.84
CA THR K 29 35.89 13.87 -31.88
C THR K 29 34.47 13.83 -32.47
N ILE K 30 33.62 12.92 -31.98
CA ILE K 30 32.22 12.81 -32.43
C ILE K 30 31.47 14.04 -31.92
N THR K 31 30.79 14.74 -32.82
CA THR K 31 29.94 15.92 -32.51
C THR K 31 28.46 15.53 -32.65
N SER K 32 28.14 14.47 -33.40
CA SER K 32 26.75 13.97 -33.52
C SER K 32 26.72 12.46 -33.77
N ILE K 33 25.83 11.72 -33.09
CA ILE K 33 25.65 10.26 -33.31
C ILE K 33 24.14 9.95 -33.29
N LYS K 34 23.67 9.13 -34.23
CA LYS K 34 22.25 8.76 -34.42
C LYS K 34 22.12 7.24 -34.47
N PHE K 35 21.16 6.69 -33.71
CA PHE K 35 20.88 5.26 -33.52
C PHE K 35 19.49 5.01 -34.06
N ASN K 36 19.34 4.02 -34.94
CA ASN K 36 18.05 3.60 -35.52
C ASN K 36 17.76 2.20 -34.98
N TRP K 37 16.52 1.93 -34.58
CA TRP K 37 16.15 0.61 -34.02
C TRP K 37 14.70 0.29 -34.27
N SER K 38 14.29 -0.97 -34.09
CA SER K 38 12.91 -1.41 -34.37
C SER K 38 12.26 -2.03 -33.14
N ASP K 39 10.96 -1.79 -32.94
CA ASP K 39 10.13 -2.50 -31.93
C ASP K 39 9.94 -3.95 -32.40
N GLN K 40 9.98 -4.24 -33.71
CA GLN K 40 9.70 -5.60 -34.26
C GLN K 40 10.81 -6.59 -33.87
N TYR K 41 12.08 -6.25 -34.08
CA TYR K 41 13.21 -7.16 -33.80
C TYR K 41 13.92 -6.74 -32.50
N LYS K 42 13.67 -5.55 -31.98
CA LYS K 42 14.30 -5.09 -30.70
C LYS K 42 15.83 -5.03 -30.85
N LEU K 43 16.30 -4.67 -32.04
CA LEU K 43 17.73 -4.54 -32.40
C LEU K 43 17.99 -3.11 -32.84
N LEU K 44 19.21 -2.61 -32.64
CA LEU K 44 19.79 -1.52 -33.46
C LEU K 44 19.99 -2.04 -34.88
N HIS K 45 19.62 -1.22 -35.88
CA HIS K 45 19.76 -1.58 -37.30
C HIS K 45 20.75 -0.65 -38.02
N HIS K 46 21.00 0.56 -37.53
CA HIS K 46 21.71 1.59 -38.33
C HIS K 46 22.27 2.67 -37.40
N ILE K 47 23.49 3.12 -37.66
CA ILE K 47 24.13 4.21 -36.88
C ILE K 47 24.67 5.27 -37.86
N GLU K 48 24.56 6.55 -37.49
CA GLU K 48 25.19 7.68 -38.23
C GLU K 48 26.03 8.52 -37.28
N VAL K 49 27.16 9.00 -37.75
CA VAL K 49 28.11 9.76 -36.91
C VAL K 49 28.59 10.94 -37.75
N LYS K 50 28.85 12.08 -37.10
CA LYS K 50 29.53 13.27 -37.66
C LYS K 50 30.67 13.66 -36.73
N PHE K 51 31.69 14.26 -37.31
CA PHE K 51 32.91 14.70 -36.59
C PHE K 51 33.01 16.22 -36.65
N ILE K 52 33.62 16.78 -35.62
CA ILE K 52 34.00 18.20 -35.49
C ILE K 52 34.66 18.62 -36.82
N ASN K 53 34.34 19.81 -37.34
CA ASN K 53 35.02 20.40 -38.52
C ASN K 53 34.99 19.40 -39.68
N ASN K 54 33.82 18.81 -39.95
CA ASN K 54 33.68 17.81 -41.05
C ASN K 54 32.18 17.56 -41.32
N ALA K 55 31.67 17.99 -42.48
CA ALA K 55 30.21 18.02 -42.78
C ALA K 55 29.74 16.66 -43.35
N ASN K 56 30.67 15.72 -43.58
CA ASN K 56 30.38 14.33 -44.04
C ASN K 56 29.64 13.50 -42.98
N ILE K 57 28.68 12.69 -43.42
CA ILE K 57 27.86 11.78 -42.58
C ILE K 57 28.38 10.36 -42.81
N TYR K 58 28.97 9.71 -41.79
CA TYR K 58 29.47 8.31 -41.88
C TYR K 58 28.36 7.39 -41.35
N ALA K 59 27.94 6.41 -42.14
CA ALA K 59 26.72 5.61 -41.88
C ALA K 59 26.96 4.12 -42.12
N THR K 60 26.32 3.26 -41.35
CA THR K 60 26.40 1.81 -41.53
C THR K 60 25.08 1.20 -41.08
N GLY K 61 24.79 0.01 -41.60
CA GLY K 61 23.55 -0.73 -41.37
C GLY K 61 22.40 -0.26 -42.27
N ASP K 62 21.27 -0.94 -42.20
CA ASP K 62 20.07 -0.63 -43.03
C ASP K 62 19.09 0.21 -42.19
N PRO K 63 18.69 1.43 -42.60
CA PRO K 63 17.90 2.29 -41.72
C PRO K 63 16.41 1.90 -41.71
N LYS K 64 16.07 0.69 -41.27
CA LYS K 64 14.70 0.12 -41.46
C LYS K 64 13.83 0.27 -40.22
N GLY K 65 14.39 0.68 -39.09
CA GLY K 65 13.67 0.73 -37.80
C GLY K 65 12.66 1.87 -37.74
N ASN K 66 11.71 1.77 -36.81
CA ASN K 66 10.58 2.72 -36.66
C ASN K 66 10.96 3.83 -35.66
N HIS K 67 12.15 3.79 -35.04
CA HIS K 67 12.63 4.86 -34.12
C HIS K 67 14.06 5.27 -34.46
N GLU K 68 14.42 6.55 -34.22
CA GLU K 68 15.84 7.01 -34.19
C GLU K 68 15.99 8.03 -33.04
N VAL K 69 17.19 8.08 -32.45
CA VAL K 69 17.56 9.17 -31.51
C VAL K 69 18.89 9.75 -32.01
N ILE K 70 19.02 11.08 -31.98
CA ILE K 70 20.32 11.78 -32.20
C ILE K 70 20.80 12.37 -30.87
N LEU K 71 22.05 12.13 -30.50
CA LEU K 71 22.77 12.90 -29.46
C LEU K 71 23.77 13.84 -30.15
N GLU K 72 23.65 15.16 -29.90
CA GLU K 72 24.68 16.17 -30.26
C GLU K 72 25.58 16.42 -29.05
N ILE K 73 26.90 16.46 -29.27
CA ILE K 73 27.92 16.59 -28.20
C ILE K 73 28.73 17.89 -28.38
N ASP K 74 28.68 18.75 -27.36
CA ASP K 74 29.46 20.01 -27.26
C ASP K 74 30.93 19.59 -27.30
N ASP K 75 31.81 20.50 -27.71
CA ASP K 75 33.26 20.29 -27.95
C ASP K 75 33.94 19.89 -26.62
N ASP K 76 33.48 20.46 -25.50
CA ASP K 76 34.06 20.24 -24.15
C ASP K 76 33.24 19.14 -23.42
N GLU K 77 32.25 18.51 -24.06
CA GLU K 77 31.29 17.58 -23.39
C GLU K 77 31.79 16.12 -23.49
N THR K 78 31.89 15.41 -22.36
CA THR K 78 32.42 14.02 -22.29
C THR K 78 31.28 13.06 -21.96
N ILE K 79 31.47 11.77 -22.22
CA ILE K 79 30.55 10.68 -21.76
C ILE K 79 30.97 10.26 -20.36
N ILE K 80 30.06 10.30 -19.37
CA ILE K 80 30.36 9.87 -17.95
C ILE K 80 29.67 8.54 -17.60
N GLY K 81 28.78 8.06 -18.46
CA GLY K 81 28.03 6.81 -18.28
C GLY K 81 27.65 6.22 -19.63
N SER K 82 27.85 4.94 -19.76
CA SER K 82 27.64 4.33 -21.07
C SER K 82 27.30 2.87 -20.83
N VAL K 83 26.09 2.46 -21.19
CA VAL K 83 25.69 1.02 -21.25
C VAL K 83 25.35 0.65 -22.71
N ILE K 84 25.81 -0.53 -23.16
CA ILE K 84 25.41 -1.11 -24.48
C ILE K 84 24.75 -2.46 -24.20
N GLY K 85 23.55 -2.64 -24.75
CA GLY K 85 22.83 -3.91 -24.75
C GLY K 85 23.17 -4.73 -25.98
N TYR K 86 23.24 -6.05 -25.80
CA TYR K 86 23.59 -6.98 -26.90
C TYR K 86 23.10 -8.41 -26.60
N LYS K 87 22.86 -9.20 -27.65
CA LYS K 87 22.79 -10.68 -27.61
C LYS K 87 24.19 -11.28 -27.79
N LYS K 88 24.74 -11.96 -26.75
CA LYS K 88 26.01 -12.75 -26.69
C LYS K 88 26.00 -13.80 -27.81
N GLY K 89 27.18 -14.32 -28.18
CA GLY K 89 27.31 -15.45 -29.14
C GLY K 89 27.79 -15.01 -30.51
N ASN K 90 28.30 -15.95 -31.32
CA ASN K 90 28.76 -15.69 -32.71
C ASN K 90 27.59 -15.11 -33.51
N ASP K 91 26.38 -15.57 -33.24
CA ASP K 91 25.16 -15.12 -33.98
C ASP K 91 24.62 -13.81 -33.36
N GLY K 92 25.38 -13.08 -32.56
CA GLY K 92 24.89 -11.94 -31.76
C GLY K 92 24.57 -10.67 -32.55
N ARG K 93 24.11 -9.67 -31.81
CA ARG K 93 23.56 -8.39 -32.33
C ARG K 93 23.64 -7.37 -31.20
N CYS K 94 23.80 -6.11 -31.56
CA CYS K 94 23.69 -4.97 -30.63
C CYS K 94 22.23 -4.55 -30.55
N THR K 95 21.66 -4.49 -29.36
CA THR K 95 20.19 -4.27 -29.17
C THR K 95 19.89 -2.85 -28.69
N GLY K 96 20.87 -2.15 -28.07
CA GLY K 96 20.59 -0.82 -27.49
C GLY K 96 21.82 -0.08 -27.02
N VAL K 97 21.68 1.24 -26.82
CA VAL K 97 22.73 2.12 -26.25
C VAL K 97 22.09 3.15 -25.31
N LYS K 98 22.64 3.30 -24.09
CA LYS K 98 22.30 4.35 -23.09
C LYS K 98 23.58 5.17 -22.89
N LEU K 99 23.55 6.49 -23.09
CA LEU K 99 24.70 7.41 -22.90
C LEU K 99 24.23 8.56 -22.01
N THR K 100 25.04 8.94 -21.02
CA THR K 100 24.87 10.14 -20.16
C THR K 100 26.15 10.99 -20.29
N THR K 101 26.02 12.30 -20.38
CA THR K 101 27.16 13.22 -20.68
C THR K 101 27.53 14.03 -19.43
N SER K 102 28.65 14.75 -19.51
CA SER K 102 29.17 15.66 -18.46
C SER K 102 28.28 16.88 -18.30
N LYS K 103 27.24 17.08 -19.12
CA LYS K 103 26.28 18.20 -18.98
C LYS K 103 24.85 17.73 -18.64
N GLY K 104 24.65 16.49 -18.19
CA GLY K 104 23.32 15.99 -17.79
C GLY K 104 22.42 15.66 -18.96
N LYS K 105 22.95 15.61 -20.18
CA LYS K 105 22.23 15.09 -21.38
C LYS K 105 22.29 13.58 -21.35
N SER K 106 21.23 12.93 -21.79
CA SER K 106 21.23 11.47 -21.96
C SER K 106 20.34 11.07 -23.15
N ILE K 107 20.59 9.89 -23.72
CA ILE K 107 19.72 9.22 -24.71
C ILE K 107 19.60 7.77 -24.30
N MET K 108 18.60 7.10 -24.81
CA MET K 108 18.32 5.68 -24.55
C MET K 108 17.70 5.13 -25.83
N ALA K 109 18.49 4.40 -26.62
CA ALA K 109 18.08 3.85 -27.92
C ALA K 109 18.01 2.33 -27.80
N GLY K 110 16.84 1.75 -28.11
CA GLY K 110 16.64 0.29 -28.17
C GLY K 110 16.41 -0.36 -26.83
N TYR K 111 16.86 -1.63 -26.71
CA TYR K 111 16.37 -2.60 -25.71
C TYR K 111 17.58 -3.08 -24.90
N PHE K 112 17.34 -3.38 -23.63
CA PHE K 112 18.33 -3.82 -22.61
C PHE K 112 17.79 -5.08 -21.95
N GLU K 113 17.24 -6.00 -22.74
CA GLU K 113 16.65 -7.26 -22.22
C GLU K 113 17.63 -8.41 -22.23
N GLU K 114 18.79 -8.26 -22.85
CA GLU K 114 19.76 -9.38 -22.92
C GLU K 114 20.99 -9.07 -22.09
N SER K 115 22.14 -8.96 -22.73
CA SER K 115 23.41 -8.70 -22.03
C SER K 115 23.72 -7.21 -22.04
N LEU K 116 24.55 -6.74 -21.11
CA LEU K 116 24.92 -5.32 -20.92
C LEU K 116 26.41 -5.21 -20.68
N ILE K 117 27.03 -4.15 -21.21
CA ILE K 117 28.39 -3.68 -20.85
C ILE K 117 28.27 -2.25 -20.35
N THR K 118 28.87 -1.97 -19.20
CA THR K 118 29.15 -0.59 -18.72
C THR K 118 30.57 -0.27 -19.17
N THR K 119 30.70 0.57 -20.16
CA THR K 119 32.02 0.79 -20.75
C THR K 119 32.81 1.85 -20.01
N TYR K 120 33.97 2.11 -20.58
CA TYR K 120 34.97 3.13 -20.22
C TYR K 120 34.37 4.51 -20.47
N THR K 121 34.81 5.52 -19.75
CA THR K 121 34.23 6.86 -20.00
C THR K 121 35.27 7.78 -20.65
N GLY K 122 34.89 8.99 -21.00
CA GLY K 122 35.85 9.95 -21.57
C GLY K 122 35.31 10.69 -22.76
N LYS K 123 36.17 11.43 -23.45
CA LYS K 123 35.76 12.18 -24.64
C LYS K 123 35.55 11.16 -25.77
N LEU K 124 34.32 11.04 -26.30
CA LEU K 124 33.99 10.06 -27.38
C LEU K 124 34.62 10.51 -28.71
N ALA K 125 35.53 9.69 -29.24
CA ALA K 125 36.37 9.95 -30.44
C ALA K 125 35.80 9.22 -31.65
N GLY K 126 35.27 7.99 -31.47
CA GLY K 126 34.77 7.20 -32.61
C GLY K 126 34.05 5.92 -32.23
N ILE K 127 33.75 5.11 -33.22
CA ILE K 127 33.09 3.79 -33.04
C ILE K 127 33.65 2.80 -34.05
N LYS K 128 33.59 1.52 -33.73
CA LYS K 128 33.94 0.42 -34.65
C LYS K 128 32.95 -0.71 -34.38
N GLY K 129 32.78 -1.60 -35.34
CA GLY K 129 32.02 -2.83 -35.14
C GLY K 129 31.76 -3.50 -36.47
N GLY K 130 30.54 -4.04 -36.63
CA GLY K 130 30.09 -4.68 -37.86
C GLY K 130 28.60 -4.56 -38.04
N ALA K 131 28.17 -4.36 -39.29
CA ALA K 131 26.75 -4.13 -39.63
C ALA K 131 26.39 -4.64 -41.03
N GLY K 132 25.14 -5.05 -41.19
CA GLY K 132 24.47 -5.36 -42.47
C GLY K 132 23.03 -4.86 -42.43
N SER K 133 22.08 -5.77 -42.27
CA SER K 133 20.65 -5.43 -42.01
C SER K 133 20.53 -4.83 -40.60
N ASP K 134 21.42 -5.29 -39.70
CA ASP K 134 21.44 -4.99 -38.25
C ASP K 134 22.83 -4.46 -37.85
N ILE K 135 22.96 -3.93 -36.63
CA ILE K 135 24.26 -3.72 -35.97
C ILE K 135 24.60 -5.02 -35.25
N ASP K 136 25.40 -5.84 -35.91
CA ASP K 136 25.95 -7.09 -35.34
C ASP K 136 26.76 -6.77 -34.07
N ARG K 137 27.71 -5.83 -34.16
CA ARG K 137 28.57 -5.52 -33.00
C ARG K 137 28.78 -4.00 -32.89
N LEU K 138 29.41 -3.57 -31.80
CA LEU K 138 29.65 -2.13 -31.53
C LEU K 138 30.69 -1.96 -30.39
N GLY K 139 31.77 -1.23 -30.64
CA GLY K 139 32.78 -0.80 -29.66
C GLY K 139 32.96 0.71 -29.69
N LEU K 140 32.87 1.39 -28.55
CA LEU K 140 33.13 2.84 -28.49
C LEU K 140 34.66 3.04 -28.44
N ILE K 141 35.13 4.23 -28.83
CA ILE K 141 36.56 4.64 -28.79
C ILE K 141 36.65 6.01 -28.13
N PHE K 142 37.54 6.16 -27.12
CA PHE K 142 37.74 7.41 -26.31
C PHE K 142 39.17 7.94 -26.42
N LEU K 143 39.41 9.24 -26.22
CA LEU K 143 40.76 9.86 -26.04
C LEU K 143 41.30 9.47 -24.68
N LYS K 144 42.64 9.44 -24.51
CA LYS K 144 43.32 9.09 -23.23
C LYS K 144 43.37 10.30 -22.28
N ASP L 5 52.33 -8.01 1.90
CA ASP L 5 52.50 -7.78 0.42
C ASP L 5 52.18 -6.29 0.10
N ASN L 6 51.85 -5.98 -1.16
CA ASN L 6 51.29 -4.67 -1.62
C ASN L 6 49.78 -4.82 -1.86
N TYR L 7 49.21 -5.95 -1.49
CA TYR L 7 47.84 -6.42 -1.83
C TYR L 7 47.01 -6.69 -0.56
N ILE L 8 45.71 -6.39 -0.62
CA ILE L 8 44.65 -6.77 0.38
C ILE L 8 43.87 -7.96 -0.19
N TYR L 9 43.77 -9.05 0.56
CA TYR L 9 43.05 -10.29 0.14
C TYR L 9 41.67 -10.34 0.80
N SER L 10 40.59 -10.09 0.05
CA SER L 10 39.20 -10.23 0.52
C SER L 10 38.90 -11.71 0.73
N THR L 11 38.01 -12.03 1.63
CA THR L 11 37.67 -13.44 1.96
C THR L 11 37.13 -14.09 0.70
N GLU L 12 37.69 -15.24 0.35
CA GLU L 12 37.08 -16.16 -0.63
C GLU L 12 35.79 -16.72 -0.02
N VAL L 13 34.66 -16.65 -0.72
CA VAL L 13 33.35 -17.10 -0.18
C VAL L 13 32.82 -18.12 -1.16
N GLY L 14 32.15 -19.15 -0.65
CA GLY L 14 31.66 -20.28 -1.47
C GLY L 14 32.14 -21.58 -0.92
N GLY L 15 32.10 -22.65 -1.72
CA GLY L 15 32.56 -24.00 -1.32
C GLY L 15 34.05 -24.22 -1.58
N VAL L 16 34.50 -25.45 -1.31
CA VAL L 16 35.93 -25.91 -1.42
C VAL L 16 36.14 -26.57 -2.78
N GLY L 17 35.08 -26.74 -3.58
CA GLY L 17 35.12 -27.39 -4.90
C GLY L 17 35.94 -26.64 -5.96
N GLY L 18 36.09 -27.30 -7.11
CA GLY L 18 36.66 -26.77 -8.38
C GLY L 18 38.18 -26.67 -8.40
N THR L 19 38.74 -26.37 -9.56
CA THR L 19 40.18 -26.09 -9.77
C THR L 19 40.49 -24.68 -9.26
N PRO L 20 41.50 -24.53 -8.37
CA PRO L 20 41.99 -23.20 -7.98
C PRO L 20 42.38 -22.33 -9.17
N PHE L 21 42.16 -21.02 -9.03
CA PHE L 21 42.63 -19.99 -9.98
C PHE L 21 43.16 -18.80 -9.19
N THR L 22 44.26 -18.20 -9.61
CA THR L 22 44.72 -16.85 -9.15
C THR L 22 45.05 -15.99 -10.38
N PHE L 23 44.27 -14.94 -10.65
CA PHE L 23 44.57 -13.95 -11.72
C PHE L 23 45.10 -12.65 -11.11
N MET L 24 46.38 -12.37 -11.32
CA MET L 24 47.05 -11.16 -10.81
C MET L 24 48.25 -10.90 -11.72
N GLN L 25 48.51 -9.66 -12.09
CA GLN L 25 49.66 -9.32 -12.96
C GLN L 25 50.49 -8.24 -12.28
N GLU L 26 51.81 -8.43 -12.22
CA GLU L 26 52.73 -7.49 -11.52
C GLU L 26 52.62 -6.09 -12.13
N SER L 27 52.30 -5.11 -11.28
CA SER L 27 52.13 -3.66 -11.61
C SER L 27 50.95 -3.43 -12.57
N GLY L 28 49.97 -4.31 -12.57
CA GLY L 28 48.82 -4.17 -13.47
C GLY L 28 47.51 -4.29 -12.71
N THR L 29 46.48 -3.59 -13.15
CA THR L 29 45.19 -3.71 -12.45
C THR L 29 44.17 -4.25 -13.43
N ILE L 30 43.04 -4.68 -12.90
CA ILE L 30 41.95 -5.21 -13.78
C ILE L 30 41.32 -4.00 -14.49
N THR L 31 41.28 -4.08 -15.81
CA THR L 31 40.70 -3.07 -16.71
C THR L 31 39.29 -3.55 -17.16
N SER L 32 39.01 -4.84 -17.09
CA SER L 32 37.74 -5.44 -17.57
C SER L 32 37.48 -6.77 -16.84
N ILE L 33 36.23 -7.00 -16.43
CA ILE L 33 35.77 -8.25 -15.78
C ILE L 33 34.38 -8.63 -16.33
N LYS L 34 34.20 -9.90 -16.68
CA LYS L 34 32.92 -10.40 -17.24
C LYS L 34 32.34 -11.53 -16.38
N PHE L 35 31.07 -11.49 -16.06
CA PHE L 35 30.38 -12.51 -15.23
C PHE L 35 29.36 -13.21 -16.10
N ASN L 36 29.35 -14.53 -16.03
CA ASN L 36 28.36 -15.38 -16.73
C ASN L 36 27.55 -16.14 -15.68
N TRP L 37 26.23 -16.05 -15.73
CA TRP L 37 25.35 -16.78 -14.78
C TRP L 37 24.08 -17.31 -15.48
N SER L 38 23.37 -18.21 -14.79
CA SER L 38 22.15 -18.90 -15.32
C SER L 38 20.95 -18.63 -14.41
N ASP L 39 19.75 -18.53 -14.99
CA ASP L 39 18.45 -18.47 -14.25
C ASP L 39 18.09 -19.89 -13.81
N GLN L 40 18.53 -20.90 -14.54
CA GLN L 40 18.23 -22.31 -14.23
C GLN L 40 18.77 -22.67 -12.85
N TYR L 41 20.08 -22.46 -12.61
CA TYR L 41 20.77 -22.83 -11.34
C TYR L 41 20.93 -21.66 -10.36
N LYS L 42 20.82 -20.39 -10.79
CA LYS L 42 20.97 -19.17 -9.93
C LYS L 42 22.39 -19.05 -9.38
N LEU L 43 23.39 -19.40 -10.19
CA LEU L 43 24.82 -19.45 -9.79
C LEU L 43 25.61 -18.66 -10.82
N LEU L 44 26.81 -18.16 -10.47
CA LEU L 44 27.84 -17.81 -11.48
C LEU L 44 28.40 -19.12 -12.05
N HIS L 45 28.63 -19.15 -13.37
CA HIS L 45 29.29 -20.30 -14.06
C HIS L 45 30.70 -19.92 -14.57
N HIS L 46 30.95 -18.67 -14.92
CA HIS L 46 32.17 -18.33 -15.69
C HIS L 46 32.57 -16.89 -15.37
N ILE L 47 33.88 -16.62 -15.32
CA ILE L 47 34.44 -15.27 -15.10
C ILE L 47 35.65 -15.08 -16.02
N GLU L 48 35.70 -13.94 -16.73
CA GLU L 48 36.86 -13.47 -17.51
C GLU L 48 37.31 -12.10 -17.03
N VAL L 49 38.62 -11.91 -17.00
CA VAL L 49 39.35 -10.73 -16.47
C VAL L 49 40.42 -10.33 -17.49
N LYS L 50 40.59 -9.02 -17.76
CA LYS L 50 41.74 -8.44 -18.52
C LYS L 50 42.46 -7.43 -17.62
N PHE L 51 43.76 -7.33 -17.81
CA PHE L 51 44.58 -6.41 -17.02
C PHE L 51 45.11 -5.33 -17.95
N ILE L 52 45.57 -4.26 -17.34
CA ILE L 52 46.19 -3.10 -18.05
C ILE L 52 47.43 -3.57 -18.79
N ASN L 53 47.63 -3.10 -20.03
CA ASN L 53 48.83 -3.39 -20.86
C ASN L 53 49.03 -4.89 -21.08
N ASN L 54 47.97 -5.60 -21.47
CA ASN L 54 48.00 -7.08 -21.66
C ASN L 54 46.70 -7.53 -22.35
N ALA L 55 46.80 -8.03 -23.58
CA ALA L 55 45.66 -8.37 -24.45
C ALA L 55 45.10 -9.75 -24.08
N ASN L 56 45.75 -10.47 -23.16
CA ASN L 56 45.33 -11.85 -22.77
C ASN L 56 44.09 -11.83 -21.86
N ILE L 57 43.19 -12.78 -22.13
CA ILE L 57 41.90 -13.00 -21.45
C ILE L 57 42.08 -14.18 -20.49
N TYR L 58 42.07 -13.93 -19.19
CA TYR L 58 42.14 -14.98 -18.14
C TYR L 58 40.71 -15.38 -17.74
N ALA L 59 40.36 -16.63 -17.98
CA ALA L 59 38.99 -17.19 -17.86
C ALA L 59 39.00 -18.41 -16.96
N THR L 60 37.89 -18.69 -16.29
CA THR L 60 37.74 -19.85 -15.38
C THR L 60 36.26 -20.21 -15.32
N GLY L 61 35.98 -21.51 -15.19
CA GLY L 61 34.61 -22.04 -15.21
C GLY L 61 34.13 -22.26 -16.63
N ASP L 62 32.90 -22.75 -16.76
CA ASP L 62 32.29 -23.24 -18.01
C ASP L 62 31.25 -22.20 -18.43
N PRO L 63 31.39 -21.53 -19.59
CA PRO L 63 30.47 -20.44 -19.95
C PRO L 63 29.10 -20.90 -20.45
N LYS L 64 28.27 -21.44 -19.55
CA LYS L 64 27.02 -22.22 -19.82
C LYS L 64 25.76 -21.36 -19.64
N GLY L 65 25.86 -20.18 -19.02
CA GLY L 65 24.66 -19.43 -18.60
C GLY L 65 23.98 -18.67 -19.74
N ASN L 66 22.78 -18.13 -19.49
CA ASN L 66 22.00 -17.32 -20.46
C ASN L 66 22.21 -15.81 -20.25
N HIS L 67 22.92 -15.38 -19.21
CA HIS L 67 23.25 -13.94 -18.95
C HIS L 67 24.76 -13.69 -18.98
N GLU L 68 25.20 -12.51 -19.44
CA GLU L 68 26.59 -12.02 -19.14
C GLU L 68 26.52 -10.51 -18.91
N VAL L 69 27.44 -9.97 -18.11
CA VAL L 69 27.68 -8.51 -17.96
C VAL L 69 29.20 -8.32 -17.94
N ILE L 70 29.62 -7.13 -18.41
CA ILE L 70 31.04 -6.72 -18.46
C ILE L 70 31.10 -5.35 -17.80
N LEU L 71 32.01 -5.17 -16.85
CA LEU L 71 32.36 -3.85 -16.28
C LEU L 71 33.76 -3.51 -16.78
N GLU L 72 33.89 -2.34 -17.41
CA GLU L 72 35.17 -1.75 -17.88
C GLU L 72 35.60 -0.75 -16.80
N ILE L 73 36.89 -0.73 -16.46
CA ILE L 73 37.42 0.13 -15.37
C ILE L 73 38.50 1.04 -15.96
N ASP L 74 38.24 2.34 -15.94
CA ASP L 74 39.19 3.43 -16.28
C ASP L 74 40.38 3.27 -15.35
N ASP L 75 41.57 3.72 -15.76
CA ASP L 75 42.86 3.49 -15.05
C ASP L 75 42.84 4.15 -13.67
N ASP L 76 42.02 5.19 -13.44
CA ASP L 76 41.97 5.90 -12.13
C ASP L 76 40.70 5.51 -11.36
N GLU L 77 39.92 4.56 -11.90
CA GLU L 77 38.63 4.17 -11.27
C GLU L 77 38.84 3.12 -10.18
N THR L 78 38.23 3.35 -9.00
CA THR L 78 38.32 2.36 -7.90
C THR L 78 36.93 1.73 -7.69
N ILE L 79 36.88 0.68 -6.87
CA ILE L 79 35.63 0.03 -6.34
C ILE L 79 35.29 0.67 -4.97
N ILE L 80 34.16 1.37 -4.81
CA ILE L 80 33.72 1.94 -3.50
C ILE L 80 32.61 1.10 -2.85
N GLY L 81 32.09 0.11 -3.55
CA GLY L 81 31.01 -0.76 -3.03
C GLY L 81 31.07 -2.09 -3.71
N SER L 82 31.06 -3.16 -2.94
CA SER L 82 31.22 -4.52 -3.48
C SER L 82 30.44 -5.51 -2.61
N VAL L 83 29.50 -6.24 -3.20
CA VAL L 83 28.74 -7.32 -2.50
C VAL L 83 28.92 -8.59 -3.32
N ILE L 84 29.34 -9.70 -2.72
CA ILE L 84 29.31 -11.06 -3.38
C ILE L 84 28.27 -11.92 -2.68
N GLY L 85 27.38 -12.51 -3.48
CA GLY L 85 26.36 -13.46 -3.02
C GLY L 85 26.88 -14.87 -3.16
N TYR L 86 26.60 -15.72 -2.18
CA TYR L 86 27.03 -17.13 -2.20
C TYR L 86 26.11 -18.02 -1.35
N LYS L 87 26.25 -19.33 -1.58
CA LYS L 87 25.80 -20.41 -0.69
C LYS L 87 26.99 -20.85 0.19
N LYS L 88 26.82 -20.84 1.49
CA LYS L 88 27.89 -21.18 2.47
C LYS L 88 28.01 -22.70 2.55
N GLY L 89 29.10 -23.18 3.14
CA GLY L 89 29.37 -24.61 3.38
C GLY L 89 30.41 -25.17 2.42
N ASN L 90 30.93 -26.35 2.73
CA ASN L 90 31.93 -27.09 1.91
C ASN L 90 31.36 -27.26 0.50
N ASP L 91 30.04 -27.41 0.39
CA ASP L 91 29.31 -27.70 -0.86
C ASP L 91 28.88 -26.40 -1.54
N GLY L 92 29.41 -25.27 -1.10
CA GLY L 92 28.93 -23.92 -1.51
C GLY L 92 29.28 -23.55 -2.95
N ARG L 93 28.77 -22.41 -3.36
CA ARG L 93 28.90 -21.86 -4.73
C ARG L 93 28.89 -20.34 -4.60
N CYS L 94 29.46 -19.62 -5.57
CA CYS L 94 29.27 -18.16 -5.72
C CYS L 94 28.04 -17.91 -6.60
N THR L 95 27.06 -17.11 -6.15
CA THR L 95 25.74 -16.93 -6.83
C THR L 95 25.63 -15.54 -7.49
N GLY L 96 26.36 -14.53 -7.01
CA GLY L 96 26.16 -13.14 -7.46
C GLY L 96 27.33 -12.23 -7.17
N VAL L 97 27.46 -11.13 -7.95
CA VAL L 97 28.39 -9.97 -7.72
C VAL L 97 27.69 -8.64 -8.06
N LYS L 98 27.62 -7.70 -7.10
CA LYS L 98 27.27 -6.26 -7.31
C LYS L 98 28.56 -5.45 -7.05
N LEU L 99 29.00 -4.64 -8.01
CA LEU L 99 30.17 -3.72 -7.92
C LEU L 99 29.72 -2.30 -8.23
N THR L 100 30.14 -1.31 -7.44
CA THR L 100 29.91 0.13 -7.71
C THR L 100 31.27 0.85 -7.69
N THR L 101 31.51 1.75 -8.64
CA THR L 101 32.83 2.40 -8.84
C THR L 101 32.84 3.84 -8.29
N SER L 102 34.03 4.43 -8.25
CA SER L 102 34.28 5.84 -7.87
C SER L 102 33.62 6.81 -8.87
N LYS L 103 33.32 6.35 -10.09
CA LYS L 103 32.69 7.17 -11.18
C LYS L 103 31.19 6.86 -11.35
N GLY L 104 30.56 6.14 -10.43
CA GLY L 104 29.09 5.96 -10.46
C GLY L 104 28.67 4.89 -11.44
N LYS L 105 29.59 4.05 -11.90
CA LYS L 105 29.26 2.85 -12.71
C LYS L 105 28.88 1.74 -11.74
N SER L 106 27.97 0.86 -12.13
CA SER L 106 27.62 -0.33 -11.32
C SER L 106 27.16 -1.50 -12.20
N ILE L 107 27.40 -2.73 -11.73
CA ILE L 107 26.93 -3.97 -12.39
C ILE L 107 26.30 -4.85 -11.34
N MET L 108 25.43 -5.74 -11.78
CA MET L 108 24.68 -6.65 -10.89
C MET L 108 24.57 -7.97 -11.66
N ALA L 109 25.28 -9.01 -11.21
CA ALA L 109 25.29 -10.32 -11.87
C ALA L 109 24.73 -11.34 -10.90
N GLY L 110 23.76 -12.15 -11.33
CA GLY L 110 23.29 -13.34 -10.61
C GLY L 110 22.34 -13.02 -9.48
N TYR L 111 22.51 -13.68 -8.34
CA TYR L 111 21.48 -13.81 -7.26
C TYR L 111 22.10 -13.61 -5.88
N PHE L 112 21.29 -13.04 -5.00
CA PHE L 112 21.71 -12.66 -3.62
C PHE L 112 20.66 -13.19 -2.64
N GLU L 113 20.37 -14.49 -2.69
CA GLU L 113 19.28 -15.11 -1.89
C GLU L 113 19.75 -15.74 -0.58
N GLU L 114 21.00 -16.20 -0.52
CA GLU L 114 21.48 -16.91 0.70
C GLU L 114 22.40 -16.01 1.54
N SER L 115 23.70 -16.05 1.27
CA SER L 115 24.71 -15.31 2.06
C SER L 115 25.32 -14.15 1.26
N LEU L 116 25.80 -13.13 1.95
CA LEU L 116 26.40 -11.93 1.32
C LEU L 116 27.76 -11.60 1.98
N ILE L 117 28.69 -11.02 1.24
CA ILE L 117 29.85 -10.33 1.89
C ILE L 117 29.92 -8.90 1.35
N THR L 118 30.02 -7.91 2.21
CA THR L 118 30.47 -6.56 1.83
C THR L 118 31.98 -6.53 2.03
N THR L 119 32.72 -6.52 0.92
CA THR L 119 34.20 -6.62 0.90
C THR L 119 34.86 -5.27 1.20
N TYR L 120 36.20 -5.38 1.27
CA TYR L 120 37.13 -4.22 1.37
C TYR L 120 37.10 -3.56 -0.01
N THR L 121 37.31 -2.24 -0.03
CA THR L 121 37.22 -1.38 -1.23
C THR L 121 38.62 -0.97 -1.66
N GLY L 122 38.74 -0.35 -2.83
CA GLY L 122 40.02 0.15 -3.37
C GLY L 122 40.16 -0.16 -4.84
N LYS L 123 41.40 -0.28 -5.30
CA LYS L 123 41.71 -0.42 -6.73
C LYS L 123 41.77 -1.92 -6.97
N LEU L 124 40.79 -2.48 -7.68
CA LEU L 124 40.74 -3.93 -7.98
C LEU L 124 41.93 -4.30 -8.86
N ALA L 125 42.72 -5.27 -8.40
CA ALA L 125 44.01 -5.76 -8.95
C ALA L 125 43.93 -7.23 -9.40
N GLY L 126 43.12 -8.06 -8.74
CA GLY L 126 43.00 -9.47 -9.15
C GLY L 126 41.79 -10.16 -8.55
N ILE L 127 41.65 -11.47 -8.84
CA ILE L 127 40.65 -12.38 -8.22
C ILE L 127 41.29 -13.75 -8.03
N LYS L 128 40.81 -14.51 -7.04
CA LYS L 128 41.19 -15.93 -6.80
C LYS L 128 39.96 -16.70 -6.28
N GLY L 129 40.01 -18.02 -6.37
CA GLY L 129 38.98 -18.92 -5.84
C GLY L 129 39.10 -20.27 -6.51
N GLY L 130 37.96 -20.92 -6.77
CA GLY L 130 37.90 -22.18 -7.52
C GLY L 130 36.67 -22.25 -8.41
N ALA L 131 36.77 -23.03 -9.50
CA ALA L 131 35.74 -23.17 -10.55
C ALA L 131 35.87 -24.51 -11.27
N GLY L 132 34.72 -25.10 -11.63
CA GLY L 132 34.56 -26.23 -12.55
C GLY L 132 33.45 -25.92 -13.51
N SER L 133 32.30 -26.58 -13.38
CA SER L 133 31.05 -26.21 -14.09
C SER L 133 30.60 -24.82 -13.64
N ASP L 134 30.96 -24.45 -12.41
CA ASP L 134 30.38 -23.30 -11.65
C ASP L 134 31.54 -22.51 -11.05
N ILE L 135 31.28 -21.30 -10.54
CA ILE L 135 32.24 -20.60 -9.66
C ILE L 135 31.99 -21.12 -8.24
N ASP L 136 32.83 -22.04 -7.78
CA ASP L 136 32.70 -22.61 -6.42
C ASP L 136 32.91 -21.50 -5.39
N ARG L 137 33.89 -20.62 -5.63
CA ARG L 137 34.44 -19.72 -4.59
C ARG L 137 35.13 -18.53 -5.25
N LEU L 138 34.96 -17.32 -4.71
CA LEU L 138 35.51 -16.07 -5.28
C LEU L 138 35.93 -15.13 -4.15
N GLY L 139 37.12 -14.54 -4.27
CA GLY L 139 37.66 -13.50 -3.38
C GLY L 139 38.31 -12.39 -4.19
N LEU L 140 38.16 -11.15 -3.76
CA LEU L 140 38.75 -10.00 -4.49
C LEU L 140 40.12 -9.67 -3.89
N ILE L 141 40.94 -9.05 -4.74
CA ILE L 141 42.32 -8.62 -4.41
C ILE L 141 42.44 -7.14 -4.78
N PHE L 142 42.83 -6.30 -3.82
CA PHE L 142 43.02 -4.83 -3.99
C PHE L 142 44.50 -4.48 -3.77
N LEU L 143 44.91 -3.29 -4.25
CA LEU L 143 46.18 -2.58 -3.92
C LEU L 143 46.04 -1.92 -2.56
N LYS L 144 47.14 -1.66 -1.84
CA LYS L 144 47.14 -1.12 -0.45
C LYS L 144 46.99 0.41 -0.42
N ASP M 5 13.20 51.77 -19.75
CA ASP M 5 12.74 51.98 -18.33
C ASP M 5 13.79 51.37 -17.38
N ASN M 6 13.48 51.26 -16.08
CA ASN M 6 14.25 50.42 -15.11
C ASN M 6 13.46 49.13 -14.81
N TYR M 7 12.54 48.73 -15.72
CA TYR M 7 11.53 47.65 -15.55
C TYR M 7 11.60 46.65 -16.72
N ILE M 8 11.34 45.38 -16.44
CA ILE M 8 11.12 44.30 -17.45
C ILE M 8 9.63 43.99 -17.52
N TYR M 9 9.01 44.05 -18.69
CA TYR M 9 7.57 43.72 -18.85
C TYR M 9 7.42 42.29 -19.39
N SER M 10 6.89 41.38 -18.58
CA SER M 10 6.53 40.01 -19.02
C SER M 10 5.31 40.12 -19.93
N THR M 11 5.21 39.29 -20.94
CA THR M 11 4.04 39.23 -21.86
C THR M 11 2.76 39.15 -21.04
N GLU M 12 1.81 40.03 -21.36
CA GLU M 12 0.40 39.89 -20.92
C GLU M 12 -0.21 38.70 -21.66
N VAL M 13 -0.68 37.67 -20.95
CA VAL M 13 -1.31 36.45 -21.54
C VAL M 13 -2.81 36.46 -21.22
N GLY M 14 -3.62 35.96 -22.15
CA GLY M 14 -5.09 35.84 -22.09
C GLY M 14 -5.78 36.58 -23.24
N GLY M 15 -7.04 37.01 -23.03
CA GLY M 15 -7.91 37.74 -23.98
C GLY M 15 -7.66 39.25 -23.99
N VAL M 16 -8.42 39.96 -24.83
CA VAL M 16 -8.35 41.46 -24.99
C VAL M 16 -9.47 42.13 -24.18
N GLY M 17 -10.47 41.37 -23.67
CA GLY M 17 -11.57 41.85 -22.82
C GLY M 17 -11.14 42.61 -21.54
N GLY M 18 -12.12 43.08 -20.77
CA GLY M 18 -11.95 43.68 -19.42
C GLY M 18 -11.37 45.08 -19.40
N THR M 19 -11.40 45.71 -18.24
CA THR M 19 -10.92 47.10 -18.04
C THR M 19 -9.42 47.05 -17.80
N PRO M 20 -8.57 47.69 -18.63
CA PRO M 20 -7.14 47.80 -18.34
C PRO M 20 -6.84 48.16 -16.88
N PHE M 21 -5.75 47.63 -16.32
CA PHE M 21 -5.17 48.02 -15.00
C PHE M 21 -3.66 48.03 -15.15
N THR M 22 -2.97 48.94 -14.43
CA THR M 22 -1.50 48.92 -14.22
C THR M 22 -1.22 49.28 -12.76
N PHE M 23 -0.58 48.36 -12.03
CA PHE M 23 -0.21 48.49 -10.59
C PHE M 23 1.31 48.59 -10.45
N MET M 24 1.82 49.78 -10.15
CA MET M 24 3.27 50.11 -9.95
C MET M 24 3.41 51.36 -9.07
N GLN M 25 4.45 51.43 -8.25
CA GLN M 25 4.69 52.59 -7.37
C GLN M 25 6.19 52.92 -7.42
N GLU M 26 6.53 54.15 -7.80
CA GLU M 26 7.93 54.62 -7.93
C GLU M 26 8.74 54.25 -6.68
N SER M 27 9.89 53.62 -6.90
CA SER M 27 10.83 53.17 -5.83
C SER M 27 10.13 52.23 -4.84
N GLY M 28 9.24 51.37 -5.33
CA GLY M 28 8.48 50.43 -4.49
C GLY M 28 8.31 49.11 -5.21
N THR M 29 8.29 48.03 -4.43
CA THR M 29 8.11 46.65 -4.96
C THR M 29 6.87 46.03 -4.31
N ILE M 30 6.34 44.94 -4.87
CA ILE M 30 5.21 44.17 -4.28
C ILE M 30 5.67 43.41 -3.01
N THR M 31 4.96 43.65 -1.91
CA THR M 31 5.17 43.01 -0.58
C THR M 31 4.07 41.96 -0.33
N SER M 32 2.94 42.03 -1.03
CA SER M 32 1.83 41.07 -0.87
C SER M 32 1.03 41.03 -2.18
N ILE M 33 0.58 39.85 -2.61
CA ILE M 33 -0.31 39.65 -3.78
C ILE M 33 -1.31 38.53 -3.45
N LYS M 34 -2.59 38.69 -3.83
CA LYS M 34 -3.67 37.73 -3.53
C LYS M 34 -4.33 37.31 -4.85
N PHE M 35 -4.62 36.03 -5.06
CA PHE M 35 -5.34 35.51 -6.26
C PHE M 35 -6.62 34.83 -5.81
N ASN M 36 -7.76 35.23 -6.38
CA ASN M 36 -9.11 34.64 -6.18
C ASN M 36 -9.44 33.82 -7.44
N TRP M 37 -9.94 32.60 -7.28
CA TRP M 37 -10.33 31.72 -8.42
C TRP M 37 -11.52 30.83 -8.05
N SER M 38 -12.21 30.27 -9.06
CA SER M 38 -13.39 29.40 -8.84
C SER M 38 -13.14 28.00 -9.41
N ASP M 39 -13.60 26.97 -8.70
CA ASP M 39 -13.75 25.60 -9.24
C ASP M 39 -14.80 25.59 -10.37
N GLN M 40 -15.84 26.43 -10.25
CA GLN M 40 -16.98 26.32 -11.18
C GLN M 40 -16.53 26.65 -12.59
N TYR M 41 -15.73 27.71 -12.76
CA TYR M 41 -15.31 28.23 -14.09
C TYR M 41 -13.82 27.99 -14.40
N LYS M 42 -13.02 27.49 -13.45
CA LYS M 42 -11.56 27.24 -13.63
C LYS M 42 -10.86 28.50 -14.17
N LEU M 43 -11.16 29.65 -13.58
CA LEU M 43 -10.59 30.98 -13.95
C LEU M 43 -10.15 31.75 -12.70
N LEU M 44 -9.13 32.58 -12.85
CA LEU M 44 -8.83 33.70 -11.91
C LEU M 44 -9.93 34.77 -12.08
N HIS M 45 -10.53 35.23 -10.97
CA HIS M 45 -11.62 36.23 -10.98
C HIS M 45 -11.12 37.57 -10.47
N HIS M 46 -10.12 37.62 -9.60
CA HIS M 46 -9.79 38.87 -8.87
C HIS M 46 -8.34 38.78 -8.41
N ILE M 47 -7.62 39.91 -8.33
CA ILE M 47 -6.22 40.03 -7.86
C ILE M 47 -6.11 41.28 -6.99
N GLU M 48 -5.41 41.19 -5.86
CA GLU M 48 -5.11 42.33 -4.96
C GLU M 48 -3.62 42.39 -4.76
N VAL M 49 -3.06 43.60 -4.78
CA VAL M 49 -1.61 43.86 -4.60
C VAL M 49 -1.43 44.92 -3.51
N LYS M 50 -0.38 44.80 -2.68
CA LYS M 50 0.09 45.85 -1.73
C LYS M 50 1.57 46.11 -1.98
N PHE M 51 1.98 47.37 -1.94
CA PHE M 51 3.39 47.77 -2.14
C PHE M 51 4.06 48.08 -0.80
N ILE M 52 5.41 48.07 -0.81
CA ILE M 52 6.30 48.49 0.31
C ILE M 52 5.97 49.94 0.72
N ASN M 53 5.92 50.22 2.03
CA ASN M 53 5.65 51.56 2.64
C ASN M 53 4.34 52.17 2.10
N ASN M 54 3.26 51.40 1.99
CA ASN M 54 1.97 51.85 1.39
C ASN M 54 0.86 50.88 1.83
N ALA M 55 -0.07 51.34 2.66
CA ALA M 55 -1.12 50.49 3.26
C ALA M 55 -2.32 50.37 2.31
N ASN M 56 -2.32 51.10 1.19
CA ASN M 56 -3.41 51.04 0.15
C ASN M 56 -3.43 49.68 -0.59
N ILE M 57 -4.64 49.15 -0.83
CA ILE M 57 -4.90 47.83 -1.45
C ILE M 57 -5.45 48.08 -2.87
N TYR M 58 -4.66 47.74 -3.90
CA TYR M 58 -5.00 47.92 -5.32
C TYR M 58 -5.59 46.59 -5.83
N ALA M 59 -6.87 46.62 -6.18
CA ALA M 59 -7.70 45.46 -6.55
C ALA M 59 -8.23 45.63 -7.98
N THR M 60 -8.40 44.52 -8.67
CA THR M 60 -9.12 44.43 -9.95
C THR M 60 -9.85 43.09 -10.01
N GLY M 61 -10.85 42.99 -10.86
CA GLY M 61 -11.67 41.77 -10.98
C GLY M 61 -12.81 41.78 -9.99
N ASP M 62 -13.64 40.72 -10.02
CA ASP M 62 -14.83 40.51 -9.18
C ASP M 62 -14.53 39.33 -8.26
N PRO M 63 -14.39 39.54 -6.93
CA PRO M 63 -13.93 38.46 -6.04
C PRO M 63 -14.94 37.34 -5.77
N LYS M 64 -15.43 36.63 -6.78
CA LYS M 64 -16.62 35.73 -6.64
C LYS M 64 -16.18 34.26 -6.56
N GLY M 65 -14.89 33.97 -6.70
CA GLY M 65 -14.35 32.61 -6.59
C GLY M 65 -14.39 32.07 -5.17
N ASN M 66 -14.37 30.75 -5.01
CA ASN M 66 -14.49 30.05 -3.70
C ASN M 66 -13.09 29.77 -3.09
N HIS M 67 -11.99 30.12 -3.76
CA HIS M 67 -10.61 29.92 -3.27
C HIS M 67 -9.86 31.26 -3.26
N GLU M 68 -8.92 31.46 -2.34
CA GLU M 68 -7.91 32.54 -2.44
C GLU M 68 -6.57 32.06 -1.85
N VAL M 69 -5.47 32.66 -2.34
CA VAL M 69 -4.09 32.47 -1.84
C VAL M 69 -3.39 33.82 -1.81
N ILE M 70 -2.60 34.02 -0.77
CA ILE M 70 -1.81 35.25 -0.54
C ILE M 70 -0.35 34.82 -0.47
N LEU M 71 0.52 35.51 -1.20
CA LEU M 71 2.00 35.42 -1.06
C LEU M 71 2.47 36.77 -0.53
N GLU M 72 3.05 36.77 0.66
CA GLU M 72 3.79 37.92 1.24
C GLU M 72 5.24 37.74 0.80
N ILE M 73 5.89 38.84 0.41
CA ILE M 73 7.28 38.85 -0.13
C ILE M 73 8.15 39.71 0.77
N ASP M 74 9.16 39.09 1.38
CA ASP M 74 10.22 39.76 2.17
C ASP M 74 10.87 40.82 1.27
N ASP M 75 11.51 41.83 1.86
CA ASP M 75 11.99 43.03 1.13
C ASP M 75 13.10 42.62 0.15
N ASP M 76 13.87 41.59 0.52
CA ASP M 76 15.05 41.06 -0.21
C ASP M 76 14.69 39.81 -1.04
N GLU M 77 13.41 39.41 -1.06
CA GLU M 77 12.93 38.14 -1.71
C GLU M 77 12.58 38.37 -3.19
N THR M 78 13.12 37.53 -4.09
CA THR M 78 12.91 37.63 -5.58
C THR M 78 12.09 36.44 -6.05
N ILE M 79 11.50 36.55 -7.23
CA ILE M 79 10.77 35.43 -7.89
C ILE M 79 11.80 34.68 -8.75
N ILE M 80 12.03 33.38 -8.47
CA ILE M 80 12.97 32.52 -9.25
C ILE M 80 12.20 31.64 -10.22
N GLY M 81 10.89 31.50 -10.06
CA GLY M 81 10.09 30.65 -10.97
C GLY M 81 8.68 31.16 -11.05
N SER M 82 8.14 31.26 -12.24
CA SER M 82 6.82 31.91 -12.45
C SER M 82 6.14 31.30 -13.66
N VAL M 83 4.96 30.71 -13.45
CA VAL M 83 4.09 30.12 -14.51
C VAL M 83 2.69 30.72 -14.40
N ILE M 84 2.17 31.32 -15.47
CA ILE M 84 0.75 31.75 -15.60
C ILE M 84 0.04 30.82 -16.57
N GLY M 85 -1.02 30.15 -16.14
CA GLY M 85 -1.88 29.33 -17.00
C GLY M 85 -2.99 30.19 -17.58
N TYR M 86 -3.36 29.93 -18.85
CA TYR M 86 -4.34 30.75 -19.61
C TYR M 86 -5.01 29.95 -20.73
N LYS M 87 -6.20 30.44 -21.15
CA LYS M 87 -6.84 30.17 -22.46
C LYS M 87 -6.40 31.27 -23.41
N LYS M 88 -5.97 30.88 -24.61
CA LYS M 88 -5.38 31.79 -25.64
C LYS M 88 -6.52 32.32 -26.53
N GLY M 89 -6.25 33.37 -27.30
CA GLY M 89 -7.19 33.94 -28.27
C GLY M 89 -7.74 35.27 -27.77
N ASN M 90 -8.50 35.96 -28.63
CA ASN M 90 -9.13 37.27 -28.36
C ASN M 90 -10.10 37.09 -27.16
N ASP M 91 -10.86 35.98 -27.10
CA ASP M 91 -11.85 35.69 -25.99
C ASP M 91 -11.17 34.92 -24.85
N GLY M 92 -9.87 35.15 -24.64
CA GLY M 92 -9.05 34.41 -23.66
C GLY M 92 -9.22 34.89 -22.22
N ARG M 93 -8.85 34.02 -21.28
CA ARG M 93 -8.87 34.24 -19.82
C ARG M 93 -7.56 33.76 -19.21
N CYS M 94 -7.17 34.33 -18.07
CA CYS M 94 -6.09 33.85 -17.17
C CYS M 94 -6.71 32.85 -16.16
N THR M 95 -6.16 31.63 -16.07
CA THR M 95 -6.76 30.48 -15.35
C THR M 95 -5.96 30.11 -14.10
N GLY M 96 -4.67 30.44 -14.01
CA GLY M 96 -3.81 29.96 -12.92
C GLY M 96 -2.56 30.80 -12.76
N VAL M 97 -1.97 30.81 -11.55
CA VAL M 97 -0.60 31.35 -11.29
C VAL M 97 0.10 30.42 -10.29
N LYS M 98 1.35 30.06 -10.61
CA LYS M 98 2.31 29.34 -9.74
C LYS M 98 3.48 30.30 -9.62
N LEU M 99 3.91 30.64 -8.39
CA LEU M 99 5.11 31.46 -8.09
C LEU M 99 6.00 30.69 -7.12
N THR M 100 7.32 30.78 -7.27
CA THR M 100 8.36 30.27 -6.35
C THR M 100 9.35 31.40 -6.08
N THR M 101 9.84 31.49 -4.85
CA THR M 101 10.70 32.61 -4.37
C THR M 101 12.12 32.12 -4.05
N SER M 102 13.04 33.06 -3.92
CA SER M 102 14.46 32.86 -3.57
C SER M 102 14.60 32.29 -2.15
N LYS M 103 13.52 32.14 -1.39
CA LYS M 103 13.52 31.61 -0.01
C LYS M 103 12.71 30.30 0.12
N GLY M 104 12.33 29.64 -0.98
CA GLY M 104 11.62 28.35 -0.99
C GLY M 104 10.11 28.48 -0.84
N LYS M 105 9.57 29.69 -0.72
CA LYS M 105 8.11 29.92 -0.58
C LYS M 105 7.45 29.74 -1.94
N SER M 106 6.22 29.26 -1.98
CA SER M 106 5.51 29.07 -3.27
C SER M 106 4.01 29.04 -3.04
N ILE M 107 3.25 29.45 -4.06
CA ILE M 107 1.78 29.41 -4.09
C ILE M 107 1.33 28.84 -5.43
N MET M 108 0.12 28.32 -5.45
CA MET M 108 -0.52 27.70 -6.62
C MET M 108 -1.99 28.11 -6.56
N ALA M 109 -2.40 28.92 -7.52
CA ALA M 109 -3.78 29.39 -7.72
C ALA M 109 -4.26 28.83 -9.06
N GLY M 110 -5.38 28.14 -9.04
CA GLY M 110 -6.23 27.95 -10.24
C GLY M 110 -5.87 26.74 -11.04
N TYR M 111 -5.97 26.84 -12.37
CA TYR M 111 -5.90 25.69 -13.30
C TYR M 111 -4.89 25.98 -14.41
N PHE M 112 -4.32 24.91 -14.95
CA PHE M 112 -3.21 24.94 -15.94
C PHE M 112 -3.53 23.93 -17.03
N GLU M 113 -4.75 23.97 -17.56
CA GLU M 113 -5.27 22.90 -18.45
C GLU M 113 -5.04 23.25 -19.93
N GLU M 114 -4.93 24.52 -20.32
CA GLU M 114 -4.78 24.90 -21.75
C GLU M 114 -3.32 25.36 -22.02
N SER M 115 -2.98 26.61 -21.77
CA SER M 115 -1.72 27.26 -22.23
C SER M 115 -0.93 27.81 -21.04
N LEU M 116 0.39 27.86 -21.14
CA LEU M 116 1.34 28.20 -20.03
C LEU M 116 2.31 29.23 -20.54
N ILE M 117 2.74 30.15 -19.68
CA ILE M 117 3.98 30.95 -19.90
C ILE M 117 4.87 30.75 -18.68
N THR M 118 6.15 30.49 -18.92
CA THR M 118 7.19 30.64 -17.91
C THR M 118 7.84 31.98 -18.14
N THR M 119 7.64 32.89 -17.21
CA THR M 119 8.02 34.30 -17.35
C THR M 119 9.48 34.51 -16.98
N TYR M 120 9.93 35.76 -17.18
CA TYR M 120 11.16 36.39 -16.65
C TYR M 120 11.17 36.24 -15.13
N THR M 121 12.35 36.42 -14.53
CA THR M 121 12.53 36.28 -13.06
C THR M 121 13.13 37.57 -12.49
N GLY M 122 13.17 37.69 -11.17
CA GLY M 122 13.71 38.84 -10.45
C GLY M 122 12.74 39.40 -9.44
N LYS M 123 12.96 40.66 -9.06
CA LYS M 123 12.23 41.39 -7.99
C LYS M 123 10.86 41.78 -8.58
N LEU M 124 9.77 41.17 -8.12
CA LEU M 124 8.41 41.48 -8.65
C LEU M 124 8.09 42.92 -8.23
N ALA M 125 7.80 43.77 -9.22
CA ALA M 125 7.64 45.25 -9.09
C ALA M 125 6.19 45.67 -9.36
N GLY M 126 5.48 44.99 -10.25
CA GLY M 126 4.07 45.35 -10.54
C GLY M 126 3.39 44.27 -11.35
N ILE M 127 2.10 44.48 -11.64
CA ILE M 127 1.29 43.68 -12.61
C ILE M 127 0.53 44.64 -13.55
N LYS M 128 0.08 44.14 -14.71
CA LYS M 128 -0.81 44.90 -15.63
C LYS M 128 -1.63 43.87 -16.40
N GLY M 129 -2.79 44.26 -16.90
CA GLY M 129 -3.64 43.43 -17.75
C GLY M 129 -5.03 44.02 -17.89
N GLY M 130 -6.05 43.15 -17.90
CA GLY M 130 -7.47 43.50 -18.04
C GLY M 130 -8.33 42.54 -17.26
N ALA M 131 -9.37 43.08 -16.59
CA ALA M 131 -10.32 42.34 -15.72
C ALA M 131 -11.74 42.95 -15.75
N GLY M 132 -12.76 42.08 -15.69
CA GLY M 132 -14.17 42.39 -15.42
C GLY M 132 -14.71 41.43 -14.38
N SER M 133 -15.59 40.50 -14.78
CA SER M 133 -16.04 39.37 -13.92
C SER M 133 -14.87 38.41 -13.67
N ASP M 134 -13.86 38.45 -14.55
CA ASP M 134 -12.74 37.49 -14.63
C ASP M 134 -11.45 38.28 -14.82
N ILE M 135 -10.30 37.65 -14.66
CA ILE M 135 -9.00 38.22 -15.13
C ILE M 135 -8.85 37.83 -16.60
N ASP M 136 -9.02 38.78 -17.51
CA ASP M 136 -8.96 38.50 -18.97
C ASP M 136 -7.50 38.24 -19.35
N ARG M 137 -6.59 39.02 -18.75
CA ARG M 137 -5.18 39.08 -19.20
C ARG M 137 -4.30 39.55 -18.03
N LEU M 138 -3.10 38.97 -17.88
CA LEU M 138 -2.15 39.28 -16.77
C LEU M 138 -0.71 39.26 -17.31
N GLY M 139 0.09 40.24 -16.90
CA GLY M 139 1.53 40.37 -17.18
C GLY M 139 2.27 40.82 -15.93
N LEU M 140 3.42 40.24 -15.66
CA LEU M 140 4.20 40.60 -14.46
C LEU M 140 5.17 41.72 -14.86
N ILE M 141 5.61 42.52 -13.91
CA ILE M 141 6.61 43.60 -14.14
C ILE M 141 7.74 43.45 -13.12
N PHE M 142 9.01 43.43 -13.56
CA PHE M 142 10.20 43.19 -12.70
C PHE M 142 11.12 44.43 -12.74
N LEU M 143 11.99 44.59 -11.74
CA LEU M 143 13.18 45.50 -11.72
C LEU M 143 14.26 44.96 -12.67
N LYS M 144 15.25 45.78 -13.04
CA LYS M 144 16.32 45.40 -14.00
C LYS M 144 17.56 44.88 -13.25
N ASP N 5 8.08 49.82 12.18
CA ASP N 5 8.86 50.01 13.45
C ASP N 5 9.87 48.88 13.61
N ASN N 6 9.62 47.96 14.53
CA ASN N 6 10.54 46.81 14.76
C ASN N 6 9.74 45.51 14.66
N TYR N 7 8.58 45.54 13.98
CA TYR N 7 7.72 44.34 13.86
C TYR N 7 7.01 44.29 12.51
N ILE N 8 7.17 43.15 11.81
CA ILE N 8 6.50 42.85 10.51
C ILE N 8 5.18 42.18 10.89
N TYR N 9 4.04 42.70 10.44
CA TYR N 9 2.71 42.08 10.70
C TYR N 9 2.28 41.34 9.42
N SER N 10 2.28 40.00 9.45
CA SER N 10 1.62 39.16 8.42
C SER N 10 0.11 39.48 8.40
N THR N 11 -0.54 39.37 7.24
CA THR N 11 -2.01 39.51 7.13
C THR N 11 -2.68 38.56 8.12
N GLU N 12 -3.70 39.06 8.79
CA GLU N 12 -4.67 38.24 9.57
C GLU N 12 -5.66 37.60 8.60
N VAL N 13 -5.78 36.28 8.58
CA VAL N 13 -6.66 35.55 7.63
C VAL N 13 -7.83 34.92 8.41
N GLY N 14 -9.02 34.89 7.81
CA GLY N 14 -10.22 34.30 8.40
C GLY N 14 -11.35 35.32 8.46
N GLY N 15 -12.31 35.15 9.36
CA GLY N 15 -13.48 36.04 9.46
C GLY N 15 -13.26 37.16 10.46
N VAL N 16 -14.32 37.90 10.74
CA VAL N 16 -14.27 39.10 11.65
C VAL N 16 -14.76 38.72 13.05
N GLY N 17 -15.21 37.47 13.22
CA GLY N 17 -15.85 37.00 14.46
C GLY N 17 -14.86 36.88 15.60
N GLY N 18 -15.38 36.53 16.78
CA GLY N 18 -14.59 36.20 17.98
C GLY N 18 -14.06 37.42 18.69
N THR N 19 -13.38 37.19 19.81
CA THR N 19 -12.80 38.22 20.69
C THR N 19 -11.37 38.48 20.21
N PRO N 20 -11.01 39.74 19.93
CA PRO N 20 -9.65 40.08 19.52
C PRO N 20 -8.62 39.64 20.55
N PHE N 21 -7.44 39.21 20.08
CA PHE N 21 -6.26 38.99 20.97
C PHE N 21 -5.01 39.55 20.28
N THR N 22 -4.05 39.93 21.11
CA THR N 22 -2.70 40.35 20.71
C THR N 22 -1.71 39.76 21.72
N PHE N 23 -0.84 38.83 21.29
CA PHE N 23 0.22 38.24 22.13
C PHE N 23 1.59 38.81 21.71
N MET N 24 2.15 39.77 22.46
CA MET N 24 3.48 40.39 22.23
C MET N 24 4.10 40.82 23.56
N GLN N 25 5.40 40.63 23.74
CA GLN N 25 6.03 41.10 24.98
C GLN N 25 7.24 41.94 24.56
N GLU N 26 7.52 43.00 25.30
CA GLU N 26 8.64 43.91 24.95
C GLU N 26 9.98 43.18 24.97
N SER N 27 10.73 43.29 23.88
CA SER N 27 12.09 42.70 23.72
C SER N 27 12.10 41.18 23.88
N GLY N 28 11.03 40.49 23.50
CA GLY N 28 10.98 39.03 23.65
C GLY N 28 10.45 38.37 22.40
N THR N 29 10.51 37.05 22.36
CA THR N 29 10.02 36.29 21.20
C THR N 29 9.31 35.03 21.70
N ILE N 30 8.50 34.45 20.84
CA ILE N 30 7.80 33.19 21.19
C ILE N 30 8.83 32.04 21.30
N THR N 31 8.81 31.37 22.46
CA THR N 31 9.60 30.16 22.79
C THR N 31 8.74 28.89 22.63
N SER N 32 7.40 29.04 22.58
CA SER N 32 6.46 27.89 22.51
C SER N 32 5.14 28.36 21.90
N ILE N 33 4.49 27.54 21.10
CA ILE N 33 3.12 27.85 20.57
C ILE N 33 2.37 26.54 20.40
N LYS N 34 1.13 26.46 20.83
CA LYS N 34 0.34 25.21 20.78
C LYS N 34 -0.87 25.46 19.88
N PHE N 35 -1.23 24.50 19.02
CA PHE N 35 -2.44 24.59 18.17
C PHE N 35 -3.38 23.40 18.47
N ASN N 36 -4.60 23.69 18.91
CA ASN N 36 -5.63 22.66 19.19
C ASN N 36 -6.59 22.65 18.00
N TRP N 37 -6.95 21.49 17.47
CA TRP N 37 -7.87 21.43 16.31
C TRP N 37 -8.73 20.15 16.35
N SER N 38 -9.76 20.07 15.51
CA SER N 38 -10.74 18.96 15.55
C SER N 38 -10.86 18.33 14.15
N ASP N 39 -11.00 17.01 14.08
CA ASP N 39 -11.45 16.32 12.85
C ASP N 39 -12.93 16.60 12.57
N GLN N 40 -13.79 16.70 13.58
CA GLN N 40 -15.23 16.94 13.31
C GLN N 40 -15.45 18.20 12.46
N TYR N 41 -14.97 19.35 12.90
CA TYR N 41 -15.18 20.66 12.22
C TYR N 41 -14.06 21.04 11.24
N LYS N 42 -12.88 20.44 11.32
CA LYS N 42 -11.72 20.77 10.43
C LYS N 42 -11.32 22.24 10.60
N LEU N 43 -11.33 22.73 11.83
CA LEU N 43 -10.93 24.10 12.24
C LEU N 43 -9.86 24.00 13.33
N LEU N 44 -9.06 25.05 13.47
CA LEU N 44 -8.40 25.37 14.77
C LEU N 44 -9.47 25.90 15.74
N HIS N 45 -9.40 25.50 17.01
CA HIS N 45 -10.30 25.97 18.10
C HIS N 45 -9.54 26.81 19.13
N HIS N 46 -8.24 26.59 19.34
CA HIS N 46 -7.51 27.07 20.54
C HIS N 46 -6.02 27.21 20.25
N ILE N 47 -5.40 28.30 20.72
CA ILE N 47 -3.96 28.61 20.58
C ILE N 47 -3.44 29.09 21.93
N GLU N 48 -2.24 28.61 22.30
CA GLU N 48 -1.47 29.03 23.49
C GLU N 48 -0.05 29.36 23.07
N VAL N 49 0.53 30.36 23.74
CA VAL N 49 1.85 30.96 23.46
C VAL N 49 2.55 31.19 24.81
N LYS N 50 3.84 30.87 24.88
CA LYS N 50 4.77 31.33 25.95
C LYS N 50 5.87 32.16 25.26
N PHE N 51 6.37 33.18 25.97
CA PHE N 51 7.49 34.04 25.52
C PHE N 51 8.73 33.71 26.35
N ILE N 52 9.92 33.97 25.78
CA ILE N 52 11.24 34.01 26.46
C ILE N 52 11.12 34.74 27.81
N ASN N 53 11.76 34.19 28.85
CA ASN N 53 11.93 34.83 30.19
C ASN N 53 10.56 35.20 30.77
N ASN N 54 9.56 34.31 30.69
CA ASN N 54 8.15 34.60 31.09
C ASN N 54 7.33 33.29 31.17
N ALA N 55 7.04 32.84 32.39
CA ALA N 55 6.38 31.56 32.70
C ALA N 55 4.87 31.59 32.39
N ASN N 56 4.29 32.76 32.17
CA ASN N 56 2.84 32.90 31.86
C ASN N 56 2.51 32.31 30.48
N ILE N 57 1.39 31.57 30.44
CA ILE N 57 0.77 30.94 29.25
C ILE N 57 -0.37 31.84 28.79
N TYR N 58 -0.27 32.46 27.60
CA TYR N 58 -1.34 33.26 26.95
C TYR N 58 -2.18 32.32 26.07
N ALA N 59 -3.50 32.27 26.30
CA ALA N 59 -4.44 31.35 25.62
C ALA N 59 -5.61 32.11 24.98
N THR N 60 -6.13 31.62 23.85
CA THR N 60 -7.37 32.13 23.22
C THR N 60 -8.13 30.96 22.59
N GLY N 61 -9.44 31.11 22.43
CA GLY N 61 -10.28 30.07 21.84
C GLY N 61 -10.66 29.01 22.85
N ASP N 62 -11.46 28.03 22.42
CA ASP N 62 -12.04 26.94 23.24
C ASP N 62 -11.28 25.64 22.98
N PRO N 63 -10.53 25.08 23.95
CA PRO N 63 -9.72 23.88 23.71
C PRO N 63 -10.53 22.58 23.55
N LYS N 64 -11.41 22.48 22.56
CA LYS N 64 -12.42 21.38 22.44
C LYS N 64 -12.05 20.38 21.33
N GLY N 65 -10.96 20.63 20.61
CA GLY N 65 -10.47 19.76 19.54
C GLY N 65 -9.85 18.50 20.11
N ASN N 66 -9.75 17.45 19.29
CA ASN N 66 -9.30 16.09 19.69
C ASN N 66 -7.81 15.90 19.34
N HIS N 67 -7.14 16.94 18.84
CA HIS N 67 -5.67 16.98 18.57
C HIS N 67 -5.05 18.28 19.12
N GLU N 68 -3.80 18.25 19.60
CA GLU N 68 -2.96 19.48 19.79
C GLU N 68 -1.52 19.15 19.35
N VAL N 69 -0.80 20.14 18.79
CA VAL N 69 0.69 20.12 18.56
C VAL N 69 1.30 21.32 19.29
N ILE N 70 2.55 21.16 19.75
CA ILE N 70 3.38 22.21 20.39
C ILE N 70 4.70 22.33 19.61
N LEU N 71 5.06 23.53 19.16
CA LEU N 71 6.41 23.79 18.64
C LEU N 71 7.15 24.62 19.68
N GLU N 72 8.21 24.08 20.28
CA GLU N 72 9.20 24.86 21.06
C GLU N 72 10.23 25.43 20.08
N ILE N 73 10.71 26.65 20.36
CA ILE N 73 11.62 27.42 19.47
C ILE N 73 12.86 27.84 20.26
N ASP N 74 14.02 27.39 19.84
CA ASP N 74 15.33 27.76 20.44
C ASP N 74 15.49 29.29 20.25
N ASP N 75 16.31 29.92 21.08
CA ASP N 75 16.48 31.39 21.11
C ASP N 75 16.98 31.89 19.74
N ASP N 76 17.84 31.13 19.05
CA ASP N 76 18.43 31.50 17.73
C ASP N 76 17.63 30.92 16.55
N GLU N 77 16.50 30.22 16.77
CA GLU N 77 15.73 29.48 15.73
C GLU N 77 14.65 30.40 15.10
N THR N 78 14.63 30.53 13.77
CA THR N 78 13.69 31.40 13.02
C THR N 78 12.70 30.50 12.28
N ILE N 79 11.59 31.07 11.82
CA ILE N 79 10.63 30.44 10.86
C ILE N 79 11.08 30.76 9.43
N ILE N 80 11.27 29.73 8.60
CA ILE N 80 11.73 29.84 7.18
C ILE N 80 10.60 29.49 6.21
N GLY N 81 9.54 28.84 6.68
CA GLY N 81 8.36 28.50 5.87
C GLY N 81 7.13 28.50 6.76
N SER N 82 6.03 29.05 6.26
CA SER N 82 4.83 29.34 7.08
C SER N 82 3.59 29.47 6.19
N VAL N 83 2.65 28.53 6.35
CA VAL N 83 1.37 28.44 5.60
C VAL N 83 0.24 28.39 6.63
N ILE N 84 -0.79 29.22 6.44
CA ILE N 84 -2.05 29.23 7.24
C ILE N 84 -3.20 28.92 6.29
N GLY N 85 -3.89 27.80 6.54
CA GLY N 85 -5.14 27.43 5.87
C GLY N 85 -6.28 28.15 6.53
N TYR N 86 -7.27 28.60 5.76
CA TYR N 86 -8.45 29.34 6.29
C TYR N 86 -9.63 29.28 5.35
N LYS N 87 -10.82 29.55 5.90
CA LYS N 87 -12.07 29.86 5.16
C LYS N 87 -12.18 31.38 5.04
N LYS N 88 -12.23 31.92 3.81
CA LYS N 88 -12.20 33.38 3.55
C LYS N 88 -13.61 33.94 3.82
N GLY N 89 -13.73 35.27 3.87
CA GLY N 89 -15.02 35.99 4.06
C GLY N 89 -15.28 36.39 5.52
N ASN N 90 -16.29 37.23 5.74
CA ASN N 90 -16.71 37.76 7.06
C ASN N 90 -16.94 36.59 8.03
N ASP N 91 -17.49 35.48 7.55
CA ASP N 91 -17.90 34.32 8.38
C ASP N 91 -16.76 33.29 8.41
N GLY N 92 -15.55 33.75 8.08
CA GLY N 92 -14.36 32.90 7.95
C GLY N 92 -13.91 32.26 9.25
N ARG N 93 -12.98 31.34 9.10
CA ARG N 93 -12.36 30.59 10.21
C ARG N 93 -10.94 30.25 9.79
N CYS N 94 -10.06 30.04 10.76
CA CYS N 94 -8.67 29.58 10.50
C CYS N 94 -8.73 28.05 10.54
N THR N 95 -8.21 27.35 9.53
CA THR N 95 -8.41 25.88 9.54
C THR N 95 -7.14 25.05 9.76
N GLY N 96 -5.97 25.59 9.47
CA GLY N 96 -4.69 24.86 9.54
C GLY N 96 -3.48 25.77 9.64
N VAL N 97 -2.35 25.23 10.10
CA VAL N 97 -1.02 25.89 10.20
C VAL N 97 0.04 24.83 9.94
N LYS N 98 0.98 25.14 9.05
CA LYS N 98 2.24 24.41 8.78
C LYS N 98 3.37 25.41 9.11
N LEU N 99 4.32 25.07 9.99
CA LEU N 99 5.50 25.92 10.29
C LEU N 99 6.77 25.09 10.11
N THR N 100 7.76 25.61 9.36
CA THR N 100 9.12 25.01 9.22
C THR N 100 10.15 26.02 9.76
N THR N 101 11.16 25.53 10.49
CA THR N 101 12.12 26.37 11.24
C THR N 101 13.50 26.31 10.61
N SER N 102 14.39 27.21 11.04
CA SER N 102 15.80 27.32 10.61
C SER N 102 16.58 26.05 11.00
N LYS N 103 16.05 25.17 11.85
CA LYS N 103 16.75 23.93 12.31
C LYS N 103 16.02 22.66 11.83
N GLY N 104 15.19 22.75 10.80
CA GLY N 104 14.50 21.59 10.21
C GLY N 104 13.39 21.04 11.09
N LYS N 105 12.95 21.76 12.11
CA LYS N 105 11.75 21.37 12.90
C LYS N 105 10.50 21.83 12.18
N SER N 106 9.42 21.05 12.24
CA SER N 106 8.17 21.45 11.57
C SER N 106 6.98 20.86 12.31
N ILE N 107 5.85 21.58 12.27
CA ILE N 107 4.55 21.10 12.78
C ILE N 107 3.50 21.30 11.70
N MET N 108 2.52 20.41 11.70
CA MET N 108 1.32 20.50 10.85
C MET N 108 0.12 20.29 11.77
N ALA N 109 -0.78 21.28 11.77
CA ALA N 109 -2.08 21.28 12.47
C ALA N 109 -3.19 21.49 11.45
N GLY N 110 -4.26 20.71 11.54
CA GLY N 110 -5.55 21.00 10.89
C GLY N 110 -5.53 20.72 9.41
N TYR N 111 -6.24 21.54 8.63
CA TYR N 111 -6.69 21.22 7.24
C TYR N 111 -6.44 22.42 6.33
N PHE N 112 -6.23 22.16 5.05
CA PHE N 112 -5.83 23.14 4.01
C PHE N 112 -6.76 23.02 2.80
N GLU N 113 -8.07 22.95 3.00
CA GLU N 113 -9.05 22.57 1.94
C GLU N 113 -9.49 23.76 1.10
N GLU N 114 -9.51 24.97 1.63
CA GLU N 114 -10.08 26.15 0.91
C GLU N 114 -8.99 27.16 0.53
N SER N 115 -8.58 28.08 1.41
CA SER N 115 -7.64 29.19 1.09
C SER N 115 -6.35 29.10 1.92
N LEU N 116 -5.23 29.60 1.38
CA LEU N 116 -3.88 29.52 2.01
C LEU N 116 -3.25 30.91 2.00
N ILE N 117 -2.44 31.21 3.01
CA ILE N 117 -1.42 32.30 2.90
C ILE N 117 -0.04 31.70 3.16
N THR N 118 0.92 32.05 2.31
CA THR N 118 2.37 31.83 2.58
C THR N 118 2.85 33.17 3.10
N THR N 119 3.11 33.23 4.39
CA THR N 119 3.41 34.51 5.06
C THR N 119 4.87 34.87 4.93
N TYR N 120 5.23 35.96 5.60
CA TYR N 120 6.63 36.45 5.71
C TYR N 120 7.39 35.51 6.64
N THR N 121 8.70 35.61 6.58
CA THR N 121 9.52 34.74 7.44
C THR N 121 10.35 35.61 8.39
N GLY N 122 10.95 34.97 9.38
CA GLY N 122 11.78 35.70 10.34
C GLY N 122 11.60 35.15 11.72
N LYS N 123 12.10 35.87 12.72
CA LYS N 123 12.01 35.46 14.13
C LYS N 123 10.57 35.72 14.57
N LEU N 124 9.84 34.67 14.98
CA LEU N 124 8.42 34.82 15.38
C LEU N 124 8.38 35.52 16.74
N ALA N 125 7.77 36.70 16.78
CA ALA N 125 7.68 37.60 17.96
C ALA N 125 6.29 37.55 18.59
N GLY N 126 5.23 37.34 17.83
CA GLY N 126 3.88 37.32 18.43
C GLY N 126 2.85 36.88 17.43
N ILE N 127 1.59 36.87 17.83
CA ILE N 127 0.39 36.52 17.03
C ILE N 127 -0.76 37.46 17.44
N LYS N 128 -1.70 37.71 16.53
CA LYS N 128 -2.94 38.50 16.78
C LYS N 128 -4.05 37.87 15.95
N GLY N 129 -5.30 38.24 16.23
CA GLY N 129 -6.49 37.71 15.53
C GLY N 129 -7.68 37.77 16.45
N GLY N 130 -8.67 36.93 16.20
CA GLY N 130 -9.82 36.74 17.09
C GLY N 130 -10.13 35.28 17.27
N ALA N 131 -10.79 34.95 18.38
CA ALA N 131 -11.24 33.59 18.71
C ALA N 131 -12.48 33.66 19.61
N GLY N 132 -13.35 32.65 19.51
CA GLY N 132 -14.37 32.29 20.52
C GLY N 132 -14.39 30.79 20.72
N SER N 133 -15.40 30.12 20.14
CA SER N 133 -15.49 28.63 20.01
C SER N 133 -14.36 28.11 19.11
N ASP N 134 -13.95 28.95 18.15
CA ASP N 134 -12.96 28.65 17.09
C ASP N 134 -11.95 29.80 17.01
N ILE N 135 -10.80 29.55 16.38
CA ILE N 135 -9.90 30.63 15.87
C ILE N 135 -10.56 31.23 14.61
N ASP N 136 -11.16 32.41 14.71
CA ASP N 136 -11.81 33.07 13.55
C ASP N 136 -10.72 33.60 12.60
N ARG N 137 -9.59 34.04 13.15
CA ARG N 137 -8.65 34.89 12.39
C ARG N 137 -7.30 34.83 13.09
N LEU N 138 -6.20 34.81 12.33
CA LEU N 138 -4.80 34.61 12.84
C LEU N 138 -3.83 35.38 11.95
N GLY N 139 -2.94 36.14 12.55
CA GLY N 139 -1.84 36.86 11.88
C GLY N 139 -0.55 36.75 12.68
N LEU N 140 0.54 36.38 12.01
CA LEU N 140 1.86 36.23 12.65
C LEU N 140 2.56 37.58 12.71
N ILE N 141 3.51 37.71 13.60
CA ILE N 141 4.30 38.95 13.81
C ILE N 141 5.77 38.54 14.02
N PHE N 142 6.67 39.11 13.22
CA PHE N 142 8.12 38.82 13.18
C PHE N 142 8.91 40.10 13.51
N LEU N 143 10.18 39.93 13.91
CA LEU N 143 11.20 41.01 14.09
C LEU N 143 11.71 41.50 12.73
N LYS N 144 12.14 42.78 12.60
CA LYS N 144 12.53 43.45 11.32
C LYS N 144 13.99 43.12 10.91
#